data_6U77
#
_entry.id   6U77
#
_cell.length_a   192.257
_cell.length_b   206.557
_cell.length_c   205.035
_cell.angle_alpha   90.000
_cell.angle_beta   90.000
_cell.angle_gamma   90.000
#
_symmetry.space_group_name_H-M   'I 2 2 2'
#
loop_
_entity.id
_entity.type
_entity.pdbx_description
1 polymer 'Glycogen [starch] synthase isoform 2'
2 non-polymer 6-O-phosphono-alpha-D-glucopyranose
3 non-polymer 2-methoxy-4-(1-{2-[(2S)-1-methylpyrrolidin-2-yl]ethyl}-4-phenyl-1H-imidazol-5-yl)phenol
#
_entity_poly.entity_id   1
_entity_poly.type   'polypeptide(L)'
_entity_poly.pdbx_seq_one_letter_code
;MSRDLQNHLLFETATEVANRVGGIYSVLKSKAPITVAQYKDHYHLIGPLNKATYQNEVDILDWKKPEAFSDEMRPVQHAL
QTMESRGVHFVYGRWLIEGAPKVILFDLDSVRGYSNEWKGDLWSLVGIPSPENDFETNDAILLGYTVAWFLGEVAHLDSQ
HAIVAHFHEWLAGVALPLCRKRRIDVVTIFTTHATLLGRYLCASGSFDFYNCLESVDVDHEAGRFGIYHRYCIERAAAHS
ADVFTTVSQITAFEAEHLLKRKPDGILPNGLNVIKFQAFHEFQNLHALKKEKINDFVRGHFHGCFDFDLDNTLYFFIAGR
YEYKNKGADMFIEALARLNYRLKVSGSKKTVVAFIVMPAKNNSFTVEALKGQAEVRALENTVHEVTTSIGKRIFDHAIRY
PHNGLTTELPTDLGELLKSSDKVMLKRRILALRRPEGQLPPIVTHNMVDDANDLILNKIRQVQLFNSPSDRVKMIFHPEF
LNANNPILGLDYDEFVRGCHLGVFPSYYEPWGYTPAECTVMGVPSITTNVSGFGSYMEDLIETNQAKDYGIYIVDRRFKA
PDESVEQLVDYMEEFVKKTRRQRINQRNRTERLSDLLDWKRMGLEYVKARQLALRRGYPDQFRELVGEELNDSNMDALAG
GKKLKVARPLSVPGSPRDLRSNSTVYMTPGDLGTLQEVNNADDYFSLGVNPAADDDDDGPYADDS
;
_entity_poly.pdbx_strand_id   A,B,C,D
#
# COMPACT_ATOMS: atom_id res chain seq x y z
N SER A 2 70.84 21.70 11.73
CA SER A 2 69.66 22.26 11.01
C SER A 2 68.61 21.18 10.73
N ARG A 3 67.87 20.79 11.78
CA ARG A 3 66.71 19.90 11.66
C ARG A 3 65.59 20.34 12.61
N ASP A 4 64.40 20.58 12.05
CA ASP A 4 63.23 20.98 12.84
C ASP A 4 62.43 19.73 13.25
N LEU A 5 62.38 19.49 14.57
CA LEU A 5 61.60 18.38 15.15
C LEU A 5 60.12 18.75 15.33
N GLN A 6 59.83 20.05 15.33
CA GLN A 6 58.48 20.59 15.39
C GLN A 6 57.76 20.38 14.04
N ASN A 7 58.42 20.80 12.97
CA ASN A 7 57.86 20.80 11.62
C ASN A 7 58.65 19.75 10.84
N HIS A 8 58.10 18.53 10.76
CA HIS A 8 58.83 17.37 10.21
C HIS A 8 57.99 16.65 9.17
N LEU A 9 58.64 15.93 8.26
CA LEU A 9 57.91 15.12 7.28
C LEU A 9 57.56 13.73 7.84
N LEU A 10 56.60 13.07 7.17
CA LEU A 10 56.21 11.70 7.47
C LEU A 10 56.10 10.89 6.18
N PHE A 11 56.76 9.74 6.18
CA PHE A 11 56.70 8.83 5.06
C PHE A 11 56.30 7.45 5.55
N GLU A 12 55.00 7.17 5.49
CA GLU A 12 54.42 5.86 5.87
C GLU A 12 54.47 4.91 4.68
N THR A 13 55.14 3.78 4.87
CA THR A 13 55.44 2.87 3.77
C THR A 13 54.81 1.53 4.08
N ALA A 14 54.11 0.93 3.12
CA ALA A 14 53.53 -0.43 3.27
C ALA A 14 53.17 -1.11 1.95
N THR A 15 53.02 -2.44 1.99
CA THR A 15 52.68 -3.27 0.82
C THR A 15 51.28 -2.98 0.31
N GLU A 16 50.41 -2.55 1.21
CA GLU A 16 48.98 -2.51 0.93
C GLU A 16 48.43 -1.09 0.76
N VAL A 17 49.25 -0.13 0.32
CA VAL A 17 48.82 1.28 0.33
C VAL A 17 47.83 1.69 -0.74
N ALA A 18 47.77 0.99 -1.86
CA ALA A 18 46.62 1.18 -2.72
C ALA A 18 46.15 -0.09 -3.37
N ASN A 19 46.48 -1.23 -2.76
CA ASN A 19 45.77 -2.46 -3.04
C ASN A 19 45.42 -3.12 -1.72
N ARG A 20 44.17 -3.58 -1.62
CA ARG A 20 43.70 -4.36 -0.48
C ARG A 20 44.16 -5.78 -0.68
N VAL A 21 45.12 -6.17 0.14
CA VAL A 21 45.51 -7.56 0.28
C VAL A 21 44.87 -8.07 1.57
N GLY A 22 45.18 -7.43 2.70
CA GLY A 22 44.69 -7.84 4.01
C GLY A 22 44.24 -6.66 4.86
N GLY A 23 44.32 -6.83 6.17
CA GLY A 23 43.77 -5.86 7.10
C GLY A 23 44.46 -4.50 7.15
N ILE A 24 45.74 -4.44 6.74
CA ILE A 24 46.50 -3.18 6.82
C ILE A 24 45.92 -2.09 5.91
N TYR A 25 45.37 -2.49 4.77
CA TYR A 25 44.69 -1.57 3.86
C TYR A 25 43.65 -0.77 4.61
N SER A 26 42.81 -1.48 5.34
CA SER A 26 41.76 -0.83 6.11
C SER A 26 42.34 0.12 7.18
N VAL A 27 43.39 -0.33 7.86
CA VAL A 27 44.04 0.47 8.92
C VAL A 27 44.58 1.78 8.35
N LEU A 28 45.42 1.67 7.33
CA LEU A 28 46.07 2.83 6.71
C LEU A 28 45.05 3.77 6.07
N LYS A 29 44.02 3.18 5.46
CA LYS A 29 42.91 3.94 4.88
C LYS A 29 42.13 4.70 5.93
N SER A 30 41.54 3.97 6.88
CA SER A 30 40.79 4.58 7.98
C SER A 30 41.60 5.60 8.79
N LYS A 31 42.93 5.42 8.88
CA LYS A 31 43.83 6.35 9.60
C LYS A 31 44.15 7.67 8.85
N ALA A 32 43.93 7.71 7.54
CA ALA A 32 44.34 8.85 6.74
C ALA A 32 43.70 10.19 7.16
N PRO A 33 42.36 10.20 7.36
CA PRO A 33 41.75 11.46 7.81
C PRO A 33 42.53 12.15 8.92
N ILE A 34 42.79 11.48 10.06
CA ILE A 34 43.49 12.10 11.20
C ILE A 34 44.97 12.47 10.90
N THR A 35 45.61 11.74 9.97
CA THR A 35 47.03 11.94 9.69
C THR A 35 47.19 13.19 8.81
N VAL A 36 46.37 13.33 7.77
CA VAL A 36 46.30 14.57 6.96
C VAL A 36 45.87 15.81 7.78
N ALA A 37 44.93 15.65 8.70
CA ALA A 37 44.55 16.73 9.61
C ALA A 37 45.75 17.35 10.36
N GLN A 38 46.67 16.50 10.82
CA GLN A 38 47.89 16.96 11.52
C GLN A 38 49.01 17.42 10.57
N TYR A 39 49.23 16.69 9.46
CA TYR A 39 50.41 16.88 8.60
C TYR A 39 50.15 17.64 7.29
N LYS A 40 48.99 17.43 6.68
CA LYS A 40 48.66 17.97 5.34
C LYS A 40 49.68 17.48 4.30
N ASP A 41 50.28 18.37 3.51
CA ASP A 41 51.20 17.97 2.43
C ASP A 41 52.59 17.47 2.89
N HIS A 42 52.88 17.56 4.21
CA HIS A 42 54.06 16.91 4.82
C HIS A 42 53.97 15.36 4.85
N TYR A 43 52.75 14.83 4.90
CA TYR A 43 52.47 13.37 4.89
C TYR A 43 52.57 12.75 3.49
N HIS A 44 53.05 11.52 3.44
CA HIS A 44 53.17 10.75 2.20
C HIS A 44 53.13 9.27 2.51
N LEU A 45 52.31 8.53 1.75
CA LEU A 45 52.24 7.08 1.86
C LEU A 45 52.97 6.53 0.67
N ILE A 46 53.86 5.57 0.90
CA ILE A 46 54.68 4.99 -0.18
C ILE A 46 54.37 3.51 -0.29
N GLY A 47 54.21 3.01 -1.51
CA GLY A 47 54.08 1.56 -1.69
C GLY A 47 54.42 1.09 -3.08
N PRO A 48 54.35 -0.25 -3.29
CA PRO A 48 54.53 -0.78 -4.63
C PRO A 48 53.27 -0.54 -5.42
N LEU A 49 53.44 -0.40 -6.73
CA LEU A 49 52.35 -0.12 -7.65
C LEU A 49 51.74 -1.43 -8.19
N ASN A 50 50.48 -1.66 -7.86
CA ASN A 50 49.70 -2.74 -8.48
C ASN A 50 49.04 -2.19 -9.74
N LYS A 51 49.61 -2.54 -10.90
CA LYS A 51 49.19 -1.98 -12.18
C LYS A 51 47.72 -2.25 -12.49
N ALA A 52 47.27 -3.49 -12.28
CA ALA A 52 45.86 -3.84 -12.52
C ALA A 52 44.84 -2.90 -11.81
N THR A 53 45.08 -2.64 -10.51
CA THR A 53 44.06 -2.08 -9.61
C THR A 53 44.10 -0.56 -9.34
N TYR A 54 45.24 0.10 -9.54
CA TYR A 54 45.40 1.51 -9.08
C TYR A 54 44.58 2.53 -9.85
N GLN A 55 44.11 2.14 -11.02
CA GLN A 55 43.11 2.90 -11.80
C GLN A 55 41.86 3.19 -10.99
N ASN A 56 41.39 2.18 -10.26
CA ASN A 56 40.16 2.29 -9.48
C ASN A 56 40.25 3.20 -8.24
N GLU A 57 41.47 3.44 -7.74
CA GLU A 57 41.66 4.11 -6.43
C GLU A 57 42.46 5.42 -6.40
N VAL A 58 43.29 5.67 -7.42
CA VAL A 58 44.28 6.76 -7.36
C VAL A 58 44.01 7.87 -8.37
N ASP A 59 43.78 9.08 -7.87
CA ASP A 59 43.80 10.27 -8.70
C ASP A 59 45.27 10.47 -9.10
N ILE A 60 45.60 10.26 -10.37
CA ILE A 60 46.96 10.44 -10.89
C ILE A 60 47.24 11.94 -10.91
N LEU A 61 48.48 12.35 -10.65
CA LEU A 61 48.84 13.78 -10.60
C LEU A 61 50.21 14.05 -11.25
N ASP A 62 50.33 15.21 -11.92
CA ASP A 62 51.62 15.67 -12.44
C ASP A 62 52.39 16.36 -11.30
N TRP A 63 53.66 15.95 -11.17
CA TRP A 63 54.53 16.34 -10.04
C TRP A 63 55.75 17.17 -10.50
N LYS A 64 55.79 17.51 -11.80
CA LYS A 64 56.80 18.42 -12.34
C LYS A 64 56.32 19.88 -12.35
N LYS A 65 55.01 20.09 -12.53
CA LYS A 65 54.42 21.44 -12.40
C LYS A 65 54.77 22.09 -11.05
N PRO A 66 55.30 23.34 -11.06
CA PRO A 66 55.62 24.09 -9.83
C PRO A 66 54.51 24.20 -8.75
N GLU A 67 53.23 24.11 -9.13
CA GLU A 67 52.11 24.18 -8.16
C GLU A 67 51.96 22.89 -7.32
N ALA A 68 52.48 21.76 -7.82
CA ALA A 68 52.30 20.43 -7.20
C ALA A 68 52.88 20.30 -5.78
N PHE A 69 53.92 21.09 -5.47
CA PHE A 69 54.52 21.15 -4.13
C PHE A 69 54.74 22.60 -3.69
N SER A 70 54.77 22.82 -2.38
CA SER A 70 55.05 24.14 -1.79
C SER A 70 56.56 24.47 -1.78
N ASP A 71 56.87 25.69 -1.32
CA ASP A 71 58.27 26.16 -1.18
C ASP A 71 59.10 25.29 -0.21
N GLU A 72 58.53 24.96 0.94
CA GLU A 72 59.23 24.10 1.92
C GLU A 72 59.19 22.60 1.56
N MET A 73 58.15 22.16 0.84
CA MET A 73 58.06 20.77 0.34
C MET A 73 58.77 20.55 -1.01
N ARG A 74 59.51 21.53 -1.51
CA ARG A 74 60.34 21.37 -2.73
C ARG A 74 61.24 20.12 -2.73
N PRO A 75 62.01 19.88 -1.65
CA PRO A 75 62.95 18.76 -1.66
C PRO A 75 62.38 17.41 -2.11
N VAL A 76 61.10 17.15 -1.82
CA VAL A 76 60.44 15.92 -2.28
C VAL A 76 60.30 15.90 -3.82
N GLN A 77 59.99 17.04 -4.41
CA GLN A 77 59.91 17.18 -5.87
C GLN A 77 61.27 16.92 -6.50
N HIS A 78 62.30 17.55 -5.94
CA HIS A 78 63.69 17.34 -6.43
C HIS A 78 64.26 15.96 -6.09
N ALA A 79 63.67 15.27 -5.10
CA ALA A 79 64.01 13.88 -4.79
C ALA A 79 63.32 12.91 -5.75
N LEU A 80 62.07 13.19 -6.09
CA LEU A 80 61.34 12.43 -7.10
C LEU A 80 61.93 12.66 -8.50
N GLN A 81 62.36 13.89 -8.76
CA GLN A 81 63.08 14.24 -9.98
C GLN A 81 64.41 13.46 -10.05
N THR A 82 65.09 13.29 -8.92
CA THR A 82 66.34 12.51 -8.86
C THR A 82 66.13 11.01 -9.20
N MET A 83 64.98 10.48 -8.78
CA MET A 83 64.60 9.08 -9.07
C MET A 83 64.26 8.96 -10.56
N GLU A 84 63.47 9.92 -11.05
CA GLU A 84 63.15 10.06 -12.46
C GLU A 84 64.39 10.06 -13.37
N SER A 85 65.48 10.70 -12.94
CA SER A 85 66.75 10.78 -13.70
C SER A 85 67.48 9.45 -13.95
N ARG A 86 67.03 8.36 -13.33
CA ARG A 86 67.69 7.06 -13.45
C ARG A 86 66.72 5.91 -13.75
N GLY A 87 65.66 6.19 -14.51
CA GLY A 87 64.73 5.15 -15.00
C GLY A 87 63.77 4.53 -13.98
N VAL A 88 63.67 5.12 -12.79
CA VAL A 88 62.75 4.64 -11.76
C VAL A 88 61.40 5.26 -12.07
N HIS A 89 60.43 4.41 -12.43
CA HIS A 89 59.08 4.84 -12.78
C HIS A 89 58.19 4.79 -11.54
N PHE A 90 57.33 5.81 -11.38
CA PHE A 90 56.47 5.91 -10.22
C PHE A 90 55.24 6.76 -10.49
N VAL A 91 54.12 6.44 -9.84
CA VAL A 91 52.91 7.26 -9.90
C VAL A 91 52.75 8.11 -8.62
N TYR A 92 52.93 9.42 -8.77
CA TYR A 92 52.53 10.37 -7.74
C TYR A 92 51.07 10.59 -7.93
N GLY A 93 50.36 10.75 -6.82
CA GLY A 93 48.90 10.81 -6.84
C GLY A 93 48.24 11.13 -5.52
N ARG A 94 46.90 11.04 -5.56
CA ARG A 94 46.02 11.25 -4.42
C ARG A 94 45.17 9.99 -4.29
N TRP A 95 45.19 9.38 -3.11
CA TRP A 95 44.40 8.18 -2.84
C TRP A 95 42.94 8.60 -2.63
N LEU A 96 42.03 8.04 -3.45
CA LEU A 96 40.61 8.47 -3.46
C LEU A 96 39.86 7.93 -2.25
N ILE A 97 40.12 8.54 -1.10
CA ILE A 97 39.59 8.10 0.18
C ILE A 97 39.42 9.32 1.08
N GLU A 98 38.58 9.22 2.08
CA GLU A 98 38.41 10.35 2.99
C GLU A 98 39.80 10.73 3.50
N GLY A 99 40.22 11.94 3.19
CA GLY A 99 41.52 12.46 3.61
C GLY A 99 42.38 12.97 2.47
N ALA A 100 42.24 12.35 1.29
CA ALA A 100 42.96 12.77 0.08
C ALA A 100 44.49 12.78 0.26
N PRO A 101 45.04 11.75 0.95
CA PRO A 101 46.47 11.76 1.23
C PRO A 101 47.28 11.50 -0.04
N LYS A 102 48.44 12.15 -0.15
CA LYS A 102 49.30 12.00 -1.34
C LYS A 102 50.04 10.66 -1.28
N VAL A 103 49.99 9.87 -2.36
CA VAL A 103 50.74 8.60 -2.45
C VAL A 103 51.86 8.65 -3.49
N ILE A 104 53.02 8.10 -3.13
CA ILE A 104 54.11 7.79 -4.09
C ILE A 104 54.14 6.27 -4.33
N LEU A 105 53.67 5.82 -5.49
CA LEU A 105 53.63 4.38 -5.78
C LEU A 105 54.75 4.01 -6.71
N PHE A 106 55.75 3.29 -6.21
CA PHE A 106 56.92 2.91 -7.02
C PHE A 106 56.63 1.66 -7.86
N ASP A 107 56.72 1.80 -9.18
CA ASP A 107 56.63 0.66 -10.09
C ASP A 107 57.84 -0.26 -9.85
N LEU A 108 57.57 -1.49 -9.43
CA LEU A 108 58.63 -2.48 -9.15
C LEU A 108 59.30 -3.01 -10.43
N ASP A 109 58.53 -3.19 -11.51
CA ASP A 109 59.06 -3.63 -12.84
C ASP A 109 60.23 -2.76 -13.35
N SER A 110 60.10 -1.45 -13.17
CA SER A 110 61.14 -0.48 -13.55
C SER A 110 62.43 -0.57 -12.74
N VAL A 111 62.55 -1.53 -11.84
CA VAL A 111 63.79 -1.76 -11.11
C VAL A 111 64.17 -3.26 -10.97
N ARG A 112 63.43 -4.15 -11.64
CA ARG A 112 63.66 -5.60 -11.55
C ARG A 112 65.08 -6.03 -12.00
N GLY A 113 65.71 -5.22 -12.87
CA GLY A 113 67.08 -5.44 -13.29
C GLY A 113 68.06 -5.52 -12.13
N TYR A 114 67.99 -4.54 -11.23
CA TYR A 114 68.89 -4.46 -10.05
C TYR A 114 68.78 -5.63 -9.05
N SER A 115 67.75 -6.47 -9.17
CA SER A 115 67.57 -7.70 -8.38
C SER A 115 68.84 -8.36 -7.82
N ASN A 116 69.64 -8.97 -8.70
CA ASN A 116 70.80 -9.79 -8.29
C ASN A 116 71.87 -9.01 -7.53
N GLU A 117 72.12 -7.77 -7.99
CA GLU A 117 73.04 -6.84 -7.32
C GLU A 117 72.58 -6.50 -5.87
N TRP A 118 71.26 -6.36 -5.69
CA TRP A 118 70.65 -6.08 -4.37
C TRP A 118 70.47 -7.30 -3.48
N LYS A 119 70.01 -8.42 -4.05
CA LYS A 119 69.99 -9.70 -3.31
C LYS A 119 71.40 -10.05 -2.79
N GLY A 120 72.42 -9.77 -3.60
CA GLY A 120 73.82 -9.91 -3.17
C GLY A 120 74.25 -8.88 -2.13
N ASP A 121 73.84 -7.62 -2.31
CA ASP A 121 74.13 -6.56 -1.32
C ASP A 121 73.47 -6.84 0.04
N LEU A 122 72.29 -7.46 0.00
CA LEU A 122 71.53 -7.83 1.20
C LEU A 122 72.20 -9.01 1.91
N TRP A 123 72.71 -9.97 1.12
CA TRP A 123 73.49 -11.08 1.65
C TRP A 123 74.84 -10.65 2.29
N SER A 124 75.39 -9.51 1.86
CA SER A 124 76.59 -8.92 2.48
C SER A 124 76.26 -8.15 3.75
N LEU A 125 75.41 -7.13 3.64
CA LEU A 125 75.19 -6.17 4.74
C LEU A 125 74.50 -6.78 5.97
N VAL A 126 73.49 -7.60 5.73
CA VAL A 126 72.65 -8.14 6.81
C VAL A 126 72.61 -9.68 6.85
N GLY A 127 73.14 -10.37 5.84
CA GLY A 127 73.19 -11.83 5.83
C GLY A 127 71.83 -12.49 5.68
N ILE A 128 71.07 -12.06 4.68
CA ILE A 128 69.71 -12.53 4.45
C ILE A 128 69.66 -13.30 3.12
N PRO A 129 69.30 -14.60 3.14
CA PRO A 129 69.06 -15.33 1.89
C PRO A 129 67.80 -14.85 1.15
N SER A 130 67.56 -15.39 -0.03
CA SER A 130 66.39 -15.02 -0.83
C SER A 130 66.27 -15.96 -2.01
N PRO A 131 65.49 -17.05 -1.86
CA PRO A 131 65.21 -17.86 -3.03
C PRO A 131 64.54 -17.01 -4.13
N GLU A 132 64.78 -17.37 -5.39
CA GLU A 132 64.15 -16.69 -6.52
C GLU A 132 62.67 -17.13 -6.70
N ASN A 133 62.36 -18.40 -6.34
CA ASN A 133 60.97 -18.91 -6.44
C ASN A 133 59.96 -18.27 -5.47
N ASP A 134 60.45 -17.62 -4.41
CA ASP A 134 59.61 -16.81 -3.52
C ASP A 134 59.33 -15.44 -4.17
N PHE A 135 58.20 -15.32 -4.85
CA PHE A 135 57.87 -14.09 -5.60
C PHE A 135 57.63 -12.86 -4.71
N GLU A 136 57.21 -13.08 -3.46
CA GLU A 136 56.88 -11.98 -2.54
C GLU A 136 58.07 -11.30 -1.87
N THR A 137 59.10 -12.07 -1.51
CA THR A 137 60.34 -11.49 -0.94
C THR A 137 61.09 -10.74 -2.02
N ASN A 138 61.06 -11.28 -3.24
CA ASN A 138 61.68 -10.60 -4.36
C ASN A 138 61.08 -9.22 -4.51
N ASP A 139 59.74 -9.15 -4.54
CA ASP A 139 59.03 -7.86 -4.50
C ASP A 139 59.41 -7.00 -3.28
N ALA A 140 59.55 -7.67 -2.13
CA ALA A 140 59.88 -7.00 -0.87
C ALA A 140 61.26 -6.35 -0.81
N ILE A 141 62.23 -6.99 -1.47
CA ILE A 141 63.63 -6.50 -1.50
C ILE A 141 63.73 -5.28 -2.42
N LEU A 142 63.20 -5.42 -3.63
CA LEU A 142 63.13 -4.32 -4.61
C LEU A 142 62.57 -3.06 -3.98
N LEU A 143 61.39 -3.22 -3.35
CA LEU A 143 60.72 -2.11 -2.69
C LEU A 143 61.60 -1.44 -1.64
N GLY A 144 62.24 -2.25 -0.80
CA GLY A 144 63.12 -1.77 0.26
C GLY A 144 64.24 -0.87 -0.23
N TYR A 145 65.05 -1.39 -1.14
CA TYR A 145 66.16 -0.62 -1.74
C TYR A 145 65.65 0.65 -2.43
N THR A 146 64.57 0.51 -3.20
CA THR A 146 63.90 1.66 -3.82
C THR A 146 63.51 2.73 -2.80
N VAL A 147 62.97 2.34 -1.65
CA VAL A 147 62.49 3.33 -0.68
C VAL A 147 63.64 3.97 0.11
N ALA A 148 64.71 3.21 0.36
CA ALA A 148 65.92 3.75 1.04
C ALA A 148 66.72 4.71 0.15
N TRP A 149 66.74 4.39 -1.14
CA TRP A 149 67.18 5.31 -2.21
C TRP A 149 66.46 6.65 -2.04
N PHE A 150 65.12 6.57 -1.99
CA PHE A 150 64.27 7.75 -1.96
C PHE A 150 64.42 8.54 -0.67
N LEU A 151 64.50 7.85 0.46
CA LEU A 151 64.71 8.52 1.74
C LEU A 151 66.12 9.12 1.86
N GLY A 152 67.13 8.43 1.31
CA GLY A 152 68.49 9.00 1.21
C GLY A 152 68.50 10.34 0.48
N GLU A 153 67.85 10.39 -0.68
CA GLU A 153 67.82 11.59 -1.52
C GLU A 153 67.01 12.73 -0.92
N VAL A 154 65.87 12.42 -0.30
CA VAL A 154 65.07 13.43 0.39
C VAL A 154 65.86 14.03 1.57
N ALA A 155 66.52 13.19 2.36
CA ALA A 155 67.34 13.64 3.49
C ALA A 155 68.49 14.55 3.06
N HIS A 156 69.06 14.23 1.90
CA HIS A 156 70.10 15.04 1.25
C HIS A 156 69.57 16.43 0.83
N LEU A 157 68.39 16.49 0.21
CA LEU A 157 67.81 17.71 -0.40
C LEU A 157 66.92 18.54 0.53
N ASP A 158 66.41 17.95 1.59
CA ASP A 158 65.68 18.69 2.65
C ASP A 158 66.66 18.83 3.82
N SER A 159 66.97 20.07 4.19
CA SER A 159 67.86 20.35 5.33
C SER A 159 67.19 21.24 6.39
N GLN A 160 65.85 21.36 6.30
CA GLN A 160 65.01 22.04 7.29
C GLN A 160 64.30 21.00 8.16
N HIS A 161 63.58 20.09 7.52
CA HIS A 161 62.69 19.14 8.20
C HIS A 161 63.40 17.90 8.74
N ALA A 162 63.06 17.52 9.97
CA ALA A 162 63.35 16.16 10.45
C ALA A 162 62.45 15.19 9.70
N ILE A 163 62.97 13.99 9.42
CA ILE A 163 62.23 13.01 8.60
C ILE A 163 61.89 11.75 9.42
N VAL A 164 60.58 11.45 9.50
CA VAL A 164 60.07 10.24 10.17
C VAL A 164 59.60 9.25 9.10
N ALA A 165 60.23 8.07 9.04
CA ALA A 165 59.86 7.00 8.08
C ALA A 165 59.25 5.81 8.82
N HIS A 166 57.97 5.54 8.55
CA HIS A 166 57.19 4.50 9.23
C HIS A 166 56.99 3.32 8.30
N PHE A 167 57.30 2.11 8.76
CA PHE A 167 57.14 0.90 7.94
C PHE A 167 56.16 -0.12 8.58
N HIS A 168 55.31 -0.71 7.75
CA HIS A 168 54.26 -1.62 8.19
C HIS A 168 54.42 -3.01 7.58
N GLU A 169 54.76 -3.96 8.45
CA GLU A 169 54.82 -5.39 8.13
C GLU A 169 56.13 -5.77 7.44
N TRP A 170 56.58 -7.01 7.61
CA TRP A 170 57.90 -7.45 7.11
C TRP A 170 58.14 -7.23 5.63
N LEU A 171 57.08 -7.32 4.83
CA LEU A 171 57.16 -7.06 3.40
C LEU A 171 57.56 -5.62 3.03
N ALA A 172 57.33 -4.66 3.92
CA ALA A 172 57.75 -3.29 3.69
C ALA A 172 59.12 -2.99 4.25
N GLY A 173 59.50 -3.73 5.30
CA GLY A 173 60.62 -3.34 6.15
C GLY A 173 62.04 -3.70 5.78
N VAL A 174 62.30 -4.09 4.54
CA VAL A 174 63.68 -4.34 4.08
C VAL A 174 64.54 -3.08 4.10
N ALA A 175 63.91 -1.95 3.78
CA ALA A 175 64.55 -0.64 3.88
C ALA A 175 65.13 -0.29 5.25
N LEU A 176 64.57 -0.86 6.32
CA LEU A 176 64.99 -0.50 7.68
C LEU A 176 66.45 -0.79 8.00
N PRO A 177 66.96 -2.03 7.74
CA PRO A 177 68.41 -2.25 7.85
C PRO A 177 69.26 -1.35 6.94
N LEU A 178 68.74 -1.02 5.75
CA LEU A 178 69.44 -0.14 4.81
C LEU A 178 69.55 1.33 5.29
N CYS A 179 68.49 1.84 5.93
CA CYS A 179 68.56 3.15 6.57
C CYS A 179 69.55 3.24 7.73
N ARG A 180 69.73 2.15 8.46
CA ARG A 180 70.72 2.05 9.54
C ARG A 180 72.13 1.96 8.96
N LYS A 181 72.36 0.92 8.16
CA LYS A 181 73.67 0.58 7.64
C LYS A 181 74.30 1.73 6.85
N ARG A 182 73.50 2.42 6.02
CA ARG A 182 73.97 3.62 5.28
C ARG A 182 73.80 4.94 6.08
N ARG A 183 73.67 4.85 7.40
CA ARG A 183 73.51 6.00 8.31
C ARG A 183 72.68 7.22 7.80
N ILE A 184 71.61 6.95 7.05
CA ILE A 184 70.75 8.01 6.41
C ILE A 184 70.06 8.90 7.48
N ASP A 185 69.85 10.18 7.18
CA ASP A 185 69.36 11.15 8.19
C ASP A 185 67.82 11.20 8.42
N VAL A 186 67.25 10.02 8.71
CA VAL A 186 65.81 9.85 8.95
C VAL A 186 65.61 8.95 10.17
N VAL A 187 64.67 9.27 11.05
CA VAL A 187 64.31 8.36 12.15
C VAL A 187 63.27 7.36 11.65
N THR A 188 63.42 6.09 12.00
CA THR A 188 62.54 5.04 11.49
C THR A 188 61.67 4.37 12.57
N ILE A 189 60.42 4.06 12.20
CA ILE A 189 59.47 3.24 12.97
C ILE A 189 59.15 1.97 12.17
N PHE A 190 59.07 0.83 12.86
CA PHE A 190 58.57 -0.43 12.28
C PHE A 190 57.42 -0.94 13.12
N THR A 191 56.28 -1.18 12.48
CA THR A 191 55.12 -1.74 13.16
C THR A 191 54.84 -3.12 12.55
N THR A 192 54.83 -4.17 13.38
CA THR A 192 54.43 -5.49 12.92
C THR A 192 53.03 -5.79 13.45
N HIS A 193 52.20 -6.32 12.55
CA HIS A 193 50.79 -6.62 12.77
C HIS A 193 50.53 -8.09 13.15
N ALA A 194 51.59 -8.87 13.18
CA ALA A 194 51.61 -10.23 13.71
C ALA A 194 53.09 -10.60 13.79
N THR A 195 53.39 -11.88 14.01
CA THR A 195 54.72 -12.36 13.74
C THR A 195 54.60 -13.53 12.81
N LEU A 196 55.66 -13.78 12.04
CA LEU A 196 55.71 -14.92 11.14
C LEU A 196 55.68 -16.20 11.97
N LEU A 197 56.63 -16.36 12.89
CA LEU A 197 56.65 -17.57 13.70
C LEU A 197 55.35 -17.80 14.50
N GLY A 198 54.69 -16.72 14.92
CA GLY A 198 53.43 -16.81 15.65
C GLY A 198 52.31 -17.47 14.88
N ARG A 199 52.04 -16.96 13.68
CA ARG A 199 51.10 -17.58 12.74
C ARG A 199 51.44 -19.03 12.42
N TYR A 200 52.72 -19.32 12.17
CA TYR A 200 53.13 -20.69 11.73
C TYR A 200 53.09 -21.72 12.86
N LEU A 201 53.52 -21.33 14.06
CA LEU A 201 53.43 -22.23 15.23
C LEU A 201 51.97 -22.51 15.64
N CYS A 202 51.07 -21.56 15.37
CA CYS A 202 49.63 -21.71 15.70
C CYS A 202 48.73 -22.38 14.63
N ALA A 203 49.34 -22.76 13.52
CA ALA A 203 48.63 -23.24 12.34
C ALA A 203 48.05 -24.63 12.54
N SER A 204 48.89 -25.58 12.97
CA SER A 204 48.37 -26.86 13.42
C SER A 204 47.41 -26.59 14.57
N GLY A 205 47.85 -25.80 15.54
CA GLY A 205 47.05 -25.51 16.74
C GLY A 205 46.97 -26.73 17.66
N SER A 206 47.96 -27.61 17.56
CA SER A 206 48.27 -28.58 18.61
C SER A 206 49.33 -28.00 19.57
N PHE A 207 49.96 -26.88 19.19
CA PHE A 207 51.02 -26.24 19.97
C PHE A 207 50.40 -25.33 21.04
N ASP A 208 50.98 -25.38 22.23
CA ASP A 208 50.53 -24.59 23.38
C ASP A 208 51.27 -23.25 23.37
N PHE A 209 50.84 -22.38 22.47
CA PHE A 209 51.61 -21.22 22.06
C PHE A 209 51.98 -20.26 23.17
N TYR A 210 51.01 -19.88 23.99
CA TYR A 210 51.23 -18.80 24.98
C TYR A 210 52.13 -19.20 26.14
N ASN A 211 52.34 -20.51 26.32
CA ASN A 211 53.28 -21.05 27.31
C ASN A 211 54.69 -21.46 26.76
N CYS A 212 54.72 -22.23 25.68
CA CYS A 212 55.99 -22.69 25.09
C CYS A 212 56.79 -21.66 24.26
N LEU A 213 56.25 -20.47 23.97
CA LEU A 213 56.94 -19.53 23.06
C LEU A 213 58.17 -18.93 23.68
N GLU A 214 58.15 -18.72 24.99
CA GLU A 214 59.35 -18.27 25.69
C GLU A 214 60.56 -19.22 25.47
N SER A 215 60.32 -20.53 25.32
CA SER A 215 61.38 -21.53 25.10
C SER A 215 61.49 -22.07 23.64
N VAL A 216 61.40 -21.17 22.65
CA VAL A 216 61.41 -21.52 21.22
C VAL A 216 62.77 -21.12 20.63
N ASP A 217 63.45 -22.07 20.00
CA ASP A 217 64.67 -21.77 19.23
C ASP A 217 64.19 -21.17 17.89
N VAL A 218 64.20 -19.84 17.79
CA VAL A 218 63.58 -19.16 16.64
C VAL A 218 64.18 -19.55 15.28
N ASP A 219 65.50 -19.69 15.21
CA ASP A 219 66.17 -20.03 13.95
C ASP A 219 65.82 -21.43 13.48
N HIS A 220 65.75 -22.36 14.43
CA HIS A 220 65.34 -23.75 14.19
C HIS A 220 63.94 -23.75 13.58
N GLU A 221 63.00 -23.14 14.28
CA GLU A 221 61.59 -23.14 13.87
C GLU A 221 61.38 -22.42 12.54
N ALA A 222 62.14 -21.34 12.33
CA ALA A 222 62.07 -20.63 11.07
C ALA A 222 62.53 -21.53 9.91
N GLY A 223 63.56 -22.34 10.17
CA GLY A 223 64.03 -23.34 9.22
C GLY A 223 63.05 -24.48 9.01
N ARG A 224 62.49 -24.98 10.10
CA ARG A 224 61.46 -26.05 10.07
C ARG A 224 60.27 -25.70 9.15
N PHE A 225 59.78 -24.47 9.22
CA PHE A 225 58.65 -24.05 8.42
C PHE A 225 59.00 -23.57 7.00
N GLY A 226 60.24 -23.71 6.57
CA GLY A 226 60.65 -23.25 5.23
C GLY A 226 60.60 -21.75 5.06
N ILE A 227 60.83 -21.04 6.17
CA ILE A 227 60.48 -19.63 6.33
C ILE A 227 61.71 -18.77 6.66
N TYR A 228 62.91 -19.37 6.65
CA TYR A 228 64.08 -18.71 7.23
C TYR A 228 64.34 -17.31 6.65
N HIS A 229 64.38 -17.21 5.33
CA HIS A 229 64.59 -15.92 4.65
C HIS A 229 63.61 -14.81 5.08
N ARG A 230 62.32 -15.15 5.13
CA ARG A 230 61.26 -14.17 5.46
C ARG A 230 61.35 -13.71 6.89
N TYR A 231 61.52 -14.68 7.80
CA TYR A 231 61.77 -14.43 9.19
C TYR A 231 62.92 -13.45 9.40
N CYS A 232 64.03 -13.68 8.70
CA CYS A 232 65.23 -12.83 8.85
C CYS A 232 64.94 -11.37 8.47
N ILE A 233 64.07 -11.18 7.47
CA ILE A 233 63.62 -9.84 7.09
C ILE A 233 62.78 -9.18 8.21
N GLU A 234 61.88 -9.94 8.84
CA GLU A 234 61.04 -9.41 9.92
C GLU A 234 61.90 -9.04 11.14
N ARG A 235 62.86 -9.92 11.44
CA ARG A 235 63.80 -9.75 12.54
C ARG A 235 64.73 -8.58 12.31
N ALA A 236 65.25 -8.50 11.09
CA ALA A 236 66.10 -7.36 10.72
C ALA A 236 65.34 -6.05 10.84
N ALA A 237 64.12 -6.01 10.30
CA ALA A 237 63.23 -4.85 10.40
C ALA A 237 62.96 -4.44 11.84
N ALA A 238 62.57 -5.41 12.65
CA ALA A 238 62.40 -5.17 14.09
C ALA A 238 63.64 -4.52 14.73
N HIS A 239 64.80 -5.16 14.54
CA HIS A 239 66.05 -4.73 15.18
C HIS A 239 66.59 -3.38 14.68
N SER A 240 66.45 -3.11 13.38
CA SER A 240 67.00 -1.88 12.78
C SER A 240 66.22 -0.61 13.12
N ALA A 241 64.92 -0.71 13.39
CA ALA A 241 64.10 0.50 13.55
C ALA A 241 64.41 1.24 14.84
N ASP A 242 64.42 2.57 14.80
CA ASP A 242 64.65 3.39 16.00
C ASP A 242 63.57 3.14 17.04
N VAL A 243 62.33 3.01 16.57
CA VAL A 243 61.16 2.61 17.39
C VAL A 243 60.60 1.30 16.81
N PHE A 244 60.22 0.37 17.71
CA PHE A 244 59.65 -0.93 17.33
C PHE A 244 58.30 -1.11 18.01
N THR A 245 57.25 -1.29 17.20
CA THR A 245 55.86 -1.34 17.70
C THR A 245 55.09 -2.56 17.20
N THR A 246 54.11 -2.97 17.98
CA THR A 246 53.09 -3.94 17.56
C THR A 246 51.71 -3.31 17.81
N VAL A 247 50.67 -4.03 17.44
CA VAL A 247 49.28 -3.58 17.57
C VAL A 247 48.58 -3.99 18.87
N SER A 248 49.26 -4.71 19.75
CA SER A 248 48.64 -5.16 20.99
C SER A 248 49.65 -5.55 22.04
N GLN A 249 49.26 -5.51 23.30
CA GLN A 249 50.11 -6.01 24.36
C GLN A 249 50.47 -7.46 24.13
N ILE A 250 49.45 -8.27 23.81
CA ILE A 250 49.62 -9.71 23.61
C ILE A 250 50.63 -10.03 22.51
N THR A 251 50.59 -9.28 21.41
CA THR A 251 51.52 -9.49 20.32
C THR A 251 52.91 -8.92 20.64
N ALA A 252 52.99 -7.95 21.55
CA ALA A 252 54.29 -7.45 22.05
C ALA A 252 55.09 -8.52 22.81
N PHE A 253 54.39 -9.26 23.65
CA PHE A 253 54.93 -10.40 24.39
C PHE A 253 55.47 -11.42 23.41
N GLU A 254 54.60 -11.81 22.48
CA GLU A 254 54.92 -12.72 21.37
C GLU A 254 56.15 -12.23 20.59
N ALA A 255 56.19 -10.93 20.28
CA ALA A 255 57.29 -10.33 19.50
C ALA A 255 58.64 -10.28 20.22
N GLU A 256 58.64 -9.92 21.50
CA GLU A 256 59.87 -9.85 22.29
C GLU A 256 60.61 -11.18 22.26
N HIS A 257 59.90 -12.27 22.55
CA HIS A 257 60.53 -13.60 22.58
C HIS A 257 60.80 -14.21 21.20
N LEU A 258 60.07 -13.80 20.17
CA LEU A 258 60.22 -14.41 18.84
C LEU A 258 60.90 -13.55 17.80
N LEU A 259 60.95 -12.25 18.01
CA LEU A 259 61.81 -11.36 17.21
C LEU A 259 63.03 -10.85 18.00
N LYS A 260 63.11 -11.19 19.28
CA LYS A 260 64.23 -10.86 20.14
C LYS A 260 64.40 -9.34 20.31
N ARG A 261 63.29 -8.66 20.59
CA ARG A 261 63.33 -7.25 20.97
C ARG A 261 62.02 -6.81 21.59
N LYS A 262 62.08 -6.27 22.81
CA LYS A 262 60.91 -5.76 23.48
C LYS A 262 60.40 -4.51 22.77
N PRO A 263 59.15 -4.56 22.26
CA PRO A 263 58.59 -3.40 21.57
C PRO A 263 58.53 -2.19 22.45
N ASP A 264 58.83 -1.03 21.87
CA ASP A 264 58.82 0.23 22.62
C ASP A 264 57.41 0.79 22.85
N GLY A 265 56.38 0.09 22.43
CA GLY A 265 55.01 0.49 22.71
C GLY A 265 54.00 -0.04 21.71
N ILE A 266 52.75 0.16 22.05
CA ILE A 266 51.63 -0.38 21.31
C ILE A 266 51.09 0.73 20.38
N LEU A 267 50.73 0.33 19.15
CA LEU A 267 49.88 1.12 18.23
C LEU A 267 48.56 0.38 17.84
N PRO A 268 47.53 0.41 18.70
CA PRO A 268 46.32 -0.31 18.40
C PRO A 268 45.58 0.34 17.25
N ASN A 269 44.83 -0.49 16.52
CA ASN A 269 44.14 -0.07 15.31
C ASN A 269 42.83 0.57 15.65
N GLY A 270 42.62 1.72 15.07
CA GLY A 270 41.44 2.49 15.30
C GLY A 270 40.56 2.40 14.08
N LEU A 271 39.43 3.07 14.18
CA LEU A 271 38.44 3.12 13.16
C LEU A 271 37.99 4.56 12.96
N ASN A 272 37.44 4.80 11.77
CA ASN A 272 37.00 6.12 11.41
C ASN A 272 35.50 6.12 11.71
N VAL A 273 35.16 6.25 12.99
CA VAL A 273 33.81 5.86 13.45
C VAL A 273 32.78 6.83 12.89
N ILE A 274 31.72 6.26 12.31
CA ILE A 274 30.66 7.06 11.71
C ILE A 274 29.45 7.28 12.67
N LYS A 275 29.35 8.52 13.15
CA LYS A 275 28.37 8.90 14.18
C LYS A 275 27.05 9.30 13.55
N PHE A 276 25.95 9.15 14.30
CA PHE A 276 24.63 9.57 13.85
C PHE A 276 24.27 10.90 14.48
N GLN A 277 23.39 11.64 13.82
CA GLN A 277 22.94 12.91 14.38
C GLN A 277 22.24 12.72 15.75
N ALA A 278 21.54 11.61 15.93
CA ALA A 278 20.85 11.29 17.17
C ALA A 278 21.49 10.10 17.84
N PHE A 279 21.88 10.21 19.10
CA PHE A 279 22.59 9.14 19.78
C PHE A 279 21.79 7.83 19.70
N HIS A 280 20.50 7.91 19.96
CA HIS A 280 19.61 6.76 19.92
C HIS A 280 19.30 6.13 18.56
N GLU A 281 19.76 6.70 17.45
CA GLU A 281 19.43 6.12 16.14
C GLU A 281 19.92 4.67 15.98
N PHE A 282 21.08 4.34 16.56
CA PHE A 282 21.61 3.00 16.45
C PHE A 282 20.69 1.96 17.14
N GLN A 283 19.96 2.38 18.16
CA GLN A 283 18.92 1.52 18.75
C GLN A 283 17.81 1.29 17.73
N ASN A 284 17.39 2.34 17.03
CA ASN A 284 16.37 2.20 16.00
C ASN A 284 16.84 1.30 14.91
N LEU A 285 18.08 1.49 14.43
CA LEU A 285 18.65 0.58 13.43
C LEU A 285 18.68 -0.87 13.88
N HIS A 286 19.12 -1.11 15.10
CA HIS A 286 19.11 -2.45 15.64
C HIS A 286 17.77 -3.15 15.43
N ALA A 287 16.69 -2.48 15.81
CA ALA A 287 15.34 -3.06 15.73
C ALA A 287 14.89 -3.32 14.32
N LEU A 288 15.30 -2.46 13.39
CA LEU A 288 14.96 -2.64 11.99
C LEU A 288 15.65 -3.84 11.38
N LYS A 289 16.94 -3.96 11.63
CA LYS A 289 17.72 -5.06 11.10
C LYS A 289 17.38 -6.35 11.80
N LYS A 290 17.15 -6.30 13.09
CA LYS A 290 16.67 -7.48 13.78
C LYS A 290 15.40 -8.02 13.12
N GLU A 291 14.53 -7.14 12.60
CA GLU A 291 13.32 -7.59 11.89
C GLU A 291 13.65 -8.48 10.70
N LYS A 292 14.66 -8.11 9.94
CA LYS A 292 15.12 -8.95 8.84
C LYS A 292 15.62 -10.30 9.34
N ILE A 293 16.37 -10.32 10.44
CA ILE A 293 16.76 -11.61 11.00
C ILE A 293 15.53 -12.43 11.43
N ASN A 294 14.57 -11.80 12.10
CA ASN A 294 13.32 -12.49 12.49
C ASN A 294 12.64 -13.14 11.29
N ASP A 295 12.60 -12.39 10.19
CA ASP A 295 12.05 -12.95 8.98
C ASP A 295 12.81 -14.20 8.48
N PHE A 296 14.16 -14.18 8.56
CA PHE A 296 14.96 -15.34 8.21
C PHE A 296 14.62 -16.51 9.08
N VAL A 297 14.53 -16.25 10.37
CA VAL A 297 14.32 -17.28 11.35
C VAL A 297 12.93 -17.89 11.17
N ARG A 298 11.90 -17.07 10.95
CA ARG A 298 10.52 -17.63 10.82
C ARG A 298 10.50 -18.71 9.73
N GLY A 299 11.19 -18.40 8.64
CA GLY A 299 11.35 -19.31 7.52
C GLY A 299 12.20 -20.52 7.84
N HIS A 300 13.33 -20.32 8.51
CA HIS A 300 14.23 -21.44 8.77
C HIS A 300 13.56 -22.44 9.65
N PHE A 301 12.76 -21.95 10.60
CA PHE A 301 12.03 -22.77 11.55
C PHE A 301 10.60 -23.10 11.17
N HIS A 302 10.25 -22.95 9.89
CA HIS A 302 8.88 -23.19 9.44
C HIS A 302 8.45 -24.60 9.81
N GLY A 303 7.20 -24.75 10.26
CA GLY A 303 6.67 -26.06 10.68
C GLY A 303 7.16 -26.58 12.02
N CYS A 304 8.13 -25.89 12.63
CA CYS A 304 8.78 -26.28 13.86
C CYS A 304 9.00 -25.01 14.64
N PHE A 305 7.99 -24.14 14.72
CA PHE A 305 8.18 -22.77 15.23
C PHE A 305 7.42 -22.57 16.54
N ASP A 306 8.05 -22.94 17.63
CA ASP A 306 7.43 -22.94 18.97
C ASP A 306 8.00 -21.98 20.01
N PHE A 307 8.69 -20.91 19.61
CA PHE A 307 9.25 -19.96 20.58
C PHE A 307 8.88 -18.52 20.24
N ASP A 308 9.08 -17.62 21.19
CA ASP A 308 8.74 -16.22 21.01
C ASP A 308 9.94 -15.43 20.54
N LEU A 309 9.86 -14.81 19.37
CA LEU A 309 10.94 -13.95 18.90
C LEU A 309 11.11 -12.66 19.72
N ASP A 310 10.06 -12.16 20.38
CA ASP A 310 10.24 -11.09 21.38
C ASP A 310 11.10 -11.51 22.55
N ASN A 311 11.31 -12.82 22.70
CA ASN A 311 12.10 -13.38 23.77
C ASN A 311 13.24 -14.28 23.27
N THR A 312 13.78 -13.93 22.09
CA THR A 312 14.86 -14.66 21.46
C THR A 312 16.11 -13.73 21.33
N LEU A 313 17.28 -14.27 21.55
CA LEU A 313 18.50 -13.50 21.36
C LEU A 313 19.31 -14.14 20.24
N TYR A 314 20.02 -13.29 19.51
CA TYR A 314 20.82 -13.71 18.39
C TYR A 314 22.28 -13.53 18.77
N PHE A 315 22.99 -14.65 18.97
CA PHE A 315 24.44 -14.62 19.16
C PHE A 315 25.02 -14.89 17.78
N PHE A 316 26.20 -14.35 17.49
CA PHE A 316 26.90 -14.71 16.26
C PHE A 316 28.39 -14.76 16.42
N ILE A 317 29.05 -15.62 15.66
CA ILE A 317 30.50 -15.57 15.50
C ILE A 317 30.69 -15.32 14.04
N ALA A 318 31.77 -14.63 13.69
CA ALA A 318 32.07 -14.42 12.31
C ALA A 318 33.55 -14.17 12.09
N GLY A 319 34.03 -14.57 10.91
CA GLY A 319 35.39 -14.38 10.53
C GLY A 319 35.82 -15.38 9.51
N ARG A 320 37.13 -15.46 9.30
CA ARG A 320 37.75 -16.51 8.49
C ARG A 320 37.49 -17.85 9.16
N TYR A 321 37.49 -18.92 8.36
CA TYR A 321 37.22 -20.25 8.86
C TYR A 321 38.53 -20.79 9.39
N GLU A 322 38.81 -20.41 10.63
CA GLU A 322 39.90 -20.97 11.39
C GLU A 322 39.29 -21.58 12.63
N TYR A 323 38.94 -22.86 12.53
CA TYR A 323 38.24 -23.59 13.58
C TYR A 323 38.85 -23.38 14.97
N LYS A 324 40.18 -23.53 15.05
CA LYS A 324 40.88 -23.49 16.32
C LYS A 324 41.19 -22.03 16.69
N ASN A 325 41.90 -21.33 15.83
CA ASN A 325 42.38 -19.95 16.11
C ASN A 325 41.28 -18.88 16.31
N LYS A 326 40.14 -18.97 15.64
CA LYS A 326 39.04 -18.02 15.85
C LYS A 326 38.00 -18.52 16.80
N GLY A 327 38.26 -19.67 17.41
CA GLY A 327 37.48 -20.11 18.53
C GLY A 327 36.12 -20.70 18.26
N ALA A 328 35.94 -21.27 17.08
CA ALA A 328 34.67 -21.90 16.75
C ALA A 328 34.44 -23.12 17.60
N ASP A 329 35.53 -23.81 17.95
CA ASP A 329 35.44 -25.00 18.83
C ASP A 329 34.86 -24.64 20.21
N MET A 330 35.45 -23.65 20.86
CA MET A 330 34.92 -23.16 22.15
C MET A 330 33.51 -22.60 22.02
N PHE A 331 33.22 -21.92 20.91
CA PHE A 331 31.94 -21.32 20.74
C PHE A 331 30.86 -22.38 20.75
N ILE A 332 31.07 -23.44 19.96
CA ILE A 332 30.06 -24.51 19.82
C ILE A 332 29.96 -25.28 21.15
N GLU A 333 31.10 -25.68 21.69
CA GLU A 333 31.16 -26.40 22.94
C GLU A 333 30.41 -25.65 24.03
N ALA A 334 30.72 -24.36 24.16
CA ALA A 334 30.07 -23.49 25.15
C ALA A 334 28.58 -23.31 24.95
N LEU A 335 28.12 -23.29 23.71
CA LEU A 335 26.70 -23.25 23.44
C LEU A 335 25.99 -24.52 23.91
N ALA A 336 26.60 -25.67 23.70
CA ALA A 336 26.02 -26.95 24.14
C ALA A 336 25.82 -26.97 25.63
N ARG A 337 26.81 -26.43 26.33
CA ARG A 337 26.71 -26.24 27.77
C ARG A 337 25.67 -25.18 28.15
N LEU A 338 25.61 -24.07 27.42
CA LEU A 338 24.59 -23.08 27.70
C LEU A 338 23.21 -23.68 27.59
N ASN A 339 23.05 -24.58 26.63
CA ASN A 339 21.78 -25.21 26.34
C ASN A 339 21.34 -25.99 27.55
N TYR A 340 22.27 -26.74 28.13
CA TYR A 340 22.01 -27.45 29.38
C TYR A 340 21.60 -26.53 30.54
N ARG A 341 22.32 -25.43 30.74
CA ARG A 341 21.97 -24.54 31.83
C ARG A 341 20.58 -23.94 31.66
N LEU A 342 20.23 -23.52 30.44
CA LEU A 342 18.97 -22.83 30.21
C LEU A 342 17.76 -23.76 30.32
N LYS A 343 17.94 -25.01 29.90
CA LYS A 343 16.91 -26.04 30.10
C LYS A 343 16.64 -26.28 31.57
N VAL A 344 17.72 -26.54 32.32
CA VAL A 344 17.65 -26.74 33.78
C VAL A 344 16.96 -25.60 34.56
N SER A 345 17.31 -24.35 34.29
CA SER A 345 16.67 -23.22 34.98
C SER A 345 15.21 -22.95 34.56
N GLY A 346 14.77 -23.63 33.51
CA GLY A 346 13.40 -23.46 33.03
C GLY A 346 13.14 -22.09 32.44
N SER A 347 14.17 -21.50 31.85
CA SER A 347 14.04 -20.23 31.16
C SER A 347 13.22 -20.49 29.90
N LYS A 348 12.40 -19.50 29.52
CA LYS A 348 11.65 -19.50 28.25
C LYS A 348 12.41 -18.77 27.11
N LYS A 349 13.64 -18.32 27.38
CA LYS A 349 14.39 -17.68 26.33
C LYS A 349 14.88 -18.68 25.31
N THR A 350 15.21 -18.15 24.14
CA THR A 350 15.89 -18.90 23.14
C THR A 350 17.07 -18.10 22.62
N VAL A 351 18.18 -18.80 22.43
CA VAL A 351 19.34 -18.26 21.76
C VAL A 351 19.36 -18.91 20.36
N VAL A 352 19.43 -18.08 19.33
CA VAL A 352 19.67 -18.56 17.99
C VAL A 352 21.06 -18.10 17.65
N ALA A 353 21.99 -19.07 17.48
CA ALA A 353 23.42 -18.78 17.32
C ALA A 353 23.92 -18.96 15.88
N PHE A 354 24.40 -17.90 15.28
CA PHE A 354 24.86 -17.93 13.91
C PHE A 354 26.34 -18.16 13.85
N ILE A 355 26.78 -19.03 12.95
CA ILE A 355 28.21 -19.10 12.58
C ILE A 355 28.39 -18.63 11.14
N VAL A 356 29.02 -17.48 10.95
CA VAL A 356 29.22 -16.89 9.63
C VAL A 356 30.70 -16.99 9.32
N MET A 357 31.10 -18.08 8.67
CA MET A 357 32.51 -18.33 8.28
C MET A 357 32.57 -18.98 6.89
N PRO A 358 33.18 -18.33 5.89
CA PRO A 358 33.11 -18.88 4.55
C PRO A 358 33.80 -20.21 4.43
N ALA A 359 33.13 -21.14 3.76
CA ALA A 359 33.59 -22.49 3.49
C ALA A 359 33.18 -22.90 2.06
N LYS A 360 33.76 -23.96 1.52
CA LYS A 360 33.44 -24.39 0.17
C LYS A 360 32.04 -24.97 0.15
N ASN A 361 31.15 -24.32 -0.60
CA ASN A 361 29.76 -24.74 -0.70
C ASN A 361 29.26 -24.80 -2.14
N ASN A 362 28.05 -25.34 -2.32
CA ASN A 362 27.37 -25.42 -3.61
C ASN A 362 26.09 -24.62 -3.47
N SER A 363 26.24 -23.42 -2.92
CA SER A 363 25.14 -22.53 -2.64
C SER A 363 24.06 -23.06 -1.67
N PHE A 364 22.97 -22.31 -1.61
CA PHE A 364 21.86 -22.52 -0.68
C PHE A 364 21.19 -23.85 -0.96
N THR A 365 20.60 -24.42 0.07
CA THR A 365 19.84 -25.64 -0.12
C THR A 365 18.44 -25.30 -0.64
N VAL A 366 17.85 -26.27 -1.32
CA VAL A 366 16.47 -26.17 -1.73
C VAL A 366 15.58 -25.87 -0.52
N GLU A 367 15.89 -26.47 0.63
CA GLU A 367 15.08 -26.31 1.84
C GLU A 367 15.08 -24.88 2.37
N ALA A 368 16.23 -24.24 2.35
CA ALA A 368 16.34 -22.85 2.80
C ALA A 368 15.49 -21.92 1.95
N LEU A 369 15.60 -22.12 0.63
CA LEU A 369 14.89 -21.30 -0.32
C LEU A 369 13.41 -21.57 -0.35
N LYS A 370 13.01 -22.84 -0.29
CA LYS A 370 11.57 -23.23 -0.22
C LYS A 370 10.84 -22.62 0.99
N GLY A 371 11.53 -22.63 2.11
CA GLY A 371 10.99 -22.15 3.35
C GLY A 371 10.72 -20.67 3.33
N GLN A 372 11.69 -19.86 2.86
CA GLN A 372 11.47 -18.42 2.80
C GLN A 372 10.24 -18.20 1.94
N ALA A 373 10.13 -18.92 0.83
CA ALA A 373 9.03 -18.68 -0.11
C ALA A 373 7.69 -19.06 0.48
N GLU A 374 7.63 -20.20 1.14
CA GLU A 374 6.40 -20.65 1.76
C GLU A 374 5.91 -19.66 2.84
N VAL A 375 6.82 -19.09 3.63
CA VAL A 375 6.45 -18.02 4.54
C VAL A 375 5.99 -16.76 3.80
N ARG A 376 6.64 -16.38 2.72
CA ARG A 376 6.14 -15.24 1.93
C ARG A 376 4.76 -15.49 1.42
N ALA A 377 4.49 -16.71 0.98
CA ALA A 377 3.17 -17.06 0.46
C ALA A 377 2.13 -16.87 1.55
N LEU A 378 2.48 -17.21 2.77
CA LEU A 378 1.61 -16.99 3.91
C LEU A 378 1.43 -15.50 4.18
N GLU A 379 2.50 -14.72 4.13
CA GLU A 379 2.43 -13.26 4.30
C GLU A 379 1.45 -12.63 3.30
N ASN A 380 1.49 -13.06 2.03
CA ASN A 380 0.63 -12.47 0.99
C ASN A 380 -0.83 -12.85 1.14
N THR A 381 -1.08 -14.13 1.40
CA THR A 381 -2.44 -14.59 1.67
C THR A 381 -3.08 -13.83 2.84
N VAL A 382 -2.30 -13.62 3.91
CA VAL A 382 -2.79 -12.85 5.05
C VAL A 382 -3.06 -11.42 4.67
N HIS A 383 -2.19 -10.82 3.86
CA HIS A 383 -2.39 -9.47 3.39
C HIS A 383 -3.69 -9.37 2.59
N GLU A 384 -4.03 -10.39 1.81
CA GLU A 384 -5.32 -10.42 1.09
C GLU A 384 -6.52 -10.55 2.00
N VAL A 385 -6.43 -11.43 2.98
CA VAL A 385 -7.54 -11.69 3.89
C VAL A 385 -7.82 -10.47 4.73
N THR A 386 -6.78 -9.81 5.26
CA THR A 386 -7.00 -8.58 6.04
C THR A 386 -7.64 -7.44 5.22
N THR A 387 -7.28 -7.35 3.94
CA THR A 387 -7.96 -6.41 3.07
C THR A 387 -9.48 -6.68 3.11
N SER A 388 -9.89 -7.95 2.98
CA SER A 388 -11.31 -8.32 3.03
C SER A 388 -11.90 -8.02 4.37
N ILE A 389 -11.18 -8.38 5.43
CA ILE A 389 -11.67 -8.11 6.77
C ILE A 389 -11.94 -6.61 6.92
N GLY A 390 -11.02 -5.79 6.43
CA GLY A 390 -11.14 -4.34 6.52
C GLY A 390 -12.36 -3.79 5.87
N LYS A 391 -12.66 -4.30 4.70
CA LYS A 391 -13.86 -3.88 4.01
C LYS A 391 -15.14 -4.28 4.78
N ARG A 392 -15.13 -5.46 5.36
CA ARG A 392 -16.24 -5.92 6.19
C ARG A 392 -16.34 -5.16 7.53
N ILE A 393 -15.22 -4.77 8.10
CA ILE A 393 -15.23 -3.94 9.32
C ILE A 393 -15.73 -2.54 8.98
N PHE A 394 -15.09 -1.93 7.97
CA PHE A 394 -15.51 -0.64 7.45
C PHE A 394 -17.00 -0.58 7.19
N ASP A 395 -17.56 -1.62 6.59
CA ASP A 395 -18.97 -1.58 6.25
C ASP A 395 -19.84 -1.53 7.47
N HIS A 396 -19.47 -2.31 8.47
CA HIS A 396 -20.16 -2.28 9.74
C HIS A 396 -20.05 -0.88 10.40
N ALA A 397 -18.87 -0.28 10.38
CA ALA A 397 -18.66 1.01 11.02
C ALA A 397 -19.47 2.16 10.37
N ILE A 398 -19.44 2.23 9.04
CA ILE A 398 -20.17 3.25 8.28
C ILE A 398 -21.69 3.06 8.35
N ARG A 399 -22.16 1.84 8.61
CA ARG A 399 -23.59 1.46 8.60
C ARG A 399 -24.29 1.58 9.96
N TYR A 400 -23.56 1.28 11.04
CA TYR A 400 -24.08 1.39 12.40
C TYR A 400 -24.68 2.79 12.62
N PRO A 401 -25.90 2.87 13.18
CA PRO A 401 -26.61 1.74 13.82
C PRO A 401 -27.71 1.04 12.98
N HIS A 402 -27.69 1.23 11.66
CA HIS A 402 -28.83 0.82 10.84
C HIS A 402 -28.80 -0.65 10.41
N ASN A 403 -29.91 -1.09 9.81
CA ASN A 403 -30.06 -2.44 9.28
C ASN A 403 -29.83 -3.49 10.36
N GLY A 404 -30.34 -3.22 11.56
CA GLY A 404 -30.25 -4.14 12.68
C GLY A 404 -28.88 -4.31 13.30
N LEU A 405 -27.96 -3.35 13.08
CA LEU A 405 -26.62 -3.41 13.68
C LEU A 405 -26.66 -2.86 15.12
N THR A 406 -26.88 -3.79 16.04
CA THR A 406 -27.00 -3.50 17.46
C THR A 406 -25.67 -3.07 18.12
N THR A 407 -24.54 -3.60 17.63
CA THR A 407 -23.21 -3.31 18.19
C THR A 407 -22.42 -2.39 17.26
N GLU A 408 -21.70 -1.43 17.84
CA GLU A 408 -20.87 -0.48 17.07
C GLU A 408 -19.85 -1.16 16.17
N LEU A 409 -19.28 -2.26 16.66
CA LEU A 409 -18.29 -3.04 15.93
C LEU A 409 -18.78 -4.47 15.74
N PRO A 410 -18.15 -5.20 14.81
CA PRO A 410 -18.42 -6.63 14.73
C PRO A 410 -18.00 -7.31 16.02
N THR A 411 -18.74 -8.35 16.38
CA THR A 411 -18.42 -9.13 17.57
C THR A 411 -18.06 -10.56 17.23
N ASP A 412 -18.67 -11.13 16.21
CA ASP A 412 -18.36 -12.49 15.77
C ASP A 412 -17.25 -12.45 14.72
N LEU A 413 -16.21 -13.25 14.90
CA LEU A 413 -15.20 -13.39 13.86
C LEU A 413 -15.76 -13.88 12.51
N GLY A 414 -16.87 -14.62 12.52
CA GLY A 414 -17.54 -15.06 11.29
C GLY A 414 -18.02 -13.94 10.37
N GLU A 415 -18.41 -12.81 10.94
CA GLU A 415 -18.75 -11.61 10.15
C GLU A 415 -17.58 -11.11 9.27
N LEU A 416 -16.34 -11.37 9.69
CA LEU A 416 -15.11 -10.89 9.03
C LEU A 416 -14.34 -11.92 8.20
N LEU A 417 -14.37 -13.19 8.62
CA LEU A 417 -13.54 -14.24 8.05
C LEU A 417 -14.42 -15.33 7.48
N LYS A 418 -14.40 -15.47 6.15
CA LYS A 418 -15.31 -16.36 5.41
C LYS A 418 -14.68 -17.72 5.06
N SER A 419 -15.42 -18.59 4.37
CA SER A 419 -14.88 -19.91 3.99
C SER A 419 -13.69 -19.80 3.06
N SER A 420 -13.84 -19.04 1.98
CA SER A 420 -12.74 -18.83 1.04
C SER A 420 -11.49 -18.36 1.76
N ASP A 421 -11.67 -17.40 2.67
CA ASP A 421 -10.58 -16.82 3.44
C ASP A 421 -9.82 -17.90 4.25
N LYS A 422 -10.57 -18.71 5.00
CA LYS A 422 -10.05 -19.80 5.83
C LYS A 422 -9.37 -20.89 5.00
N VAL A 423 -9.96 -21.25 3.88
CA VAL A 423 -9.43 -22.34 3.08
C VAL A 423 -8.05 -21.99 2.54
N MET A 424 -7.85 -20.75 2.12
CA MET A 424 -6.54 -20.33 1.64
C MET A 424 -5.54 -20.34 2.78
N LEU A 425 -5.85 -19.68 3.88
CA LEU A 425 -4.94 -19.65 5.03
C LEU A 425 -4.51 -21.04 5.49
N LYS A 426 -5.49 -21.94 5.60
CA LYS A 426 -5.21 -23.33 5.90
C LYS A 426 -4.26 -23.97 4.90
N ARG A 427 -4.49 -23.71 3.61
CA ARG A 427 -3.62 -24.25 2.57
C ARG A 427 -2.18 -23.80 2.73
N ARG A 428 -1.97 -22.50 3.02
CA ARG A 428 -0.62 -21.99 3.24
C ARG A 428 0.03 -22.60 4.45
N ILE A 429 -0.77 -22.83 5.49
CA ILE A 429 -0.31 -23.49 6.72
C ILE A 429 0.14 -24.93 6.45
N LEU A 430 -0.58 -25.64 5.60
CA LEU A 430 -0.21 -27.00 5.18
C LEU A 430 1.12 -27.03 4.41
N ALA A 431 1.31 -26.03 3.54
CA ALA A 431 2.59 -25.85 2.84
C ALA A 431 3.79 -25.75 3.78
N LEU A 432 3.57 -25.25 5.00
CA LEU A 432 4.62 -24.99 5.97
C LEU A 432 4.92 -26.17 6.87
N ARG A 433 4.09 -27.21 6.82
CA ARG A 433 4.32 -28.42 7.60
C ARG A 433 5.61 -29.06 7.13
N ARG A 434 6.30 -29.72 8.03
CA ARG A 434 7.43 -30.51 7.57
C ARG A 434 7.28 -31.95 7.96
N PRO A 435 7.93 -32.84 7.19
CA PRO A 435 7.87 -34.28 7.41
C PRO A 435 7.95 -34.64 8.86
N GLU A 436 7.24 -35.69 9.28
CA GLU A 436 7.24 -36.07 10.70
C GLU A 436 8.69 -36.37 11.10
N GLY A 437 9.11 -35.80 12.25
CA GLY A 437 10.46 -35.97 12.77
C GLY A 437 11.61 -35.17 12.13
N GLN A 438 11.36 -34.39 11.09
CA GLN A 438 12.39 -33.54 10.51
C GLN A 438 12.56 -32.29 11.38
N LEU A 439 13.81 -31.88 11.57
CA LEU A 439 14.17 -30.77 12.44
C LEU A 439 14.82 -29.67 11.61
N PRO A 440 14.63 -28.42 12.03
CA PRO A 440 15.24 -27.33 11.26
C PRO A 440 16.76 -27.56 11.11
N PRO A 441 17.31 -27.40 9.91
CA PRO A 441 18.71 -27.72 9.71
C PRO A 441 19.69 -26.88 10.50
N ILE A 442 20.93 -27.37 10.56
CA ILE A 442 22.05 -26.64 11.16
C ILE A 442 22.86 -25.84 10.17
N VAL A 443 22.43 -25.84 8.92
CA VAL A 443 23.22 -25.25 7.86
C VAL A 443 22.30 -24.78 6.73
N THR A 444 22.56 -23.59 6.22
CA THR A 444 21.79 -23.04 5.11
C THR A 444 22.26 -23.46 3.68
N HIS A 445 23.38 -24.18 3.55
CA HIS A 445 24.03 -24.48 2.27
C HIS A 445 24.38 -25.94 2.11
N ASN A 446 24.53 -26.35 0.85
CA ASN A 446 25.07 -27.66 0.51
C ASN A 446 26.58 -27.52 0.57
N MET A 447 27.24 -28.28 1.43
CA MET A 447 28.69 -28.15 1.59
C MET A 447 29.41 -29.05 0.60
N VAL A 448 30.60 -28.64 0.16
CA VAL A 448 31.44 -29.48 -0.69
C VAL A 448 31.90 -30.77 0.00
N ASP A 449 32.34 -30.69 1.26
CA ASP A 449 32.77 -31.85 2.00
C ASP A 449 32.14 -31.82 3.37
N ASP A 450 30.83 -32.06 3.39
CA ASP A 450 30.00 -32.08 4.62
C ASP A 450 30.50 -33.03 5.73
N ALA A 451 30.94 -34.24 5.37
CA ALA A 451 31.38 -35.22 6.38
C ALA A 451 32.65 -34.83 7.09
N ASN A 452 33.57 -34.16 6.40
CA ASN A 452 34.83 -33.77 7.03
C ASN A 452 34.85 -32.33 7.55
N ASP A 453 33.75 -31.61 7.45
CA ASP A 453 33.74 -30.23 7.87
C ASP A 453 33.86 -30.14 9.38
N LEU A 454 34.80 -29.33 9.85
CA LEU A 454 35.06 -29.20 11.26
C LEU A 454 33.89 -28.64 12.02
N ILE A 455 33.40 -27.48 11.60
CA ILE A 455 32.31 -26.84 12.31
C ILE A 455 31.12 -27.80 12.42
N LEU A 456 30.74 -28.41 11.30
CA LEU A 456 29.57 -29.27 11.33
C LEU A 456 29.78 -30.52 12.18
N ASN A 457 30.92 -31.17 12.08
CA ASN A 457 31.21 -32.34 12.92
C ASN A 457 31.08 -32.05 14.40
N LYS A 458 31.54 -30.87 14.79
CA LYS A 458 31.47 -30.39 16.18
C LYS A 458 30.03 -30.11 16.65
N ILE A 459 29.19 -29.52 15.79
CA ILE A 459 27.76 -29.41 16.13
C ILE A 459 27.12 -30.79 16.28
N ARG A 460 27.49 -31.72 15.41
CA ARG A 460 26.95 -33.07 15.44
C ARG A 460 27.45 -33.90 16.62
N GLN A 461 28.68 -33.66 17.02
CA GLN A 461 29.21 -34.29 18.23
C GLN A 461 28.53 -33.80 19.52
N VAL A 462 28.38 -32.49 19.70
CA VAL A 462 27.63 -31.94 20.86
C VAL A 462 26.09 -32.06 20.71
N GLN A 463 25.63 -32.46 19.55
CA GLN A 463 24.21 -32.76 19.32
C GLN A 463 23.25 -31.56 19.55
N LEU A 464 23.59 -30.41 18.99
CA LEU A 464 22.67 -29.28 18.86
C LEU A 464 22.02 -29.36 17.50
N PHE A 465 20.84 -30.00 17.46
CA PHE A 465 20.13 -30.33 16.22
C PHE A 465 18.83 -29.56 16.11
N ASN A 466 18.73 -28.49 16.86
CA ASN A 466 17.56 -27.63 16.85
C ASN A 466 16.28 -28.40 17.13
N SER A 467 16.30 -29.28 18.13
CA SER A 467 15.04 -29.89 18.60
C SER A 467 14.22 -28.81 19.34
N PRO A 468 12.92 -28.99 19.39
CA PRO A 468 12.08 -28.09 20.12
C PRO A 468 12.57 -27.85 21.53
N SER A 469 13.03 -28.90 22.22
CA SER A 469 13.46 -28.78 23.63
C SER A 469 14.76 -27.95 23.86
N ASP A 470 15.62 -27.83 22.81
CA ASP A 470 16.81 -26.99 22.89
C ASP A 470 16.49 -25.50 22.97
N ARG A 471 17.09 -24.84 23.94
CA ARG A 471 16.95 -23.41 24.10
C ARG A 471 18.04 -22.69 23.32
N VAL A 472 19.12 -23.40 22.97
CA VAL A 472 20.07 -22.87 22.01
C VAL A 472 19.79 -23.52 20.67
N LYS A 473 19.71 -22.72 19.62
CA LYS A 473 19.62 -23.21 18.24
C LYS A 473 20.91 -22.87 17.48
N MET A 474 21.22 -23.67 16.46
CA MET A 474 22.46 -23.56 15.69
C MET A 474 22.14 -23.39 14.20
N ILE A 475 22.83 -22.42 13.59
CA ILE A 475 22.72 -22.17 12.16
C ILE A 475 24.06 -21.74 11.63
N PHE A 476 24.72 -22.64 10.91
CA PHE A 476 25.96 -22.36 10.18
C PHE A 476 25.60 -21.83 8.80
N HIS A 477 26.17 -20.67 8.46
CA HIS A 477 25.93 -19.99 7.18
C HIS A 477 27.29 -19.85 6.54
N PRO A 478 27.82 -20.91 5.89
CA PRO A 478 29.22 -20.97 5.46
C PRO A 478 29.62 -20.04 4.32
N GLU A 479 29.23 -18.77 4.36
CA GLU A 479 29.39 -17.85 3.24
C GLU A 479 29.25 -16.44 3.74
N PHE A 480 29.95 -15.51 3.10
CA PHE A 480 29.83 -14.10 3.43
C PHE A 480 28.38 -13.67 3.37
N LEU A 481 27.98 -12.86 4.31
CA LEU A 481 26.68 -12.23 4.24
C LEU A 481 26.74 -11.16 3.16
N ASN A 482 25.64 -11.00 2.47
CA ASN A 482 25.51 -10.02 1.41
C ASN A 482 24.03 -9.71 1.22
N ALA A 483 23.70 -8.44 1.11
CA ALA A 483 22.30 -8.05 0.87
C ALA A 483 21.67 -8.66 -0.40
N ASN A 484 22.48 -9.06 -1.38
CA ASN A 484 21.96 -9.74 -2.57
C ASN A 484 21.49 -11.19 -2.35
N ASN A 485 21.92 -11.85 -1.28
CA ASN A 485 21.52 -13.24 -0.99
C ASN A 485 20.01 -13.36 -0.91
N PRO A 486 19.45 -14.46 -1.39
CA PRO A 486 18.01 -14.65 -1.34
C PRO A 486 17.49 -15.08 0.01
N ILE A 487 18.36 -15.47 0.94
CA ILE A 487 17.98 -16.02 2.24
C ILE A 487 18.07 -14.96 3.31
N LEU A 488 19.27 -14.46 3.52
CA LEU A 488 19.51 -13.62 4.67
C LEU A 488 19.97 -12.33 4.10
N GLY A 489 19.01 -11.58 3.57
CA GLY A 489 19.30 -10.47 2.70
C GLY A 489 19.81 -9.27 3.46
N LEU A 490 21.00 -9.41 4.03
CA LEU A 490 21.63 -8.41 4.86
C LEU A 490 23.12 -8.37 4.54
N ASP A 491 23.70 -7.17 4.53
CA ASP A 491 25.14 -7.02 4.54
C ASP A 491 25.65 -7.30 5.95
N TYR A 492 26.95 -7.57 6.08
CA TYR A 492 27.56 -7.93 7.38
C TYR A 492 27.27 -6.88 8.41
N ASP A 493 27.54 -5.62 8.07
CA ASP A 493 27.30 -4.55 9.03
C ASP A 493 25.81 -4.48 9.41
N GLU A 494 24.89 -4.64 8.47
CA GLU A 494 23.48 -4.66 8.85
C GLU A 494 23.19 -5.76 9.88
N PHE A 495 23.65 -6.98 9.59
CA PHE A 495 23.40 -8.18 10.42
C PHE A 495 23.88 -8.03 11.85
N VAL A 496 25.07 -7.47 12.02
CA VAL A 496 25.65 -7.22 13.32
C VAL A 496 24.73 -6.35 14.16
N ARG A 497 24.29 -5.22 13.61
CA ARG A 497 23.35 -4.32 14.30
C ARG A 497 22.10 -5.07 14.77
N GLY A 498 21.62 -5.96 13.92
CA GLY A 498 20.48 -6.78 14.26
C GLY A 498 20.69 -7.79 15.38
N CYS A 499 21.90 -8.28 15.58
CA CYS A 499 22.15 -9.26 16.62
C CYS A 499 22.22 -8.61 17.98
N HIS A 500 22.26 -9.44 19.01
CA HIS A 500 22.37 -9.00 20.38
C HIS A 500 23.77 -9.14 20.99
N LEU A 501 24.56 -10.11 20.54
CA LEU A 501 25.83 -10.43 21.19
C LEU A 501 26.81 -11.07 20.21
N GLY A 502 27.95 -10.42 19.96
CA GLY A 502 29.07 -11.02 19.21
C GLY A 502 29.86 -11.97 20.10
N VAL A 503 30.38 -13.08 19.56
CA VAL A 503 31.14 -14.02 20.40
C VAL A 503 32.40 -14.50 19.70
N PHE A 504 33.56 -14.00 20.13
CA PHE A 504 34.77 -14.16 19.34
C PHE A 504 35.93 -14.75 20.15
N PRO A 505 35.78 -16.02 20.59
CA PRO A 505 36.71 -16.54 21.54
C PRO A 505 38.04 -16.92 20.86
N SER A 506 38.79 -15.93 20.44
CA SER A 506 39.96 -16.14 19.58
C SER A 506 41.18 -16.63 20.37
N TYR A 507 42.07 -17.34 19.67
CA TYR A 507 43.31 -17.88 20.26
C TYR A 507 44.52 -17.19 19.67
N TYR A 508 44.55 -17.02 18.34
CA TYR A 508 45.55 -16.17 17.70
C TYR A 508 44.85 -15.04 16.93
N GLU A 509 45.13 -13.81 17.31
CA GLU A 509 44.39 -12.65 16.85
C GLU A 509 45.16 -11.38 17.27
N PRO A 510 46.19 -11.04 16.51
CA PRO A 510 47.00 -9.90 16.87
C PRO A 510 46.26 -8.58 17.05
N TRP A 511 45.28 -8.24 16.19
CA TRP A 511 44.36 -7.16 16.58
C TRP A 511 43.04 -7.72 17.06
N GLY A 512 42.00 -7.73 16.26
CA GLY A 512 40.65 -7.89 16.87
C GLY A 512 39.63 -6.97 16.22
N TYR A 513 39.66 -6.98 14.88
CA TYR A 513 38.90 -6.09 14.05
C TYR A 513 37.43 -6.37 14.29
N THR A 514 37.11 -7.67 14.41
CA THR A 514 35.74 -8.12 14.46
C THR A 514 34.98 -7.59 15.68
N PRO A 515 35.45 -7.87 16.89
CA PRO A 515 34.75 -7.29 18.04
C PRO A 515 34.88 -5.75 18.15
N ALA A 516 35.89 -5.15 17.51
CA ALA A 516 36.05 -3.72 17.59
C ALA A 516 34.96 -3.10 16.77
N GLU A 517 34.74 -3.67 15.59
CA GLU A 517 33.74 -3.21 14.67
C GLU A 517 32.39 -3.44 15.28
N CYS A 518 32.27 -4.55 15.99
CA CYS A 518 31.08 -4.90 16.73
C CYS A 518 30.76 -3.84 17.79
N THR A 519 31.78 -3.50 18.57
CA THR A 519 31.64 -2.54 19.65
C THR A 519 31.24 -1.15 19.15
N VAL A 520 31.86 -0.73 18.06
CA VAL A 520 31.54 0.56 17.41
C VAL A 520 30.07 0.71 17.03
N MET A 521 29.39 -0.41 16.76
CA MET A 521 27.95 -0.41 16.47
C MET A 521 27.10 -0.73 17.71
N GLY A 522 27.66 -0.50 18.89
CA GLY A 522 26.93 -0.75 20.11
C GLY A 522 26.45 -2.16 20.29
N VAL A 523 27.24 -3.13 19.83
CA VAL A 523 26.90 -4.53 20.02
C VAL A 523 27.90 -5.18 20.96
N PRO A 524 27.42 -5.67 22.11
CA PRO A 524 28.33 -6.28 23.07
C PRO A 524 28.96 -7.55 22.56
N SER A 525 30.14 -7.89 23.04
CA SER A 525 30.94 -8.92 22.42
C SER A 525 31.79 -9.65 23.44
N ILE A 526 31.96 -10.95 23.24
CA ILE A 526 32.91 -11.69 24.07
C ILE A 526 34.23 -11.77 23.28
N THR A 527 35.33 -11.47 23.95
CA THR A 527 36.63 -11.53 23.31
C THR A 527 37.53 -12.35 24.22
N THR A 528 38.84 -12.36 24.00
CA THR A 528 39.76 -13.09 24.90
C THR A 528 40.95 -12.23 25.25
N ASN A 529 41.61 -12.61 26.33
CA ASN A 529 42.80 -11.88 26.73
C ASN A 529 43.99 -12.16 25.79
N VAL A 530 43.92 -13.17 24.91
CA VAL A 530 44.95 -13.37 23.88
C VAL A 530 44.61 -12.75 22.54
N SER A 531 43.44 -12.15 22.44
CA SER A 531 43.13 -11.28 21.33
C SER A 531 43.65 -9.88 21.64
N GLY A 532 44.22 -9.24 20.63
CA GLY A 532 44.72 -7.88 20.76
C GLY A 532 43.73 -6.80 21.14
N PHE A 533 42.45 -7.04 20.89
CA PHE A 533 41.38 -6.14 21.30
C PHE A 533 41.04 -6.41 22.74
N GLY A 534 41.00 -7.68 23.10
CA GLY A 534 40.74 -8.05 24.50
C GLY A 534 41.86 -7.59 25.40
N SER A 535 43.09 -7.86 24.94
CA SER A 535 44.31 -7.28 25.50
C SER A 535 44.21 -5.76 25.71
N TYR A 536 43.79 -5.03 24.69
CA TYR A 536 43.70 -3.57 24.81
C TYR A 536 42.60 -3.08 25.77
N MET A 537 41.42 -3.70 25.76
CA MET A 537 40.33 -3.32 26.70
C MET A 537 40.64 -3.69 28.16
N GLU A 538 41.21 -4.88 28.38
CA GLU A 538 41.75 -5.26 29.70
C GLU A 538 42.49 -4.12 30.39
N ASP A 539 43.42 -3.50 29.67
CA ASP A 539 44.26 -2.42 30.20
C ASP A 539 43.56 -1.05 30.33
N LEU A 540 42.34 -0.90 29.84
CA LEU A 540 41.57 0.35 30.00
C LEU A 540 40.41 0.26 30.96
N ILE A 541 39.87 -0.94 31.19
CA ILE A 541 38.65 -1.07 31.97
C ILE A 541 38.76 -2.30 32.82
N GLU A 542 38.37 -2.18 34.08
CA GLU A 542 38.44 -3.31 35.03
C GLU A 542 37.39 -4.39 34.66
N THR A 543 37.88 -5.59 34.33
CA THR A 543 37.10 -6.67 33.65
C THR A 543 35.68 -6.86 34.22
N ASN A 544 35.51 -6.71 35.53
CA ASN A 544 34.19 -6.81 36.18
C ASN A 544 33.28 -5.61 35.81
N GLN A 545 33.86 -4.41 35.75
CA GLN A 545 33.16 -3.21 35.30
C GLN A 545 32.90 -3.20 33.77
N ALA A 546 33.83 -3.75 33.00
CA ALA A 546 33.72 -3.81 31.53
C ALA A 546 32.52 -4.62 31.02
N LYS A 547 32.08 -5.61 31.78
CA LYS A 547 30.88 -6.36 31.44
C LYS A 547 29.67 -5.42 31.31
N ASP A 548 29.62 -4.41 32.16
CA ASP A 548 28.55 -3.43 32.12
C ASP A 548 28.60 -2.56 30.87
N TYR A 549 29.79 -2.42 30.27
CA TYR A 549 29.95 -1.77 28.96
C TYR A 549 29.82 -2.75 27.79
N GLY A 550 29.38 -3.98 28.08
CA GLY A 550 29.26 -5.03 27.07
C GLY A 550 30.58 -5.58 26.51
N ILE A 551 31.68 -5.46 27.24
CA ILE A 551 32.96 -6.07 26.84
C ILE A 551 33.26 -7.20 27.81
N TYR A 552 32.94 -8.41 27.42
CA TYR A 552 33.24 -9.59 28.24
C TYR A 552 34.57 -10.17 27.73
N ILE A 553 35.49 -10.48 28.66
CA ILE A 553 36.85 -10.92 28.29
C ILE A 553 37.22 -12.25 28.91
N VAL A 554 37.38 -13.28 28.08
CA VAL A 554 37.62 -14.66 28.55
C VAL A 554 39.10 -14.84 28.71
N ASP A 555 39.48 -15.59 29.75
CA ASP A 555 40.88 -15.85 30.06
C ASP A 555 41.32 -17.13 29.38
N ARG A 556 42.19 -17.00 28.37
CA ARG A 556 42.75 -18.15 27.64
C ARG A 556 44.26 -18.22 27.82
N ARG A 557 44.75 -17.56 28.85
CA ARG A 557 46.18 -17.45 29.09
C ARG A 557 46.58 -18.12 30.43
N PHE A 558 45.78 -17.95 31.47
CA PHE A 558 46.08 -18.45 32.82
C PHE A 558 45.02 -19.42 33.29
N LYS A 559 44.38 -20.13 32.36
CA LYS A 559 43.31 -21.08 32.69
C LYS A 559 43.40 -22.26 31.77
N ALA A 560 43.10 -23.45 32.32
CA ALA A 560 42.97 -24.66 31.51
C ALA A 560 41.84 -24.47 30.49
N PRO A 561 41.97 -25.11 29.32
CA PRO A 561 40.91 -24.95 28.30
C PRO A 561 39.50 -25.17 28.84
N ASP A 562 39.32 -26.18 29.70
CA ASP A 562 38.00 -26.43 30.23
C ASP A 562 37.44 -25.28 31.06
N GLU A 563 38.30 -24.58 31.78
CA GLU A 563 37.87 -23.46 32.59
C GLU A 563 37.53 -22.24 31.75
N SER A 564 38.28 -22.03 30.67
CA SER A 564 37.97 -20.97 29.71
C SER A 564 36.59 -21.16 29.09
N VAL A 565 36.22 -22.41 28.83
CA VAL A 565 34.91 -22.71 28.25
C VAL A 565 33.82 -22.42 29.26
N GLU A 566 34.00 -22.91 30.48
CA GLU A 566 33.08 -22.59 31.56
C GLU A 566 32.92 -21.08 31.83
N GLN A 567 33.99 -20.31 31.69
CA GLN A 567 33.91 -18.86 31.88
C GLN A 567 33.10 -18.23 30.75
N LEU A 568 33.29 -18.75 29.55
CA LEU A 568 32.57 -18.29 28.37
C LEU A 568 31.07 -18.61 28.52
N VAL A 569 30.74 -19.77 29.08
CA VAL A 569 29.35 -20.09 29.34
C VAL A 569 28.78 -19.15 30.40
N ASP A 570 29.58 -18.91 31.46
CA ASP A 570 29.17 -17.96 32.50
C ASP A 570 28.79 -16.59 31.90
N TYR A 571 29.63 -16.07 31.02
CA TYR A 571 29.35 -14.81 30.35
C TYR A 571 28.13 -14.87 29.46
N MET A 572 28.05 -15.87 28.60
CA MET A 572 26.85 -16.03 27.79
C MET A 572 25.58 -16.10 28.65
N GLU A 573 25.61 -16.86 29.73
CA GLU A 573 24.44 -17.00 30.58
C GLU A 573 24.04 -15.70 31.35
N GLU A 574 25.06 -14.99 31.84
CA GLU A 574 24.92 -13.65 32.45
C GLU A 574 24.13 -12.70 31.55
N PHE A 575 24.46 -12.75 30.27
CA PHE A 575 23.83 -11.95 29.25
C PHE A 575 22.39 -12.37 28.99
N VAL A 576 22.16 -13.68 28.87
CA VAL A 576 20.82 -14.19 28.53
C VAL A 576 19.82 -13.75 29.61
N LYS A 577 20.24 -13.86 30.85
CA LYS A 577 19.45 -13.47 32.01
C LYS A 577 18.97 -12.02 32.01
N LYS A 578 19.68 -11.10 31.35
CA LYS A 578 19.27 -9.68 31.32
C LYS A 578 17.90 -9.45 30.72
N THR A 579 17.20 -8.46 31.25
CA THR A 579 15.92 -7.98 30.71
C THR A 579 16.16 -7.11 29.50
N ARG A 580 15.11 -6.80 28.76
CA ARG A 580 15.26 -5.88 27.62
C ARG A 580 15.79 -4.51 28.05
N ARG A 581 15.31 -3.98 29.18
CA ARG A 581 15.82 -2.68 29.64
C ARG A 581 17.31 -2.77 29.88
N GLN A 582 17.73 -3.84 30.57
CA GLN A 582 19.14 -4.08 30.83
C GLN A 582 19.98 -4.19 29.56
N ARG A 583 19.45 -4.87 28.54
CA ARG A 583 20.14 -4.96 27.26
C ARG A 583 20.30 -3.61 26.57
N ILE A 584 19.23 -2.80 26.55
CA ILE A 584 19.24 -1.49 25.89
C ILE A 584 20.24 -0.50 26.54
N ASN A 585 20.32 -0.54 27.86
CA ASN A 585 21.26 0.30 28.56
C ASN A 585 22.64 -0.20 28.35
N GLN A 586 22.82 -1.52 28.32
CA GLN A 586 24.16 -2.09 28.07
C GLN A 586 24.70 -1.59 26.73
N ARG A 587 23.86 -1.62 25.70
CA ARG A 587 24.27 -1.17 24.38
C ARG A 587 24.64 0.32 24.36
N ASN A 588 23.80 1.14 24.98
CA ASN A 588 24.10 2.55 25.13
C ASN A 588 25.51 2.75 25.71
N ARG A 589 25.90 1.89 26.66
CA ARG A 589 27.26 1.90 27.20
C ARG A 589 28.28 1.45 26.18
N THR A 590 27.99 0.36 25.50
CA THR A 590 28.90 -0.16 24.47
C THR A 590 29.16 0.86 23.38
N GLU A 591 28.08 1.50 22.92
CA GLU A 591 28.17 2.61 21.99
C GLU A 591 29.13 3.69 22.49
N ARG A 592 28.96 4.12 23.75
CA ARG A 592 29.83 5.15 24.34
C ARG A 592 31.32 4.84 24.25
N LEU A 593 31.70 3.56 24.32
CA LEU A 593 33.11 3.19 24.16
C LEU A 593 33.65 3.43 22.75
N SER A 594 32.77 3.63 21.76
CA SER A 594 33.24 3.75 20.38
C SER A 594 34.29 4.86 20.17
N ASP A 595 34.25 5.93 20.96
CA ASP A 595 35.31 6.94 20.91
C ASP A 595 36.68 6.37 21.26
N LEU A 596 36.75 5.40 22.19
CA LEU A 596 38.03 4.77 22.53
C LEU A 596 38.64 3.93 21.41
N LEU A 597 37.85 3.61 20.40
CA LEU A 597 38.30 2.89 19.24
C LEU A 597 38.43 3.80 18.01
N ASP A 598 38.09 5.09 18.15
CA ASP A 598 38.15 6.03 17.03
C ASP A 598 39.60 6.50 16.85
N TRP A 599 39.97 6.83 15.62
CA TRP A 599 41.30 7.36 15.37
C TRP A 599 41.65 8.66 16.11
N LYS A 600 40.66 9.49 16.43
CA LYS A 600 40.89 10.69 17.24
C LYS A 600 41.48 10.39 18.62
N ARG A 601 41.44 9.14 19.08
CA ARG A 601 42.12 8.75 20.30
C ARG A 601 43.25 7.75 20.07
N MET A 602 43.06 6.77 19.18
CA MET A 602 44.10 5.76 18.90
C MET A 602 45.28 6.38 18.17
N GLY A 603 45.01 7.45 17.41
CA GLY A 603 46.03 8.13 16.60
C GLY A 603 47.06 8.94 17.37
N LEU A 604 46.75 9.25 18.63
CA LEU A 604 47.72 9.80 19.59
C LEU A 604 48.86 8.82 19.84
N GLU A 605 48.58 7.53 19.84
CA GLU A 605 49.63 6.54 20.02
C GLU A 605 50.62 6.53 18.85
N TYR A 606 50.14 6.77 17.64
CA TYR A 606 51.05 7.01 16.51
C TYR A 606 51.93 8.23 16.81
N VAL A 607 51.33 9.31 17.33
CA VAL A 607 52.05 10.54 17.70
C VAL A 607 53.17 10.21 18.69
N LYS A 608 52.81 9.61 19.83
CA LYS A 608 53.77 9.08 20.83
C LYS A 608 54.97 8.34 20.21
N ALA A 609 54.72 7.54 19.18
CA ALA A 609 55.74 6.74 18.49
C ALA A 609 56.64 7.62 17.66
N ARG A 610 56.08 8.61 17.00
CA ARG A 610 56.86 9.55 16.21
C ARG A 610 57.69 10.51 17.10
N GLN A 611 57.08 11.02 18.18
CA GLN A 611 57.83 11.77 19.22
C GLN A 611 59.02 10.97 19.73
N LEU A 612 58.82 9.69 20.06
CA LEU A 612 59.91 8.82 20.53
C LEU A 612 61.01 8.62 19.51
N ALA A 613 60.63 8.53 18.23
CA ALA A 613 61.59 8.34 17.17
C ALA A 613 62.53 9.53 17.07
N LEU A 614 61.97 10.75 17.11
CA LEU A 614 62.77 11.99 17.04
C LEU A 614 63.68 12.15 18.27
N ARG A 615 63.08 12.05 19.47
CA ARG A 615 63.78 11.99 20.77
C ARG A 615 64.98 11.03 20.77
N ARG A 616 64.89 9.92 20.03
CA ARG A 616 65.99 8.95 19.92
C ARG A 616 66.99 9.28 18.82
N GLY A 617 66.52 9.78 17.69
CA GLY A 617 67.41 10.21 16.61
C GLY A 617 68.23 11.43 17.00
N TYR A 618 67.57 12.41 17.61
CA TYR A 618 68.16 13.72 17.86
C TYR A 618 67.91 14.14 19.34
N PRO A 619 68.57 13.44 20.30
CA PRO A 619 68.33 13.73 21.73
C PRO A 619 68.65 15.17 22.09
N ASP A 620 69.75 15.68 21.52
CA ASP A 620 70.26 17.02 21.82
C ASP A 620 69.28 18.10 21.38
N GLN A 621 68.86 18.04 20.12
CA GLN A 621 67.86 19.00 19.61
C GLN A 621 66.51 18.91 20.36
N PHE A 622 66.13 17.70 20.76
CA PHE A 622 64.86 17.41 21.44
C PHE A 622 64.84 17.86 22.91
N ARG A 623 65.95 17.60 23.62
CA ARG A 623 66.19 18.08 25.01
C ARG A 623 65.94 19.58 25.16
N GLU A 624 66.38 20.35 24.16
CA GLU A 624 66.19 21.80 24.12
C GLU A 624 64.74 22.16 23.86
N LEU A 625 64.19 21.70 22.74
CA LEU A 625 62.83 22.08 22.31
C LEU A 625 61.80 22.01 23.45
N VAL A 626 61.93 21.02 24.33
CA VAL A 626 61.04 20.87 25.50
C VAL A 626 61.42 21.80 26.67
N GLY A 627 62.48 21.45 27.41
CA GLY A 627 62.80 22.07 28.70
C GLY A 627 63.81 21.20 29.43
N GLU A 628 63.32 20.28 30.27
CA GLU A 628 64.14 19.16 30.76
C GLU A 628 64.23 18.08 29.66
N GLU A 629 65.12 17.11 29.84
CA GLU A 629 65.12 15.93 28.97
C GLU A 629 64.23 14.84 29.59
N LEU A 630 63.10 14.58 28.94
CA LEU A 630 62.15 13.53 29.36
C LEU A 630 62.67 12.13 28.98
N ASN A 631 62.32 11.14 29.82
CA ASN A 631 62.79 9.74 29.70
C ASN A 631 62.45 9.10 28.33
N ASP A 632 63.28 8.19 27.84
CA ASP A 632 63.13 7.64 26.48
C ASP A 632 63.32 6.11 26.28
N SER A 633 63.11 5.31 27.32
CA SER A 633 63.12 3.84 27.16
C SER A 633 61.77 3.27 26.68
N ASN A 634 60.69 4.06 26.75
CA ASN A 634 59.32 3.67 26.34
C ASN A 634 58.62 4.82 25.60
N MET A 635 57.58 4.48 24.83
CA MET A 635 56.59 5.46 24.34
C MET A 635 55.68 5.91 25.49
N ASP A 636 55.31 4.95 26.33
CA ASP A 636 54.46 5.16 27.52
C ASP A 636 55.05 6.21 28.46
N ALA A 637 56.36 6.11 28.71
CA ALA A 637 57.10 6.98 29.62
C ALA A 637 57.21 8.40 29.06
N LEU A 638 57.84 8.54 27.90
CA LEU A 638 58.10 9.85 27.26
C LEU A 638 56.91 10.85 27.28
N ALA A 639 55.88 10.60 26.47
CA ALA A 639 54.76 11.54 26.30
C ALA A 639 53.53 11.08 27.07
N SER B 2 -13.46 5.30 69.54
CA SER B 2 -13.13 3.98 68.92
C SER B 2 -13.23 3.97 67.39
N ARG B 3 -12.66 4.98 66.73
CA ARG B 3 -12.56 5.02 65.27
C ARG B 3 -11.11 4.71 64.95
N ASP B 4 -10.87 3.84 63.98
CA ASP B 4 -9.52 3.49 63.55
C ASP B 4 -9.01 4.61 62.63
N LEU B 5 -7.85 5.18 62.96
CA LEU B 5 -7.25 6.24 62.14
C LEU B 5 -6.44 5.68 60.97
N GLN B 6 -5.99 4.44 61.12
CA GLN B 6 -5.20 3.76 60.08
C GLN B 6 -6.10 3.20 58.98
N ASN B 7 -6.99 2.28 59.35
CA ASN B 7 -8.09 1.85 58.45
C ASN B 7 -9.20 2.92 58.42
N HIS B 8 -9.12 3.84 57.46
CA HIS B 8 -10.09 4.93 57.33
C HIS B 8 -10.70 5.05 55.93
N LEU B 9 -11.78 5.79 55.83
CA LEU B 9 -12.43 6.05 54.55
C LEU B 9 -11.94 7.36 53.95
N LEU B 10 -12.08 7.49 52.63
CA LEU B 10 -11.83 8.77 51.96
C LEU B 10 -12.95 9.07 50.99
N PHE B 11 -13.47 10.30 51.06
CA PHE B 11 -14.51 10.81 50.18
C PHE B 11 -14.00 12.09 49.56
N GLU B 12 -13.74 12.06 48.26
CA GLU B 12 -13.21 13.22 47.53
C GLU B 12 -14.31 13.86 46.68
N THR B 13 -14.70 15.09 47.00
CA THR B 13 -15.88 15.74 46.40
C THR B 13 -15.45 16.90 45.51
N ALA B 14 -16.08 17.00 44.34
CA ALA B 14 -15.87 18.11 43.40
C ALA B 14 -17.03 18.17 42.40
N THR B 15 -17.42 19.38 42.03
CA THR B 15 -18.30 19.61 40.87
C THR B 15 -17.86 18.76 39.69
N GLU B 16 -16.55 18.76 39.47
CA GLU B 16 -15.93 18.28 38.26
C GLU B 16 -15.61 16.77 38.27
N VAL B 17 -16.40 15.94 38.99
CA VAL B 17 -16.08 14.51 39.16
C VAL B 17 -16.22 13.76 37.84
N ALA B 18 -17.40 13.26 37.47
CA ALA B 18 -17.47 12.55 36.19
C ALA B 18 -18.17 13.42 35.14
N ASN B 19 -17.67 14.65 35.00
CA ASN B 19 -17.95 15.52 33.84
C ASN B 19 -16.91 16.63 33.69
N ARG B 20 -16.33 16.76 32.49
CA ARG B 20 -15.28 17.75 32.22
C ARG B 20 -15.86 19.16 32.13
N VAL B 21 -16.06 19.78 33.30
CA VAL B 21 -16.43 21.19 33.44
C VAL B 21 -15.20 22.07 33.71
N GLY B 22 -14.08 21.48 34.13
CA GLY B 22 -12.86 22.25 34.37
C GLY B 22 -11.65 21.42 34.70
N GLY B 23 -10.49 22.06 34.68
CA GLY B 23 -9.20 21.41 34.94
C GLY B 23 -9.09 20.41 36.09
N ILE B 24 -9.97 20.53 37.08
CA ILE B 24 -10.03 19.60 38.23
C ILE B 24 -10.49 18.21 37.81
N TYR B 25 -11.19 18.14 36.67
CA TYR B 25 -11.48 16.86 36.03
C TYR B 25 -10.19 16.02 35.86
N SER B 26 -9.23 16.62 35.17
CA SER B 26 -7.95 15.96 34.85
C SER B 26 -7.17 15.54 36.09
N VAL B 27 -7.16 16.43 37.08
CA VAL B 27 -6.46 16.23 38.36
C VAL B 27 -7.01 14.98 39.05
N LEU B 28 -8.32 14.90 39.24
CA LEU B 28 -8.93 13.76 39.95
C LEU B 28 -8.79 12.44 39.18
N LYS B 29 -8.93 12.52 37.85
CA LYS B 29 -8.78 11.37 36.94
C LYS B 29 -7.35 10.82 37.00
N SER B 30 -6.40 11.70 36.73
CA SER B 30 -5.00 11.32 36.70
C SER B 30 -4.50 10.79 38.05
N LYS B 31 -5.05 11.36 39.13
CA LYS B 31 -4.73 10.94 40.50
C LYS B 31 -5.44 9.63 40.93
N ALA B 32 -6.32 9.07 40.09
CA ALA B 32 -7.15 7.96 40.52
C ALA B 32 -6.36 6.67 40.74
N PRO B 33 -5.35 6.39 39.91
CA PRO B 33 -4.58 5.14 40.06
C PRO B 33 -3.82 4.95 41.39
N ILE B 34 -3.14 6.01 41.86
CA ILE B 34 -2.42 5.98 43.18
C ILE B 34 -3.30 6.01 44.43
N THR B 35 -4.47 6.65 44.30
CA THR B 35 -5.44 6.78 45.38
C THR B 35 -6.16 5.43 45.55
N VAL B 36 -6.59 4.85 44.43
CA VAL B 36 -7.18 3.50 44.41
C VAL B 36 -6.17 2.47 44.92
N ALA B 37 -4.90 2.65 44.56
CA ALA B 37 -3.85 1.72 44.96
C ALA B 37 -3.60 1.71 46.49
N GLN B 38 -3.91 2.82 47.15
CA GLN B 38 -3.77 2.92 48.60
C GLN B 38 -5.05 2.48 49.32
N TYR B 39 -6.21 2.99 48.88
CA TYR B 39 -7.48 2.86 49.61
C TYR B 39 -8.37 1.67 49.16
N LYS B 40 -8.35 1.36 47.86
CA LYS B 40 -9.18 0.29 47.24
C LYS B 40 -10.70 0.58 47.30
N ASP B 41 -11.49 -0.28 47.93
CA ASP B 41 -12.94 -0.06 48.08
C ASP B 41 -13.35 0.98 49.16
N HIS B 42 -12.35 1.52 49.89
CA HIS B 42 -12.55 2.55 50.93
C HIS B 42 -12.67 3.99 50.38
N TYR B 43 -12.13 4.19 49.18
CA TYR B 43 -12.18 5.47 48.48
C TYR B 43 -13.50 5.59 47.73
N HIS B 44 -14.07 6.78 47.72
CA HIS B 44 -15.19 7.13 46.84
C HIS B 44 -15.00 8.58 46.37
N LEU B 45 -15.36 8.89 45.13
CA LEU B 45 -15.49 10.29 44.71
C LEU B 45 -16.97 10.67 44.72
N ILE B 46 -17.28 11.94 45.03
CA ILE B 46 -18.67 12.43 45.04
C ILE B 46 -18.79 13.68 44.17
N GLY B 47 -19.83 13.74 43.35
CA GLY B 47 -20.07 14.89 42.50
C GLY B 47 -21.53 15.08 42.17
N PRO B 48 -21.85 16.18 41.44
CA PRO B 48 -23.16 16.35 40.83
C PRO B 48 -23.29 15.52 39.56
N LEU B 49 -24.51 15.09 39.27
CA LEU B 49 -24.78 14.25 38.10
C LEU B 49 -25.08 15.11 36.87
N ASN B 50 -24.23 15.02 35.85
CA ASN B 50 -24.52 15.63 34.54
C ASN B 50 -25.23 14.58 33.67
N LYS B 51 -26.54 14.74 33.53
CA LYS B 51 -27.39 13.78 32.81
C LYS B 51 -27.01 13.59 31.33
N ALA B 52 -26.59 14.67 30.67
CA ALA B 52 -26.09 14.60 29.29
C ALA B 52 -24.82 13.76 29.12
N THR B 53 -23.80 13.98 29.97
CA THR B 53 -22.48 13.33 29.81
C THR B 53 -22.24 11.99 30.56
N TYR B 54 -22.91 11.76 31.70
CA TYR B 54 -22.54 10.65 32.61
C TYR B 54 -22.62 9.24 32.06
N GLN B 55 -23.46 9.03 31.04
CA GLN B 55 -23.60 7.73 30.37
C GLN B 55 -22.26 7.21 29.80
N ASN B 56 -21.49 8.13 29.22
CA ASN B 56 -20.19 7.83 28.58
C ASN B 56 -19.05 7.64 29.60
N GLU B 57 -19.14 8.38 30.71
CA GLU B 57 -18.14 8.38 31.78
C GLU B 57 -18.29 7.21 32.74
N VAL B 58 -19.52 6.93 33.15
CA VAL B 58 -19.76 6.07 34.31
C VAL B 58 -20.25 4.69 33.90
N ASP B 59 -19.82 3.72 34.70
CA ASP B 59 -20.22 2.32 34.63
C ASP B 59 -21.34 2.19 35.68
N ILE B 60 -22.61 2.32 35.26
CA ILE B 60 -23.73 2.34 36.24
C ILE B 60 -23.81 0.97 36.92
N LEU B 61 -24.06 0.96 38.23
CA LEU B 61 -23.97 -0.24 39.09
C LEU B 61 -25.21 -0.46 39.97
N ASP B 62 -25.47 -1.72 40.31
CA ASP B 62 -26.52 -2.10 41.25
C ASP B 62 -25.94 -2.15 42.66
N TRP B 63 -26.12 -1.04 43.37
CA TRP B 63 -25.62 -0.84 44.74
C TRP B 63 -26.47 -1.51 45.83
N LYS B 64 -27.72 -1.84 45.50
CA LYS B 64 -28.62 -2.52 46.46
C LYS B 64 -28.22 -4.00 46.68
N LYS B 65 -27.47 -4.59 45.74
CA LYS B 65 -26.89 -5.94 45.89
C LYS B 65 -26.11 -6.12 47.20
N PRO B 66 -26.40 -7.20 47.96
CA PRO B 66 -25.58 -7.54 49.14
C PRO B 66 -24.07 -7.72 48.87
N GLU B 67 -23.69 -8.45 47.81
CA GLU B 67 -22.28 -8.74 47.53
C GLU B 67 -21.54 -7.65 46.71
N ALA B 68 -22.10 -6.44 46.62
CA ALA B 68 -21.45 -5.28 45.95
C ALA B 68 -20.79 -4.29 46.93
N PHE B 69 -20.39 -4.78 48.10
CA PHE B 69 -19.94 -3.98 49.24
C PHE B 69 -19.46 -4.98 50.31
N SER B 70 -18.25 -4.85 50.83
CA SER B 70 -17.81 -5.74 51.92
C SER B 70 -18.64 -5.51 53.20
N ASP B 71 -18.51 -6.41 54.17
CA ASP B 71 -19.21 -6.25 55.44
C ASP B 71 -18.74 -5.01 56.19
N GLU B 72 -17.46 -4.67 56.06
CA GLU B 72 -16.91 -3.45 56.69
C GLU B 72 -17.29 -2.16 55.96
N MET B 73 -17.42 -2.23 54.63
CA MET B 73 -17.88 -1.08 53.85
C MET B 73 -19.40 -0.97 53.74
N ARG B 74 -20.10 -1.91 54.38
CA ARG B 74 -21.57 -1.92 54.45
C ARG B 74 -22.24 -0.56 54.78
N PRO B 75 -21.75 0.17 55.80
CA PRO B 75 -22.37 1.46 56.15
C PRO B 75 -22.65 2.43 54.99
N VAL B 76 -21.80 2.43 53.98
CA VAL B 76 -22.00 3.27 52.79
C VAL B 76 -23.25 2.81 52.01
N GLN B 77 -23.51 1.51 52.02
CA GLN B 77 -24.73 0.94 51.42
C GLN B 77 -25.97 1.34 52.22
N HIS B 78 -25.92 1.14 53.54
CA HIS B 78 -26.99 1.56 54.45
C HIS B 78 -27.24 3.07 54.35
N ALA B 79 -26.17 3.85 54.20
CA ALA B 79 -26.28 5.31 54.08
C ALA B 79 -26.99 5.77 52.80
N LEU B 80 -26.62 5.18 51.67
CA LEU B 80 -27.32 5.44 50.40
C LEU B 80 -28.77 4.96 50.40
N GLN B 81 -29.06 3.92 51.17
CA GLN B 81 -30.41 3.36 51.31
C GLN B 81 -31.34 4.33 52.06
N THR B 82 -30.85 4.96 53.13
CA THR B 82 -31.59 6.02 53.83
C THR B 82 -31.86 7.24 52.92
N MET B 83 -30.94 7.53 52.01
CA MET B 83 -31.08 8.65 51.06
C MET B 83 -32.13 8.34 49.96
N GLU B 84 -32.23 7.08 49.57
CA GLU B 84 -33.29 6.59 48.66
C GLU B 84 -34.70 6.83 49.25
N SER B 85 -34.90 6.48 50.52
CA SER B 85 -36.20 6.63 51.21
C SER B 85 -36.71 8.06 51.40
N ARG B 86 -35.84 9.05 51.23
CA ARG B 86 -36.22 10.47 51.35
C ARG B 86 -36.32 11.16 49.98
N GLY B 87 -36.14 10.41 48.90
CA GLY B 87 -36.32 10.91 47.53
C GLY B 87 -35.06 11.24 46.72
N VAL B 88 -33.89 11.05 47.33
CA VAL B 88 -32.65 11.49 46.69
C VAL B 88 -32.28 10.46 45.65
N HIS B 89 -32.21 10.89 44.39
CA HIS B 89 -31.77 10.07 43.25
C HIS B 89 -30.27 10.27 42.98
N PHE B 90 -29.55 9.17 42.76
CA PHE B 90 -28.11 9.21 42.56
C PHE B 90 -27.64 8.05 41.72
N VAL B 91 -26.50 8.21 41.05
CA VAL B 91 -25.86 7.10 40.37
C VAL B 91 -24.69 6.63 41.23
N TYR B 92 -24.67 5.33 41.54
CA TYR B 92 -23.47 4.68 42.04
C TYR B 92 -22.88 3.93 40.85
N GLY B 93 -21.57 4.09 40.66
CA GLY B 93 -20.90 3.42 39.55
C GLY B 93 -19.40 3.29 39.71
N ARG B 94 -18.73 3.10 38.57
CA ARG B 94 -17.28 3.06 38.47
C ARG B 94 -16.89 3.98 37.36
N TRP B 95 -16.03 4.93 37.66
CA TRP B 95 -15.59 5.90 36.68
C TRP B 95 -14.68 5.17 35.69
N LEU B 96 -14.99 5.29 34.39
CA LEU B 96 -14.33 4.52 33.34
C LEU B 96 -12.98 5.13 32.94
N ILE B 97 -12.07 5.09 33.91
CA ILE B 97 -10.70 5.64 33.81
C ILE B 97 -9.73 4.68 34.50
N GLU B 98 -8.44 4.81 34.24
CA GLU B 98 -7.46 3.96 34.90
C GLU B 98 -7.61 4.04 36.44
N GLY B 99 -7.72 2.88 37.09
CA GLY B 99 -7.98 2.80 38.52
C GLY B 99 -9.40 2.35 38.88
N ALA B 100 -10.38 2.75 38.07
CA ALA B 100 -11.80 2.45 38.32
C ALA B 100 -12.28 2.81 39.76
N PRO B 101 -12.14 4.09 40.14
CA PRO B 101 -12.60 4.52 41.46
C PRO B 101 -14.11 4.56 41.51
N LYS B 102 -14.70 4.04 42.60
CA LYS B 102 -16.16 4.04 42.72
C LYS B 102 -16.70 5.44 42.95
N VAL B 103 -17.84 5.77 42.33
CA VAL B 103 -18.42 7.14 42.38
C VAL B 103 -19.84 7.21 42.97
N ILE B 104 -20.22 8.42 43.41
CA ILE B 104 -21.54 8.73 43.93
C ILE B 104 -21.93 10.08 43.33
N LEU B 105 -22.85 10.08 42.38
CA LEU B 105 -23.20 11.29 41.64
C LEU B 105 -24.62 11.70 41.94
N PHE B 106 -24.78 12.69 42.82
CA PHE B 106 -26.10 13.09 43.31
C PHE B 106 -26.90 13.93 42.29
N ASP B 107 -28.10 13.44 41.96
CA ASP B 107 -29.04 14.16 41.10
C ASP B 107 -29.57 15.40 41.83
N LEU B 108 -29.08 16.57 41.42
CA LEU B 108 -29.46 17.84 42.03
C LEU B 108 -30.91 18.26 41.76
N ASP B 109 -31.52 17.73 40.70
CA ASP B 109 -32.97 17.91 40.47
C ASP B 109 -33.79 17.24 41.57
N SER B 110 -33.40 16.04 41.99
CA SER B 110 -34.18 15.22 42.94
C SER B 110 -33.97 15.66 44.38
N VAL B 111 -34.16 16.94 44.63
CA VAL B 111 -33.59 17.68 45.80
C VAL B 111 -33.85 19.20 45.65
N ARG B 112 -33.76 19.71 44.41
CA ARG B 112 -34.04 21.10 44.05
C ARG B 112 -35.23 21.76 44.76
N GLY B 113 -36.29 20.99 45.02
CA GLY B 113 -37.46 21.45 45.79
C GLY B 113 -37.21 21.91 47.22
N TYR B 114 -36.01 21.62 47.75
CA TYR B 114 -35.57 22.07 49.06
C TYR B 114 -34.72 23.36 48.97
N SER B 115 -34.57 23.93 47.77
CA SER B 115 -33.64 25.05 47.52
C SER B 115 -33.80 26.26 48.43
N ASN B 116 -35.00 26.83 48.49
CA ASN B 116 -35.28 28.05 49.28
C ASN B 116 -35.11 27.84 50.79
N GLU B 117 -35.57 26.70 51.27
CA GLU B 117 -35.36 26.29 52.66
C GLU B 117 -33.87 26.28 53.05
N TRP B 118 -33.04 25.71 52.17
CA TRP B 118 -31.58 25.56 52.40
C TRP B 118 -30.80 26.85 52.19
N LYS B 119 -31.14 27.62 51.15
CA LYS B 119 -30.53 28.95 50.94
C LYS B 119 -30.70 29.81 52.18
N GLY B 120 -31.92 29.83 52.73
CA GLY B 120 -32.21 30.54 53.98
C GLY B 120 -31.46 30.01 55.20
N ASP B 121 -31.26 28.69 55.25
CA ASP B 121 -30.42 28.03 56.26
C ASP B 121 -28.95 28.45 56.18
N LEU B 122 -28.46 28.71 54.97
CA LEU B 122 -27.08 29.19 54.78
C LEU B 122 -26.92 30.67 55.23
N TRP B 123 -27.91 31.50 54.94
CA TRP B 123 -27.93 32.90 55.45
C TRP B 123 -28.01 32.94 57.00
N SER B 124 -28.73 31.98 57.60
CA SER B 124 -28.83 31.86 59.07
C SER B 124 -27.52 31.35 59.70
N LEU B 125 -27.17 30.08 59.47
CA LEU B 125 -26.00 29.44 60.11
C LEU B 125 -24.63 30.07 59.78
N VAL B 126 -24.42 30.46 58.53
CA VAL B 126 -23.09 30.91 58.06
C VAL B 126 -23.01 32.39 57.65
N GLY B 127 -24.14 33.00 57.28
CA GLY B 127 -24.18 34.42 56.88
C GLY B 127 -23.58 34.65 55.50
N ILE B 128 -24.03 33.86 54.52
CA ILE B 128 -23.57 33.92 53.10
C ILE B 128 -24.76 34.21 52.17
N PRO B 129 -24.75 35.38 51.47
CA PRO B 129 -25.78 35.66 50.45
C PRO B 129 -25.86 34.59 49.35
N SER B 130 -27.05 34.40 48.77
CA SER B 130 -27.23 33.47 47.65
C SER B 130 -28.31 33.95 46.66
N PRO B 131 -27.98 34.96 45.82
CA PRO B 131 -28.83 35.45 44.73
C PRO B 131 -29.40 34.34 43.82
N GLU B 132 -30.71 34.43 43.53
CA GLU B 132 -31.42 33.42 42.73
C GLU B 132 -30.98 33.41 41.26
N ASN B 133 -30.55 34.57 40.75
CA ASN B 133 -30.05 34.70 39.37
C ASN B 133 -28.74 33.93 39.05
N ASP B 134 -27.95 33.55 40.07
CA ASP B 134 -26.69 32.79 39.88
C ASP B 134 -26.92 31.27 39.92
N PHE B 135 -27.11 30.67 38.74
CA PHE B 135 -27.43 29.23 38.60
C PHE B 135 -26.32 28.29 39.05
N GLU B 136 -25.07 28.73 38.94
CA GLU B 136 -23.92 27.95 39.45
C GLU B 136 -23.87 27.82 40.99
N THR B 137 -24.15 28.91 41.70
CA THR B 137 -24.19 28.92 43.18
C THR B 137 -25.45 28.27 43.76
N ASN B 138 -26.53 28.22 42.98
CA ASN B 138 -27.70 27.41 43.35
C ASN B 138 -27.30 25.94 43.44
N ASP B 139 -26.61 25.45 42.41
CA ASP B 139 -26.16 24.05 42.35
C ASP B 139 -25.10 23.71 43.41
N ALA B 140 -24.20 24.67 43.66
CA ALA B 140 -23.17 24.54 44.70
C ALA B 140 -23.73 24.40 46.11
N ILE B 141 -24.88 25.05 46.38
CA ILE B 141 -25.62 24.94 47.65
C ILE B 141 -26.37 23.59 47.74
N LEU B 142 -27.02 23.21 46.65
CA LEU B 142 -27.76 21.95 46.60
C LEU B 142 -26.84 20.74 46.78
N LEU B 143 -25.65 20.82 46.18
CA LEU B 143 -24.63 19.80 46.34
C LEU B 143 -24.09 19.78 47.78
N GLY B 144 -23.85 20.97 48.35
CA GLY B 144 -23.32 21.10 49.69
C GLY B 144 -24.20 20.51 50.78
N TYR B 145 -25.49 20.78 50.71
CA TYR B 145 -26.46 20.22 51.67
C TYR B 145 -26.65 18.72 51.48
N THR B 146 -26.73 18.29 50.22
CA THR B 146 -26.86 16.87 49.86
C THR B 146 -25.65 16.04 50.28
N VAL B 147 -24.45 16.59 50.10
CA VAL B 147 -23.22 15.89 50.45
C VAL B 147 -23.03 15.89 51.97
N ALA B 148 -23.32 17.00 52.65
CA ALA B 148 -23.27 17.06 54.13
C ALA B 148 -24.27 16.08 54.77
N TRP B 149 -25.44 15.97 54.16
CA TRP B 149 -26.46 14.97 54.50
C TRP B 149 -25.89 13.56 54.42
N PHE B 150 -25.29 13.23 53.26
CA PHE B 150 -24.70 11.90 53.01
C PHE B 150 -23.62 11.53 54.03
N LEU B 151 -22.70 12.46 54.29
CA LEU B 151 -21.59 12.22 55.22
C LEU B 151 -22.09 12.12 56.66
N GLY B 152 -23.05 12.97 57.03
CA GLY B 152 -23.71 12.87 58.35
C GLY B 152 -24.27 11.46 58.58
N GLU B 153 -24.95 10.94 57.56
CA GLU B 153 -25.47 9.57 57.59
C GLU B 153 -24.37 8.53 57.73
N VAL B 154 -23.30 8.68 56.95
CA VAL B 154 -22.22 7.68 56.95
C VAL B 154 -21.51 7.67 58.33
N ALA B 155 -21.30 8.85 58.90
CA ALA B 155 -20.71 8.96 60.24
C ALA B 155 -21.61 8.33 61.32
N HIS B 156 -22.92 8.44 61.14
CA HIS B 156 -23.90 7.73 61.98
C HIS B 156 -23.78 6.20 61.83
N LEU B 157 -23.89 5.71 60.60
CA LEU B 157 -23.97 4.27 60.33
C LEU B 157 -22.65 3.52 60.49
N ASP B 158 -21.53 4.19 60.24
CA ASP B 158 -20.18 3.62 60.43
C ASP B 158 -19.67 3.98 61.82
N SER B 159 -19.01 3.04 62.47
CA SER B 159 -18.31 3.34 63.72
C SER B 159 -17.08 2.43 63.93
N GLN B 160 -16.45 2.06 62.82
CA GLN B 160 -15.17 1.37 62.79
C GLN B 160 -14.09 2.33 62.26
N HIS B 161 -14.43 3.03 61.16
CA HIS B 161 -13.51 3.85 60.39
C HIS B 161 -13.64 5.34 60.70
N ALA B 162 -12.48 6.00 60.87
CA ALA B 162 -12.39 7.45 60.78
C ALA B 162 -12.70 7.81 59.34
N ILE B 163 -13.20 9.01 59.11
CA ILE B 163 -13.65 9.40 57.76
C ILE B 163 -12.96 10.71 57.34
N VAL B 164 -12.22 10.67 56.25
CA VAL B 164 -11.64 11.88 55.68
C VAL B 164 -12.55 12.31 54.56
N ALA B 165 -12.92 13.59 54.56
CA ALA B 165 -13.74 14.18 53.49
C ALA B 165 -12.98 15.34 52.85
N HIS B 166 -12.44 15.09 51.67
CA HIS B 166 -11.61 16.07 50.95
C HIS B 166 -12.52 16.77 49.93
N PHE B 167 -12.42 18.10 49.85
CA PHE B 167 -13.27 18.94 48.99
C PHE B 167 -12.44 19.81 48.07
N HIS B 168 -12.83 19.87 46.79
CA HIS B 168 -12.09 20.63 45.78
C HIS B 168 -12.86 21.85 45.16
N GLU B 169 -12.27 23.03 45.33
CA GLU B 169 -12.77 24.33 44.86
C GLU B 169 -14.08 24.80 45.53
N TRP B 170 -14.29 26.13 45.52
CA TRP B 170 -15.47 26.76 46.20
C TRP B 170 -16.86 26.22 45.81
N LEU B 171 -16.99 25.66 44.63
CA LEU B 171 -18.28 25.08 44.19
C LEU B 171 -18.60 23.78 44.93
N ALA B 172 -17.57 23.06 45.39
CA ALA B 172 -17.73 21.84 46.19
C ALA B 172 -17.82 22.09 47.70
N GLY B 173 -17.46 23.31 48.10
CA GLY B 173 -17.19 23.63 49.50
C GLY B 173 -18.31 24.18 50.36
N VAL B 174 -19.56 24.10 49.93
CA VAL B 174 -20.67 24.54 50.77
C VAL B 174 -20.90 23.54 51.94
N ALA B 175 -20.58 22.26 51.72
CA ALA B 175 -20.65 21.25 52.78
C ALA B 175 -19.64 21.47 53.91
N LEU B 176 -18.57 22.23 53.67
CA LEU B 176 -17.53 22.46 54.69
C LEU B 176 -18.02 23.29 55.88
N PRO B 177 -18.70 24.43 55.65
CA PRO B 177 -19.33 25.11 56.78
C PRO B 177 -20.36 24.29 57.55
N LEU B 178 -21.06 23.39 56.86
CA LEU B 178 -22.10 22.57 57.50
C LEU B 178 -21.51 21.44 58.36
N CYS B 179 -20.44 20.79 57.88
CA CYS B 179 -19.75 19.77 58.67
C CYS B 179 -19.20 20.27 60.02
N ARG B 180 -18.59 21.46 60.00
CA ARG B 180 -18.07 22.11 61.21
C ARG B 180 -19.20 22.53 62.13
N LYS B 181 -20.13 23.29 61.57
CA LYS B 181 -21.27 23.82 62.30
C LYS B 181 -22.19 22.73 62.86
N ARG B 182 -22.52 21.70 62.08
CA ARG B 182 -23.31 20.55 62.57
C ARG B 182 -22.51 19.52 63.40
N ARG B 183 -21.21 19.75 63.58
CA ARG B 183 -20.38 18.91 64.42
C ARG B 183 -20.31 17.43 63.96
N ILE B 184 -20.36 17.22 62.64
CA ILE B 184 -20.39 15.88 62.03
C ILE B 184 -19.05 15.22 62.25
N ASP B 185 -19.03 13.89 62.41
CA ASP B 185 -17.80 13.17 62.85
C ASP B 185 -16.89 12.65 61.71
N VAL B 186 -16.43 13.61 60.92
CA VAL B 186 -15.48 13.38 59.81
C VAL B 186 -14.43 14.49 59.87
N VAL B 187 -13.19 14.17 59.50
CA VAL B 187 -12.15 15.19 59.36
C VAL B 187 -12.15 15.72 57.92
N THR B 188 -11.99 17.04 57.76
CA THR B 188 -12.19 17.72 56.47
C THR B 188 -10.95 18.39 55.85
N ILE B 189 -10.83 18.31 54.53
CA ILE B 189 -9.78 18.98 53.81
C ILE B 189 -10.45 19.81 52.74
N PHE B 190 -9.92 21.00 52.54
CA PHE B 190 -10.34 21.88 51.47
C PHE B 190 -9.10 22.26 50.67
N THR B 191 -9.15 21.96 49.36
CA THR B 191 -8.07 22.31 48.43
C THR B 191 -8.60 23.37 47.44
N THR B 192 -8.04 24.57 47.42
CA THR B 192 -8.41 25.59 46.44
C THR B 192 -7.31 25.69 45.39
N HIS B 193 -7.72 25.48 44.14
CA HIS B 193 -6.86 25.45 42.96
C HIS B 193 -6.60 26.83 42.38
N ALA B 194 -7.44 27.79 42.71
CA ALA B 194 -7.14 29.22 42.50
C ALA B 194 -7.77 29.98 43.65
N THR B 195 -7.86 31.30 43.51
CA THR B 195 -8.78 32.11 44.31
C THR B 195 -9.61 32.97 43.36
N LEU B 196 -10.80 33.35 43.82
CA LEU B 196 -11.72 34.20 43.05
C LEU B 196 -11.16 35.59 42.92
N LEU B 197 -10.71 36.17 44.01
CA LEU B 197 -10.18 37.53 43.92
C LEU B 197 -8.88 37.64 43.13
N GLY B 198 -8.02 36.63 43.24
CA GLY B 198 -6.77 36.61 42.47
C GLY B 198 -6.97 36.54 40.97
N ARG B 199 -7.88 35.67 40.52
CA ARG B 199 -8.27 35.62 39.10
C ARG B 199 -8.73 37.02 38.60
N TYR B 200 -9.82 37.54 39.18
CA TYR B 200 -10.45 38.80 38.75
C TYR B 200 -9.54 40.03 38.87
N LEU B 201 -8.60 40.00 39.82
CA LEU B 201 -7.62 41.09 39.97
C LEU B 201 -6.61 41.08 38.83
N CYS B 202 -6.06 39.92 38.51
CA CYS B 202 -5.09 39.83 37.43
C CYS B 202 -5.70 40.16 36.09
N ALA B 203 -6.92 39.65 35.86
CA ALA B 203 -7.65 39.89 34.61
C ALA B 203 -8.15 41.33 34.59
N SER B 204 -7.36 42.21 33.98
CA SER B 204 -7.49 43.71 34.07
C SER B 204 -6.14 44.49 34.09
N GLY B 205 -4.99 43.78 34.16
CA GLY B 205 -3.65 44.39 34.12
C GLY B 205 -3.47 45.62 35.01
N SER B 206 -4.28 45.69 36.07
CA SER B 206 -4.60 46.94 36.79
C SER B 206 -3.62 47.34 37.93
N PHE B 207 -2.79 46.39 38.37
CA PHE B 207 -1.64 46.67 39.25
C PHE B 207 -0.72 45.46 39.38
N ASP B 208 0.47 45.71 39.89
CA ASP B 208 1.48 44.66 40.14
C ASP B 208 0.97 43.69 41.23
N PHE B 209 0.01 42.83 40.86
CA PHE B 209 -0.68 41.92 41.79
C PHE B 209 0.28 41.08 42.65
N TYR B 210 1.46 40.71 42.15
CA TYR B 210 2.38 39.82 42.89
C TYR B 210 3.30 40.50 43.91
N ASN B 211 3.57 41.80 43.71
CA ASN B 211 4.34 42.60 44.68
C ASN B 211 3.50 43.39 45.70
N CYS B 212 2.27 43.76 45.33
CA CYS B 212 1.46 44.68 46.12
C CYS B 212 0.09 44.13 46.54
N LEU B 213 -0.10 42.81 46.58
CA LEU B 213 -1.41 42.24 46.97
C LEU B 213 -1.67 42.32 48.48
N GLU B 214 -0.62 42.51 49.28
CA GLU B 214 -0.78 42.71 50.73
C GLU B 214 -1.60 43.97 51.03
N SER B 215 -1.43 45.03 50.23
CA SER B 215 -2.24 46.26 50.32
C SER B 215 -3.52 46.23 49.44
N VAL B 216 -4.37 45.24 49.70
CA VAL B 216 -5.66 45.03 49.01
C VAL B 216 -6.74 44.86 50.08
N ASP B 217 -7.92 45.42 49.84
CA ASP B 217 -9.04 45.30 50.75
C ASP B 217 -9.98 44.24 50.22
N VAL B 218 -10.02 43.08 50.87
CA VAL B 218 -10.78 41.94 50.34
C VAL B 218 -12.30 42.16 50.29
N ASP B 219 -12.82 42.96 51.22
CA ASP B 219 -14.29 43.10 51.33
C ASP B 219 -14.89 44.01 50.27
N HIS B 220 -14.17 45.08 49.89
CA HIS B 220 -14.66 45.93 48.80
C HIS B 220 -13.96 45.84 47.41
N GLU B 221 -12.89 45.03 47.29
CA GLU B 221 -12.45 44.55 45.95
C GLU B 221 -13.35 43.42 45.44
N ALA B 222 -13.88 42.60 46.35
CA ALA B 222 -14.89 41.58 46.02
C ALA B 222 -16.26 42.15 45.72
N GLY B 223 -16.61 43.26 46.38
CA GLY B 223 -17.88 43.95 46.14
C GLY B 223 -17.99 44.49 44.72
N ARG B 224 -16.93 45.16 44.28
CA ARG B 224 -16.89 45.78 42.95
C ARG B 224 -16.89 44.80 41.77
N PHE B 225 -16.18 43.68 41.91
CA PHE B 225 -16.24 42.58 40.92
C PHE B 225 -17.61 41.84 40.86
N GLY B 226 -18.53 42.13 41.78
CA GLY B 226 -19.87 41.54 41.78
C GLY B 226 -19.83 40.07 42.17
N ILE B 227 -18.91 39.77 43.08
CA ILE B 227 -18.44 38.40 43.34
C ILE B 227 -18.63 38.04 44.83
N TYR B 228 -19.27 38.91 45.61
CA TYR B 228 -19.30 38.76 47.06
C TYR B 228 -19.90 37.42 47.54
N HIS B 229 -21.05 37.02 47.00
CA HIS B 229 -21.70 35.74 47.38
C HIS B 229 -20.83 34.51 47.10
N ARG B 230 -20.05 34.55 46.03
CA ARG B 230 -19.14 33.48 45.66
C ARG B 230 -17.94 33.48 46.58
N TYR B 231 -17.25 34.64 46.64
CA TYR B 231 -16.11 34.86 47.53
C TYR B 231 -16.39 34.42 48.97
N CYS B 232 -17.61 34.65 49.45
CA CYS B 232 -18.02 34.21 50.77
C CYS B 232 -18.01 32.68 50.92
N ILE B 233 -18.46 31.96 49.90
CA ILE B 233 -18.47 30.49 49.95
C ILE B 233 -17.04 29.93 49.97
N GLU B 234 -16.16 30.52 49.14
CA GLU B 234 -14.74 30.12 49.05
C GLU B 234 -14.00 30.38 50.36
N ARG B 235 -14.34 31.48 51.02
CA ARG B 235 -13.74 31.84 52.29
C ARG B 235 -14.25 30.90 53.38
N ALA B 236 -15.57 30.73 53.43
CA ALA B 236 -16.18 29.83 54.40
C ALA B 236 -15.73 28.39 54.25
N ALA B 237 -15.38 27.98 53.03
CA ALA B 237 -14.74 26.67 52.80
C ALA B 237 -13.33 26.61 53.37
N ALA B 238 -12.53 27.62 53.03
CA ALA B 238 -11.17 27.75 53.52
C ALA B 238 -11.13 27.77 55.06
N HIS B 239 -12.09 28.47 55.67
CA HIS B 239 -12.12 28.69 57.14
C HIS B 239 -12.73 27.52 57.93
N SER B 240 -13.78 26.91 57.41
CA SER B 240 -14.41 25.76 58.06
C SER B 240 -13.57 24.48 58.08
N ALA B 241 -12.66 24.31 57.11
CA ALA B 241 -11.94 23.04 56.94
C ALA B 241 -10.90 22.77 58.04
N ASP B 242 -10.78 21.51 58.43
CA ASP B 242 -9.74 21.10 59.36
C ASP B 242 -8.36 21.43 58.78
N VAL B 243 -8.15 21.05 57.53
CA VAL B 243 -6.89 21.29 56.80
C VAL B 243 -7.21 22.12 55.57
N PHE B 244 -6.39 23.15 55.30
CA PHE B 244 -6.57 24.03 54.13
C PHE B 244 -5.33 24.00 53.27
N THR B 245 -5.52 23.74 51.96
CA THR B 245 -4.41 23.53 51.00
C THR B 245 -4.66 24.32 49.70
N THR B 246 -3.60 24.78 49.04
CA THR B 246 -3.68 25.12 47.61
C THR B 246 -2.62 24.30 46.88
N VAL B 247 -2.26 24.75 45.68
CA VAL B 247 -1.47 23.99 44.74
C VAL B 247 -0.08 24.58 44.45
N SER B 248 0.26 25.72 45.05
CA SER B 248 1.61 26.26 44.90
C SER B 248 1.89 27.23 46.01
N GLN B 249 3.17 27.53 46.23
CA GLN B 249 3.60 28.58 47.15
C GLN B 249 3.08 29.96 46.73
N ILE B 250 3.15 30.25 45.42
CA ILE B 250 2.58 31.48 44.84
C ILE B 250 1.12 31.68 45.25
N THR B 251 0.33 30.61 45.12
CA THR B 251 -1.09 30.64 45.46
C THR B 251 -1.32 30.60 46.96
N ALA B 252 -0.43 29.95 47.70
CA ALA B 252 -0.50 29.94 49.17
C ALA B 252 -0.37 31.35 49.75
N PHE B 253 0.64 32.09 49.28
CA PHE B 253 0.80 33.54 49.55
C PHE B 253 -0.48 34.31 49.26
N GLU B 254 -1.02 34.08 48.07
CA GLU B 254 -2.24 34.75 47.63
C GLU B 254 -3.45 34.40 48.46
N ALA B 255 -3.59 33.12 48.80
CA ALA B 255 -4.74 32.62 49.57
C ALA B 255 -4.69 33.10 51.04
N GLU B 256 -3.50 33.41 51.56
CA GLU B 256 -3.34 33.91 52.93
C GLU B 256 -3.94 35.32 53.02
N HIS B 257 -3.49 36.21 52.14
CA HIS B 257 -3.94 37.62 52.20
C HIS B 257 -5.33 37.85 51.62
N LEU B 258 -5.76 37.04 50.65
CA LEU B 258 -7.10 37.21 50.05
C LEU B 258 -8.25 36.43 50.69
N LEU B 259 -7.97 35.27 51.30
CA LEU B 259 -9.00 34.45 52.01
C LEU B 259 -8.83 34.40 53.54
N LYS B 260 -7.71 34.95 54.05
CA LYS B 260 -7.50 35.20 55.48
C LYS B 260 -7.21 33.96 56.29
N ARG B 261 -6.68 32.95 55.63
CA ARG B 261 -6.16 31.78 56.33
C ARG B 261 -4.89 31.31 55.65
N LYS B 262 -3.86 31.04 56.44
CA LYS B 262 -2.62 30.52 55.89
C LYS B 262 -2.86 29.05 55.57
N PRO B 263 -2.57 28.64 54.33
CA PRO B 263 -2.77 27.23 54.01
C PRO B 263 -1.83 26.37 54.80
N ASP B 264 -2.31 25.20 55.21
CA ASP B 264 -1.52 24.29 56.01
C ASP B 264 -0.48 23.52 55.19
N GLY B 265 -0.44 23.75 53.89
CA GLY B 265 0.52 23.10 53.05
C GLY B 265 0.11 23.15 51.61
N ILE B 266 0.91 22.48 50.79
CA ILE B 266 0.82 22.60 49.35
C ILE B 266 0.62 21.20 48.75
N LEU B 267 -0.40 21.11 47.89
CA LEU B 267 -0.69 19.91 47.09
C LEU B 267 -0.53 20.20 45.57
N PRO B 268 0.73 20.24 45.09
CA PRO B 268 0.93 20.45 43.66
C PRO B 268 0.33 19.30 42.87
N ASN B 269 -0.19 19.60 41.68
CA ASN B 269 -0.78 18.60 40.81
C ASN B 269 0.29 17.70 40.25
N GLY B 270 -0.13 16.47 40.01
CA GLY B 270 0.72 15.45 39.44
C GLY B 270 0.06 15.01 38.16
N LEU B 271 0.81 14.22 37.40
CA LEU B 271 0.35 13.65 36.13
C LEU B 271 0.51 12.15 36.18
N ASN B 272 -0.35 11.44 35.45
CA ASN B 272 -0.24 9.98 35.34
C ASN B 272 0.59 9.67 34.10
N VAL B 273 1.89 9.78 34.25
CA VAL B 273 2.80 9.89 33.13
C VAL B 273 2.94 8.54 32.44
N ILE B 274 2.61 8.47 31.13
CA ILE B 274 2.76 7.19 30.40
C ILE B 274 4.25 6.95 30.13
N LYS B 275 4.78 5.85 30.65
CA LYS B 275 6.20 5.51 30.48
C LYS B 275 6.39 4.55 29.29
N PHE B 276 7.62 4.43 28.80
CA PHE B 276 7.91 3.55 27.66
C PHE B 276 9.03 2.60 28.03
N GLN B 277 9.06 1.42 27.42
CA GLN B 277 10.05 0.42 27.77
C GLN B 277 11.46 0.90 27.41
N ALA B 278 11.59 1.47 26.22
CA ALA B 278 12.86 2.08 25.80
C ALA B 278 12.88 3.54 26.18
N PHE B 279 14.01 3.98 26.70
CA PHE B 279 14.14 5.32 27.25
C PHE B 279 13.96 6.36 26.13
N HIS B 280 14.41 6.02 24.92
CA HIS B 280 14.37 6.92 23.76
C HIS B 280 13.07 6.88 22.94
N GLU B 281 12.12 6.03 23.28
CA GLU B 281 10.87 5.96 22.53
C GLU B 281 10.20 7.32 22.31
N PHE B 282 10.18 8.17 23.34
CA PHE B 282 9.54 9.50 23.21
C PHE B 282 10.14 10.37 22.08
N GLN B 283 11.41 10.13 21.75
CA GLN B 283 12.04 10.80 20.60
C GLN B 283 11.43 10.35 19.26
N ASN B 284 11.24 9.05 19.12
CA ASN B 284 10.66 8.48 17.91
C ASN B 284 9.27 9.06 17.70
N LEU B 285 8.52 9.20 18.80
CA LEU B 285 7.20 9.81 18.76
C LEU B 285 7.21 11.27 18.37
N HIS B 286 8.12 12.06 18.91
CA HIS B 286 8.27 13.43 18.44
C HIS B 286 8.27 13.48 16.90
N ALA B 287 9.12 12.66 16.29
CA ALA B 287 9.26 12.62 14.83
C ALA B 287 8.04 12.19 14.05
N LEU B 288 7.27 11.23 14.57
CA LEU B 288 6.03 10.74 13.95
C LEU B 288 4.97 11.78 13.99
N LYS B 289 4.67 12.28 15.17
CA LYS B 289 3.60 13.26 15.33
C LYS B 289 3.95 14.56 14.64
N LYS B 290 5.25 14.88 14.59
CA LYS B 290 5.72 16.07 13.88
C LYS B 290 5.33 15.98 12.42
N GLU B 291 5.46 14.79 11.83
CA GLU B 291 5.01 14.56 10.46
C GLU B 291 3.50 14.84 10.25
N LYS B 292 2.67 14.56 11.22
CA LYS B 292 1.26 14.95 11.10
C LYS B 292 1.05 16.46 11.13
N ILE B 293 1.89 17.16 11.89
CA ILE B 293 1.86 18.61 11.88
C ILE B 293 2.36 19.10 10.52
N ASN B 294 3.51 18.61 10.06
CA ASN B 294 4.02 18.91 8.72
C ASN B 294 2.90 18.76 7.64
N ASP B 295 2.14 17.68 7.74
CA ASP B 295 1.14 17.43 6.75
C ASP B 295 0.05 18.50 6.78
N PHE B 296 -0.35 18.92 7.98
CA PHE B 296 -1.29 20.02 8.12
C PHE B 296 -0.74 21.31 7.54
N VAL B 297 0.52 21.61 7.87
CA VAL B 297 1.17 22.86 7.50
C VAL B 297 1.22 23.03 5.99
N ARG B 298 1.65 21.98 5.31
CA ARG B 298 1.61 21.93 3.85
C ARG B 298 0.26 22.32 3.25
N GLY B 299 -0.82 21.76 3.78
CA GLY B 299 -2.17 22.12 3.32
C GLY B 299 -2.57 23.57 3.64
N HIS B 300 -2.23 24.02 4.82
CA HIS B 300 -2.54 25.37 5.22
C HIS B 300 -1.77 26.43 4.41
N PHE B 301 -0.57 26.05 3.95
CA PHE B 301 0.30 26.90 3.13
C PHE B 301 0.29 26.58 1.60
N HIS B 302 -0.73 25.84 1.15
CA HIS B 302 -0.80 25.43 -0.25
C HIS B 302 -0.77 26.72 -1.05
N GLY B 303 0.04 26.76 -2.10
CA GLY B 303 0.30 28.00 -2.80
C GLY B 303 1.52 28.71 -2.29
N CYS B 304 1.53 29.13 -1.01
CA CYS B 304 2.65 29.96 -0.47
C CYS B 304 3.71 29.18 0.34
N PHE B 305 4.04 27.97 -0.14
CA PHE B 305 4.99 27.08 0.55
C PHE B 305 6.43 27.37 0.09
N ASP B 306 7.05 28.35 0.75
CA ASP B 306 8.40 28.82 0.42
C ASP B 306 9.47 28.42 1.43
N PHE B 307 9.18 27.47 2.33
CA PHE B 307 10.17 27.08 3.36
C PHE B 307 10.38 25.54 3.55
N ASP B 308 11.53 25.20 4.15
CA ASP B 308 11.93 23.81 4.41
C ASP B 308 11.44 23.34 5.79
N LEU B 309 10.58 22.34 5.84
CA LEU B 309 10.09 21.84 7.12
C LEU B 309 11.18 21.18 7.97
N ASP B 310 12.27 20.72 7.36
CA ASP B 310 13.43 20.26 8.16
C ASP B 310 14.15 21.37 8.90
N ASN B 311 13.97 22.62 8.48
CA ASN B 311 14.52 23.79 9.14
C ASN B 311 13.40 24.72 9.63
N THR B 312 12.27 24.11 9.98
CA THR B 312 11.15 24.82 10.55
C THR B 312 10.84 24.26 11.94
N LEU B 313 10.44 25.16 12.85
CA LEU B 313 10.19 24.85 14.26
C LEU B 313 8.79 25.27 14.64
N TYR B 314 8.17 24.45 15.49
CA TYR B 314 6.78 24.58 15.89
C TYR B 314 6.68 25.00 17.35
N PHE B 315 6.24 26.25 17.57
CA PHE B 315 5.98 26.78 18.90
C PHE B 315 4.48 26.75 19.10
N PHE B 316 4.05 26.68 20.35
CA PHE B 316 2.63 26.71 20.61
C PHE B 316 2.29 27.27 21.99
N ILE B 317 1.05 27.70 22.09
CA ILE B 317 0.44 28.07 23.33
C ILE B 317 -0.92 27.37 23.37
N ALA B 318 -1.29 26.84 24.53
CA ALA B 318 -2.61 26.26 24.66
C ALA B 318 -3.14 26.54 26.07
N GLY B 319 -4.46 26.43 26.21
CA GLY B 319 -5.20 26.69 27.44
C GLY B 319 -6.55 27.29 27.10
N ARG B 320 -7.29 27.73 28.13
CA ARG B 320 -8.54 28.45 27.87
C ARG B 320 -8.24 29.77 27.20
N TYR B 321 -9.22 30.26 26.44
CA TYR B 321 -9.16 31.61 25.91
C TYR B 321 -9.22 32.52 27.13
N GLU B 322 -8.06 33.12 27.39
CA GLU B 322 -7.81 33.83 28.60
C GLU B 322 -6.66 34.78 28.24
N TYR B 323 -7.01 35.83 27.48
CA TYR B 323 -6.04 36.62 26.68
C TYR B 323 -4.93 37.22 27.53
N LYS B 324 -5.32 37.79 28.68
CA LYS B 324 -4.40 38.46 29.62
C LYS B 324 -3.76 37.46 30.52
N ASN B 325 -4.60 36.65 31.17
CA ASN B 325 -4.17 35.76 32.23
C ASN B 325 -3.24 34.62 31.75
N LYS B 326 -3.54 33.99 30.61
CA LYS B 326 -2.72 32.85 30.11
C LYS B 326 -1.57 33.20 29.15
N GLY B 327 -1.45 34.49 28.84
CA GLY B 327 -0.27 35.05 28.20
C GLY B 327 -0.34 35.30 26.71
N ALA B 328 -1.53 35.25 26.13
CA ALA B 328 -1.65 35.31 24.68
C ALA B 328 -1.09 36.62 24.16
N ASP B 329 -1.45 37.73 24.81
CA ASP B 329 -0.91 39.06 24.47
C ASP B 329 0.62 39.10 24.33
N MET B 330 1.34 38.56 25.32
CA MET B 330 2.81 38.53 25.32
C MET B 330 3.35 37.56 24.27
N PHE B 331 2.69 36.43 24.13
CA PHE B 331 3.08 35.45 23.14
C PHE B 331 3.09 36.07 21.73
N ILE B 332 1.98 36.72 21.38
CA ILE B 332 1.83 37.29 20.05
C ILE B 332 2.82 38.43 19.85
N GLU B 333 3.00 39.26 20.88
CA GLU B 333 3.90 40.42 20.82
C GLU B 333 5.34 39.99 20.62
N ALA B 334 5.78 39.05 21.44
CA ALA B 334 7.15 38.51 21.38
C ALA B 334 7.50 37.92 20.01
N LEU B 335 6.57 37.12 19.48
CA LEU B 335 6.74 36.51 18.15
C LEU B 335 6.91 37.54 17.03
N ALA B 336 6.16 38.65 17.12
CA ALA B 336 6.29 39.77 16.18
C ALA B 336 7.68 40.42 16.23
N ARG B 337 8.22 40.55 17.44
CA ARG B 337 9.59 41.04 17.65
C ARG B 337 10.64 40.01 17.25
N LEU B 338 10.39 38.73 17.57
CA LEU B 338 11.23 37.62 17.12
C LEU B 338 11.30 37.61 15.60
N ASN B 339 10.14 37.84 14.98
CA ASN B 339 10.07 37.93 13.53
C ASN B 339 11.06 38.96 13.04
N TYR B 340 11.04 40.14 13.67
CA TYR B 340 11.94 41.22 13.31
C TYR B 340 13.41 40.80 13.45
N ARG B 341 13.78 40.28 14.63
CA ARG B 341 15.17 39.85 14.90
C ARG B 341 15.72 38.85 13.88
N LEU B 342 14.86 37.93 13.41
CA LEU B 342 15.26 36.82 12.51
C LEU B 342 15.47 37.27 11.09
N LYS B 343 14.70 38.26 10.63
CA LYS B 343 14.99 38.94 9.36
C LYS B 343 16.32 39.69 9.43
N VAL B 344 16.48 40.53 10.44
CA VAL B 344 17.71 41.31 10.67
C VAL B 344 18.96 40.43 10.76
N SER B 345 18.84 39.26 11.39
CA SER B 345 19.97 38.35 11.58
C SER B 345 20.16 37.38 10.43
N GLY B 346 19.38 37.53 9.36
CA GLY B 346 19.47 36.64 8.20
C GLY B 346 19.33 35.17 8.55
N SER B 347 18.48 34.89 9.53
CA SER B 347 18.19 33.53 9.95
C SER B 347 17.42 32.89 8.80
N LYS B 348 17.72 31.62 8.59
CA LYS B 348 17.08 30.80 7.55
C LYS B 348 16.05 29.88 8.19
N LYS B 349 15.86 30.00 9.50
CA LYS B 349 14.88 29.19 10.21
C LYS B 349 13.50 29.78 9.97
N THR B 350 12.48 28.95 10.19
CA THR B 350 11.10 29.40 10.15
C THR B 350 10.46 28.95 11.43
N VAL B 351 9.58 29.76 11.99
CA VAL B 351 8.83 29.37 13.17
C VAL B 351 7.37 29.38 12.81
N VAL B 352 6.67 28.28 13.03
CA VAL B 352 5.23 28.24 12.86
C VAL B 352 4.56 28.15 14.22
N ALA B 353 3.93 29.24 14.64
CA ALA B 353 3.34 29.36 15.94
C ALA B 353 1.85 29.03 15.89
N PHE B 354 1.42 28.11 16.74
CA PHE B 354 0.00 27.79 16.89
C PHE B 354 -0.52 28.39 18.18
N ILE B 355 -1.80 28.77 18.19
CA ILE B 355 -2.49 29.31 19.35
C ILE B 355 -3.72 28.42 19.44
N VAL B 356 -3.76 27.56 20.45
CA VAL B 356 -4.86 26.62 20.58
C VAL B 356 -5.65 27.04 21.81
N MET B 357 -6.62 27.94 21.59
CA MET B 357 -7.50 28.49 22.64
C MET B 357 -8.93 28.50 22.11
N PRO B 358 -9.87 27.77 22.76
CA PRO B 358 -11.24 27.72 22.23
C PRO B 358 -12.00 29.03 22.30
N ALA B 359 -12.54 29.44 21.17
CA ALA B 359 -13.35 30.65 21.05
C ALA B 359 -14.66 30.24 20.37
N LYS B 360 -15.65 31.12 20.41
CA LYS B 360 -16.95 30.88 19.76
C LYS B 360 -16.79 30.84 18.22
N ASN B 361 -17.09 29.70 17.60
CA ASN B 361 -16.86 29.55 16.16
C ASN B 361 -17.93 28.73 15.44
N ASN B 362 -17.94 28.83 14.12
CA ASN B 362 -18.87 28.08 13.24
C ASN B 362 -18.14 26.97 12.44
N SER B 363 -17.28 26.21 13.11
CA SER B 363 -16.50 25.16 12.44
C SER B 363 -15.44 25.73 11.48
N PHE B 364 -14.80 24.84 10.73
CA PHE B 364 -13.59 25.14 9.95
C PHE B 364 -13.98 25.95 8.75
N THR B 365 -13.06 26.75 8.22
CA THR B 365 -13.30 27.47 6.97
C THR B 365 -13.36 26.44 5.85
N VAL B 366 -14.12 26.74 4.82
CA VAL B 366 -14.03 25.97 3.57
C VAL B 366 -12.58 25.88 3.07
N GLU B 367 -11.83 26.98 3.19
CA GLU B 367 -10.43 27.02 2.77
C GLU B 367 -9.57 26.01 3.50
N ALA B 368 -9.83 25.84 4.80
CA ALA B 368 -9.05 24.89 5.59
C ALA B 368 -9.24 23.46 5.11
N LEU B 369 -10.49 23.10 4.84
CA LEU B 369 -10.83 21.75 4.44
C LEU B 369 -10.37 21.48 3.01
N LYS B 370 -10.71 22.39 2.11
CA LYS B 370 -10.27 22.30 0.71
C LYS B 370 -8.76 22.11 0.60
N GLY B 371 -8.02 22.94 1.35
CA GLY B 371 -6.58 22.86 1.43
C GLY B 371 -6.06 21.45 1.67
N GLN B 372 -6.60 20.75 2.68
CA GLN B 372 -6.19 19.38 2.95
C GLN B 372 -6.54 18.49 1.77
N ALA B 373 -7.76 18.61 1.25
CA ALA B 373 -8.23 17.71 0.20
C ALA B 373 -7.43 17.85 -1.10
N GLU B 374 -7.10 19.09 -1.47
CA GLU B 374 -6.25 19.36 -2.63
C GLU B 374 -4.86 18.73 -2.50
N VAL B 375 -4.29 18.78 -1.30
CA VAL B 375 -3.00 18.14 -1.02
C VAL B 375 -3.09 16.61 -0.96
N ARG B 376 -4.15 16.05 -0.40
CA ARG B 376 -4.38 14.61 -0.50
C ARG B 376 -4.46 14.15 -1.94
N ALA B 377 -5.17 14.90 -2.76
CA ALA B 377 -5.31 14.60 -4.18
C ALA B 377 -3.95 14.58 -4.91
N LEU B 378 -3.08 15.54 -4.55
CA LEU B 378 -1.74 15.59 -5.09
C LEU B 378 -0.96 14.36 -4.64
N GLU B 379 -1.03 14.02 -3.35
CA GLU B 379 -0.40 12.81 -2.78
C GLU B 379 -0.86 11.53 -3.49
N ASN B 380 -2.11 11.44 -3.89
CA ASN B 380 -2.63 10.21 -4.50
C ASN B 380 -2.23 10.12 -5.97
N THR B 381 -2.10 11.26 -6.62
CA THR B 381 -1.64 11.29 -7.99
C THR B 381 -0.17 10.93 -8.03
N VAL B 382 0.59 11.47 -7.09
CA VAL B 382 2.00 11.15 -6.99
C VAL B 382 2.23 9.65 -6.79
N HIS B 383 1.39 9.01 -5.96
CA HIS B 383 1.44 7.55 -5.76
C HIS B 383 1.20 6.81 -7.07
N GLU B 384 0.14 7.21 -7.77
CA GLU B 384 -0.17 6.61 -9.06
C GLU B 384 1.00 6.71 -10.02
N VAL B 385 1.53 7.92 -10.20
CA VAL B 385 2.70 8.17 -11.05
C VAL B 385 3.94 7.36 -10.64
N THR B 386 4.27 7.31 -9.35
CA THR B 386 5.43 6.52 -8.94
C THR B 386 5.27 5.01 -9.16
N THR B 387 4.04 4.49 -9.02
CA THR B 387 3.81 3.09 -9.32
C THR B 387 4.20 2.81 -10.78
N SER B 388 3.78 3.68 -11.69
CA SER B 388 4.16 3.56 -13.10
C SER B 388 5.67 3.65 -13.29
N ILE B 389 6.29 4.61 -12.62
CA ILE B 389 7.74 4.79 -12.68
C ILE B 389 8.46 3.52 -12.28
N GLY B 390 7.99 2.91 -11.21
CA GLY B 390 8.54 1.67 -10.75
C GLY B 390 8.48 0.56 -11.78
N LYS B 391 7.37 0.49 -12.48
CA LYS B 391 7.20 -0.54 -13.48
C LYS B 391 8.21 -0.34 -14.62
N ARG B 392 8.51 0.93 -14.91
CA ARG B 392 9.45 1.29 -15.96
C ARG B 392 10.93 1.09 -15.57
N ILE B 393 11.25 1.33 -14.30
CA ILE B 393 12.59 1.09 -13.76
C ILE B 393 12.85 -0.40 -13.66
N PHE B 394 11.83 -1.09 -13.16
CA PHE B 394 11.89 -2.53 -12.99
C PHE B 394 12.11 -3.18 -14.33
N ASP B 395 11.43 -2.67 -15.36
CA ASP B 395 11.56 -3.28 -16.65
C ASP B 395 12.98 -3.12 -17.18
N HIS B 396 13.48 -1.89 -17.12
CA HIS B 396 14.83 -1.59 -17.52
C HIS B 396 15.79 -2.51 -16.80
N ALA B 397 15.63 -2.66 -15.49
CA ALA B 397 16.58 -3.38 -14.67
C ALA B 397 16.57 -4.88 -14.92
N ILE B 398 15.39 -5.47 -15.07
CA ILE B 398 15.26 -6.90 -15.40
C ILE B 398 15.72 -7.23 -16.84
N ARG B 399 15.73 -6.22 -17.72
CA ARG B 399 16.01 -6.40 -19.16
C ARG B 399 17.46 -6.17 -19.52
N TYR B 400 18.14 -5.30 -18.77
CA TYR B 400 19.55 -4.97 -19.06
C TYR B 400 20.41 -6.24 -19.14
N PRO B 401 21.40 -6.32 -20.02
CA PRO B 401 21.77 -5.36 -21.05
C PRO B 401 21.10 -5.58 -22.43
N HIS B 402 19.94 -6.24 -22.46
CA HIS B 402 19.35 -6.66 -23.72
C HIS B 402 18.49 -5.56 -24.33
N ASN B 403 18.07 -5.80 -25.58
CA ASN B 403 17.14 -4.95 -26.31
C ASN B 403 17.63 -3.53 -26.37
N GLY B 404 18.94 -3.39 -26.63
CA GLY B 404 19.55 -2.10 -26.80
C GLY B 404 19.67 -1.25 -25.55
N LEU B 405 19.58 -1.84 -24.36
CA LEU B 405 19.68 -1.07 -23.12
C LEU B 405 21.12 -1.08 -22.68
N THR B 406 21.80 0.02 -22.98
CA THR B 406 23.22 0.09 -22.85
C THR B 406 23.65 0.42 -21.41
N THR B 407 22.83 1.17 -20.67
CA THR B 407 23.09 1.50 -19.25
C THR B 407 22.19 0.66 -18.32
N GLU B 408 22.70 0.35 -17.13
CA GLU B 408 21.99 -0.50 -16.16
C GLU B 408 20.73 0.19 -15.65
N LEU B 409 20.75 1.52 -15.64
CA LEU B 409 19.60 2.26 -15.21
C LEU B 409 19.15 3.25 -16.26
N PRO B 410 17.88 3.68 -16.16
CA PRO B 410 17.47 4.79 -16.99
C PRO B 410 18.35 5.99 -16.69
N THR B 411 18.75 6.69 -17.73
CA THR B 411 19.54 7.90 -17.58
C THR B 411 18.71 9.17 -17.76
N ASP B 412 17.57 9.05 -18.41
CA ASP B 412 16.75 10.19 -18.78
C ASP B 412 15.33 10.09 -18.22
N LEU B 413 14.86 11.21 -17.68
CA LEU B 413 13.55 11.27 -17.06
C LEU B 413 12.43 10.93 -18.02
N GLY B 414 12.63 11.22 -19.30
CA GLY B 414 11.73 10.77 -20.35
C GLY B 414 11.38 9.28 -20.34
N GLU B 415 12.37 8.42 -20.08
CA GLU B 415 12.11 6.96 -20.00
C GLU B 415 11.08 6.58 -18.93
N LEU B 416 10.98 7.38 -17.86
CA LEU B 416 10.16 7.07 -16.69
C LEU B 416 8.84 7.84 -16.55
N LEU B 417 8.90 9.15 -16.81
CA LEU B 417 7.79 10.07 -16.51
C LEU B 417 7.15 10.49 -17.82
N LYS B 418 5.97 9.95 -18.12
CA LYS B 418 5.31 10.18 -19.42
C LYS B 418 4.40 11.39 -19.37
N SER B 419 3.92 11.83 -20.54
CA SER B 419 3.17 13.09 -20.63
C SER B 419 1.77 12.95 -20.01
N SER B 420 1.20 11.75 -20.10
CA SER B 420 -0.01 11.39 -19.33
C SER B 420 0.14 11.68 -17.82
N ASP B 421 1.29 11.30 -17.26
CA ASP B 421 1.60 11.51 -15.84
C ASP B 421 1.80 13.00 -15.57
N LYS B 422 2.61 13.64 -16.39
CA LYS B 422 2.87 15.08 -16.31
C LYS B 422 1.59 15.94 -16.30
N VAL B 423 0.60 15.53 -17.09
CA VAL B 423 -0.65 16.29 -17.20
C VAL B 423 -1.46 16.26 -15.92
N MET B 424 -1.62 15.07 -15.32
CA MET B 424 -2.39 14.97 -14.06
C MET B 424 -1.61 15.58 -12.89
N LEU B 425 -0.29 15.44 -12.86
CA LEU B 425 0.49 16.16 -11.84
C LEU B 425 0.32 17.67 -11.93
N LYS B 426 0.26 18.23 -13.13
CA LYS B 426 0.11 19.69 -13.33
C LYS B 426 -1.29 20.22 -12.96
N ARG B 427 -2.30 19.40 -13.26
CA ARG B 427 -3.68 19.66 -12.85
C ARG B 427 -3.84 19.77 -11.34
N ARG B 428 -3.16 18.88 -10.63
CA ARG B 428 -3.15 18.89 -9.18
C ARG B 428 -2.36 20.08 -8.68
N ILE B 429 -1.25 20.41 -9.35
CA ILE B 429 -0.47 21.60 -8.99
C ILE B 429 -1.29 22.90 -9.18
N LEU B 430 -2.06 22.95 -10.27
CA LEU B 430 -2.96 24.08 -10.52
C LEU B 430 -4.01 24.26 -9.45
N ALA B 431 -4.57 23.15 -8.95
CA ALA B 431 -5.60 23.16 -7.89
C ALA B 431 -5.12 23.74 -6.54
N LEU B 432 -3.82 23.62 -6.28
CA LEU B 432 -3.20 24.18 -5.09
C LEU B 432 -2.88 25.66 -5.20
N ARG B 433 -2.90 26.23 -6.41
CA ARG B 433 -2.53 27.64 -6.57
C ARG B 433 -3.56 28.53 -5.89
N ARG B 434 -3.12 29.62 -5.30
CA ARG B 434 -4.08 30.52 -4.70
C ARG B 434 -4.02 31.89 -5.35
N PRO B 435 -5.19 32.59 -5.42
CA PRO B 435 -5.34 33.88 -6.10
C PRO B 435 -4.22 34.87 -5.82
N GLU B 436 -3.90 35.68 -6.84
CA GLU B 436 -2.93 36.77 -6.75
C GLU B 436 -3.20 37.59 -5.49
N GLY B 437 -2.14 37.78 -4.70
CA GLY B 437 -2.19 38.55 -3.46
C GLY B 437 -2.50 37.73 -2.22
N GLN B 438 -3.45 36.80 -2.31
CA GLN B 438 -3.99 36.01 -1.16
C GLN B 438 -2.93 35.22 -0.36
N LEU B 439 -2.97 35.40 0.96
CA LEU B 439 -1.97 34.87 1.88
C LEU B 439 -2.57 33.76 2.75
N PRO B 440 -1.72 32.80 3.21
CA PRO B 440 -2.26 31.74 4.07
C PRO B 440 -2.92 32.36 5.33
N PRO B 441 -4.10 31.86 5.72
CA PRO B 441 -4.82 32.44 6.85
C PRO B 441 -4.07 32.56 8.17
N ILE B 442 -4.65 33.31 9.08
CA ILE B 442 -4.17 33.36 10.46
C ILE B 442 -5.12 32.63 11.37
N VAL B 443 -6.10 31.93 10.80
CA VAL B 443 -7.13 31.29 11.58
C VAL B 443 -7.73 30.14 10.76
N THR B 444 -8.11 29.07 11.44
CA THR B 444 -8.58 27.88 10.74
C THR B 444 -10.09 27.79 10.72
N HIS B 445 -10.78 28.63 11.48
CA HIS B 445 -12.23 28.56 11.59
C HIS B 445 -12.86 29.88 11.21
N ASN B 446 -14.14 29.80 10.82
CA ASN B 446 -14.98 30.97 10.76
C ASN B 446 -15.33 31.32 12.19
N MET B 447 -14.94 32.50 12.64
CA MET B 447 -15.20 32.97 14.00
C MET B 447 -16.58 33.63 14.05
N VAL B 448 -17.28 33.51 15.18
CA VAL B 448 -18.47 34.35 15.44
C VAL B 448 -17.94 35.67 15.96
N ASP B 449 -18.26 36.77 15.31
CA ASP B 449 -17.68 38.07 15.71
C ASP B 449 -16.15 38.04 15.64
N ASP B 450 -15.66 37.80 14.43
CA ASP B 450 -14.25 37.91 14.07
C ASP B 450 -13.61 39.28 14.42
N ALA B 451 -14.36 40.37 14.21
CA ALA B 451 -13.82 41.73 14.34
C ALA B 451 -13.45 42.14 15.77
N ASN B 452 -14.24 41.70 16.74
CA ASN B 452 -13.98 42.00 18.15
C ASN B 452 -13.17 40.91 18.89
N ASP B 453 -12.65 39.90 18.19
CA ASP B 453 -11.80 38.91 18.83
C ASP B 453 -10.40 39.47 19.18
N LEU B 454 -10.00 39.25 20.42
CA LEU B 454 -8.77 39.81 20.97
C LEU B 454 -7.50 39.29 20.32
N ILE B 455 -7.40 37.95 20.21
CA ILE B 455 -6.24 37.29 19.59
C ILE B 455 -6.08 37.75 18.14
N LEU B 456 -7.17 37.72 17.38
CA LEU B 456 -7.09 38.12 16.00
C LEU B 456 -6.73 39.60 15.88
N ASN B 457 -7.40 40.47 16.65
CA ASN B 457 -7.05 41.92 16.64
C ASN B 457 -5.59 42.19 17.00
N LYS B 458 -5.03 41.38 17.89
CA LYS B 458 -3.62 41.50 18.30
C LYS B 458 -2.65 40.99 17.23
N ILE B 459 -3.00 39.91 16.53
CA ILE B 459 -2.19 39.39 15.43
C ILE B 459 -2.16 40.42 14.29
N ARG B 460 -3.33 40.99 13.99
CA ARG B 460 -3.49 42.04 12.94
C ARG B 460 -2.74 43.32 13.30
N GLN B 461 -2.83 43.71 14.57
CA GLN B 461 -2.11 44.86 15.10
C GLN B 461 -0.59 44.74 14.87
N VAL B 462 -0.02 43.57 15.14
CA VAL B 462 1.44 43.34 14.94
C VAL B 462 1.81 42.95 13.51
N GLN B 463 0.81 42.51 12.74
CA GLN B 463 0.91 42.27 11.29
C GLN B 463 1.73 41.02 10.93
N LEU B 464 1.44 39.94 11.62
CA LEU B 464 1.94 38.65 11.25
C LEU B 464 0.86 38.05 10.38
N PHE B 465 0.83 38.48 9.12
CA PHE B 465 -0.14 37.99 8.14
C PHE B 465 0.40 36.83 7.29
N ASN B 466 1.44 36.13 7.77
CA ASN B 466 2.04 34.97 7.05
C ASN B 466 2.53 35.34 5.65
N SER B 467 3.15 36.51 5.55
CA SER B 467 3.84 36.92 4.33
C SER B 467 5.10 36.07 4.15
N PRO B 468 5.49 35.77 2.89
CA PRO B 468 6.73 35.00 2.60
C PRO B 468 8.01 35.47 3.31
N SER B 469 8.16 36.79 3.47
CA SER B 469 9.34 37.37 4.10
C SER B 469 9.36 37.25 5.63
N ASP B 470 8.21 37.00 6.26
CA ASP B 470 8.17 36.67 7.69
C ASP B 470 8.82 35.31 7.94
N ARG B 471 9.75 35.28 8.87
CA ARG B 471 10.27 34.03 9.37
C ARG B 471 9.40 33.47 10.53
N VAL B 472 8.42 34.25 11.02
CA VAL B 472 7.42 33.73 11.98
C VAL B 472 6.02 33.69 11.38
N LYS B 473 5.40 32.52 11.45
CA LYS B 473 4.07 32.28 10.89
C LYS B 473 3.12 32.05 12.05
N MET B 474 1.86 32.36 11.84
CA MET B 474 0.89 32.45 12.90
C MET B 474 -0.36 31.67 12.51
N ILE B 475 -0.80 30.73 13.35
CA ILE B 475 -2.04 29.97 13.10
C ILE B 475 -2.88 29.84 14.38
N PHE B 476 -3.97 30.59 14.43
CA PHE B 476 -4.96 30.47 15.48
C PHE B 476 -5.94 29.35 15.16
N HIS B 477 -6.06 28.37 16.05
CA HIS B 477 -6.97 27.23 15.91
C HIS B 477 -7.96 27.31 17.09
N PRO B 478 -9.06 28.09 16.93
CA PRO B 478 -9.94 28.44 18.05
C PRO B 478 -10.89 27.29 18.48
N GLU B 479 -10.32 26.13 18.77
CA GLU B 479 -11.08 24.92 19.11
C GLU B 479 -10.12 23.93 19.75
N PHE B 480 -10.65 23.07 20.59
CA PHE B 480 -9.83 22.01 21.17
C PHE B 480 -9.35 21.01 20.12
N LEU B 481 -8.07 20.60 20.25
CA LEU B 481 -7.46 19.57 19.40
C LEU B 481 -8.06 18.23 19.77
N ASN B 482 -8.37 17.44 18.76
CA ASN B 482 -8.97 16.12 18.93
C ASN B 482 -8.68 15.34 17.65
N ALA B 483 -8.42 14.04 17.77
CA ALA B 483 -8.07 13.20 16.62
C ALA B 483 -9.20 12.97 15.61
N ASN B 484 -10.45 13.31 15.95
CA ASN B 484 -11.53 13.27 14.97
C ASN B 484 -11.63 14.54 14.13
N ASN B 485 -10.87 15.58 14.47
CA ASN B 485 -10.80 16.81 13.63
C ASN B 485 -10.36 16.47 12.24
N PRO B 486 -11.04 17.01 11.23
CA PRO B 486 -10.65 16.74 9.86
C PRO B 486 -9.36 17.40 9.38
N ILE B 487 -8.91 18.51 9.97
CA ILE B 487 -7.68 19.18 9.45
C ILE B 487 -6.37 18.91 10.18
N LEU B 488 -6.44 18.78 11.52
CA LEU B 488 -5.26 18.59 12.36
C LEU B 488 -5.51 17.43 13.29
N GLY B 489 -5.58 16.24 12.68
CA GLY B 489 -6.20 15.06 13.28
C GLY B 489 -5.38 14.40 14.35
N LEU B 490 -5.14 15.16 15.42
CA LEU B 490 -4.24 14.80 16.49
C LEU B 490 -4.92 15.04 17.82
N ASP B 491 -4.69 14.18 18.80
CA ASP B 491 -4.99 14.53 20.18
C ASP B 491 -3.96 15.54 20.73
N TYR B 492 -4.38 16.26 21.76
CA TYR B 492 -3.51 17.22 22.40
C TYR B 492 -2.14 16.61 22.74
N ASP B 493 -2.13 15.44 23.39
CA ASP B 493 -0.85 14.82 23.75
C ASP B 493 -0.01 14.58 22.50
N GLU B 494 -0.62 14.05 21.44
CA GLU B 494 0.07 13.78 20.17
C GLU B 494 0.67 15.08 19.61
N PHE B 495 -0.20 16.07 19.43
CA PHE B 495 0.21 17.40 18.99
C PHE B 495 1.43 17.96 19.74
N VAL B 496 1.41 17.90 21.07
CA VAL B 496 2.48 18.45 21.87
C VAL B 496 3.80 17.72 21.59
N ARG B 497 3.77 16.38 21.52
CA ARG B 497 4.98 15.60 21.18
C ARG B 497 5.53 16.07 19.80
N GLY B 498 4.62 16.36 18.89
CA GLY B 498 5.01 16.91 17.61
C GLY B 498 5.80 18.21 17.65
N CYS B 499 5.45 19.13 18.56
CA CYS B 499 6.01 20.50 18.49
C CYS B 499 7.39 20.53 19.05
N HIS B 500 8.07 21.65 18.92
CA HIS B 500 9.42 21.81 19.48
C HIS B 500 9.46 22.56 20.78
N LEU B 501 8.54 23.50 20.99
CA LEU B 501 8.59 24.39 22.17
C LEU B 501 7.19 24.83 22.63
N GLY B 502 6.85 24.52 23.87
CA GLY B 502 5.65 25.09 24.48
C GLY B 502 5.96 26.50 24.96
N VAL B 503 5.02 27.42 24.82
CA VAL B 503 5.22 28.82 25.26
C VAL B 503 3.97 29.33 25.99
N PHE B 504 4.08 29.47 27.30
CA PHE B 504 2.92 29.68 28.17
C PHE B 504 3.29 30.83 29.13
N PRO B 505 3.25 32.09 28.61
CA PRO B 505 3.76 33.23 29.38
C PRO B 505 2.69 33.80 30.32
N SER B 506 2.27 32.96 31.26
CA SER B 506 1.09 33.23 32.05
C SER B 506 1.35 34.27 33.14
N TYR B 507 0.34 35.10 33.38
CA TYR B 507 0.34 36.05 34.48
C TYR B 507 -0.41 35.50 35.67
N TYR B 508 -1.56 34.87 35.45
CA TYR B 508 -2.24 34.17 36.53
C TYR B 508 -2.30 32.67 36.23
N GLU B 509 -1.58 31.88 37.02
CA GLU B 509 -1.42 30.42 36.78
C GLU B 509 -1.03 29.73 38.11
N PRO B 510 -2.05 29.43 38.93
CA PRO B 510 -1.86 28.76 40.19
C PRO B 510 -0.99 27.55 40.10
N TRP B 511 -1.30 26.62 39.19
CA TRP B 511 -0.38 25.50 38.96
C TRP B 511 0.32 25.56 37.59
N GLY B 512 -0.40 25.32 36.52
CA GLY B 512 0.25 25.26 35.19
C GLY B 512 0.63 23.83 34.82
N TYR B 513 -0.40 22.99 34.81
CA TYR B 513 -0.39 21.68 34.18
C TYR B 513 0.08 21.69 32.72
N THR B 514 0.09 22.86 32.08
CA THR B 514 0.44 22.95 30.66
C THR B 514 1.95 22.78 30.38
N PRO B 515 2.83 23.61 30.94
CA PRO B 515 4.25 23.28 30.79
C PRO B 515 4.67 21.99 31.52
N ALA B 516 3.89 21.57 32.52
CA ALA B 516 4.19 20.33 33.23
C ALA B 516 3.95 19.14 32.32
N GLU B 517 2.83 19.16 31.62
CA GLU B 517 2.52 18.04 30.75
C GLU B 517 3.33 18.10 29.49
N CYS B 518 3.91 19.24 29.17
CA CYS B 518 5.00 19.32 28.18
C CYS B 518 6.25 18.58 28.61
N THR B 519 6.65 18.86 29.84
CA THR B 519 7.93 18.41 30.42
C THR B 519 8.01 16.91 30.62
N VAL B 520 6.95 16.37 31.18
CA VAL B 520 6.68 14.94 31.26
C VAL B 520 6.91 14.19 29.95
N MET B 521 6.57 14.82 28.82
CA MET B 521 6.76 14.28 27.46
C MET B 521 8.00 14.83 26.75
N GLY B 522 8.98 15.33 27.49
CA GLY B 522 10.22 15.82 26.88
C GLY B 522 10.13 16.99 25.93
N VAL B 523 9.09 17.80 26.04
CA VAL B 523 8.96 19.01 25.23
C VAL B 523 9.34 20.22 26.10
N PRO B 524 10.36 20.99 25.68
CA PRO B 524 10.70 22.23 26.36
C PRO B 524 9.55 23.22 26.44
N SER B 525 9.61 24.09 27.44
CA SER B 525 8.49 24.97 27.76
C SER B 525 9.03 26.29 28.27
N ILE B 526 8.37 27.39 27.92
CA ILE B 526 8.66 28.68 28.52
C ILE B 526 7.51 28.90 29.49
N THR B 527 7.86 29.18 30.74
CA THR B 527 6.88 29.58 31.79
C THR B 527 7.34 30.92 32.48
N THR B 528 6.67 31.30 33.57
CA THR B 528 6.97 32.57 34.26
C THR B 528 7.20 32.29 35.73
N ASN B 529 7.88 33.20 36.41
CA ASN B 529 8.04 33.12 37.89
C ASN B 529 6.73 33.34 38.70
N VAL B 530 5.66 33.84 38.08
CA VAL B 530 4.35 33.99 38.73
C VAL B 530 3.41 32.78 38.49
N SER B 531 3.89 31.85 37.68
CA SER B 531 3.22 30.57 37.47
C SER B 531 3.61 29.65 38.58
N GLY B 532 2.65 28.83 39.02
CA GLY B 532 2.89 27.79 40.03
C GLY B 532 3.98 26.78 39.71
N PHE B 533 3.91 26.23 38.50
CA PHE B 533 4.95 25.38 37.93
C PHE B 533 6.29 26.10 37.91
N GLY B 534 6.33 27.31 37.37
CA GLY B 534 7.60 28.01 37.12
C GLY B 534 8.40 28.29 38.38
N SER B 535 7.71 28.74 39.44
CA SER B 535 8.34 29.01 40.75
C SER B 535 8.78 27.71 41.41
N TYR B 536 7.97 26.64 41.27
CA TYR B 536 8.32 25.32 41.80
C TYR B 536 9.57 24.69 41.15
N MET B 537 9.80 24.98 39.87
CA MET B 537 11.00 24.53 39.16
C MET B 537 12.18 25.50 39.41
N GLU B 538 11.90 26.79 39.45
CA GLU B 538 12.88 27.82 39.88
C GLU B 538 13.47 27.42 41.24
N ASP B 539 12.60 26.91 42.11
CA ASP B 539 12.98 26.44 43.44
C ASP B 539 13.91 25.22 43.43
N LEU B 540 13.73 24.32 42.45
CA LEU B 540 14.53 23.08 42.33
C LEU B 540 15.77 23.17 41.42
N ILE B 541 15.89 24.22 40.61
CA ILE B 541 17.06 24.41 39.73
C ILE B 541 17.31 25.90 39.54
N GLU B 542 18.57 26.31 39.49
CA GLU B 542 18.91 27.73 39.29
C GLU B 542 18.58 28.14 37.83
N THR B 543 18.02 29.34 37.65
CA THR B 543 17.35 29.76 36.37
C THR B 543 18.22 29.67 35.08
N ASN B 544 19.52 29.92 35.20
CA ASN B 544 20.47 29.75 34.06
C ASN B 544 20.79 28.25 33.78
N GLN B 545 20.80 27.43 34.84
CA GLN B 545 20.99 25.98 34.73
C GLN B 545 19.75 25.29 34.14
N ALA B 546 18.54 25.80 34.46
CA ALA B 546 17.27 25.22 33.99
C ALA B 546 16.93 25.45 32.50
N LYS B 547 17.68 26.33 31.82
CA LYS B 547 17.59 26.47 30.36
C LYS B 547 18.14 25.21 29.71
N ASP B 548 19.17 24.61 30.32
CA ASP B 548 19.74 23.34 29.84
C ASP B 548 18.75 22.17 29.97
N TYR B 549 17.85 22.23 30.95
CA TYR B 549 16.76 21.22 31.13
C TYR B 549 15.46 21.52 30.36
N GLY B 550 15.49 22.54 29.50
CA GLY B 550 14.32 22.94 28.74
C GLY B 550 13.22 23.50 29.61
N ILE B 551 13.60 24.19 30.68
CA ILE B 551 12.67 25.00 31.47
C ILE B 551 13.14 26.46 31.48
N TYR B 552 12.60 27.22 30.52
CA TYR B 552 12.82 28.66 30.43
C TYR B 552 11.83 29.41 31.36
N ILE B 553 12.33 30.32 32.20
CA ILE B 553 11.46 31.05 33.10
C ILE B 553 11.58 32.54 32.85
N VAL B 554 10.52 33.14 32.32
CA VAL B 554 10.46 34.58 32.10
C VAL B 554 10.14 35.25 33.42
N ASP B 555 10.73 36.42 33.64
CA ASP B 555 10.53 37.22 34.86
C ASP B 555 9.42 38.27 34.70
N ARG B 556 8.25 37.96 35.27
CA ARG B 556 7.06 38.82 35.22
C ARG B 556 6.78 39.51 36.55
N ARG B 557 7.74 39.44 37.47
CA ARG B 557 7.57 39.92 38.84
C ARG B 557 8.47 41.12 39.15
N PHE B 558 9.78 40.98 38.86
CA PHE B 558 10.80 42.03 39.07
C PHE B 558 11.20 42.79 37.78
N LYS B 559 10.33 42.83 36.78
CA LYS B 559 10.60 43.58 35.55
C LYS B 559 9.34 44.23 35.03
N ALA B 560 9.50 45.35 34.33
CA ALA B 560 8.38 45.98 33.63
C ALA B 560 7.94 45.03 32.49
N PRO B 561 6.65 45.07 32.09
CA PRO B 561 6.17 44.21 31.00
C PRO B 561 6.97 44.24 29.68
N ASP B 562 7.54 45.39 29.30
CA ASP B 562 8.40 45.43 28.13
C ASP B 562 9.67 44.59 28.30
N GLU B 563 10.34 44.74 29.44
CA GLU B 563 11.53 43.92 29.72
C GLU B 563 11.26 42.39 29.70
N SER B 564 10.09 41.98 30.20
CA SER B 564 9.64 40.57 30.17
C SER B 564 9.50 40.10 28.74
N VAL B 565 8.75 40.87 27.95
CA VAL B 565 8.54 40.58 26.54
C VAL B 565 9.90 40.37 25.88
N GLU B 566 10.83 41.30 26.09
CA GLU B 566 12.21 41.18 25.61
C GLU B 566 12.93 39.92 26.08
N GLN B 567 12.66 39.49 27.31
CA GLN B 567 13.23 38.25 27.85
C GLN B 567 12.69 37.02 27.10
N LEU B 568 11.37 36.95 27.01
CA LEU B 568 10.67 35.91 26.26
C LEU B 568 11.22 35.77 24.84
N VAL B 569 11.50 36.90 24.20
CA VAL B 569 12.03 36.94 22.85
C VAL B 569 13.48 36.48 22.82
N ASP B 570 14.23 36.77 23.88
CA ASP B 570 15.60 36.24 23.98
C ASP B 570 15.55 34.73 24.00
N TYR B 571 14.70 34.17 24.85
CA TYR B 571 14.56 32.72 24.96
C TYR B 571 14.22 32.07 23.63
N MET B 572 13.26 32.65 22.90
CA MET B 572 12.89 32.09 21.62
C MET B 572 14.06 32.11 20.64
N GLU B 573 14.71 33.27 20.50
CA GLU B 573 15.86 33.40 19.58
C GLU B 573 17.05 32.47 19.95
N GLU B 574 17.21 32.22 21.25
CA GLU B 574 18.23 31.30 21.76
C GLU B 574 17.90 29.86 21.34
N PHE B 575 16.61 29.54 21.39
CA PHE B 575 16.12 28.24 20.97
C PHE B 575 16.23 28.04 19.48
N VAL B 576 15.85 29.07 18.73
CA VAL B 576 15.92 29.02 17.27
C VAL B 576 17.37 28.84 16.80
N LYS B 577 18.34 29.38 17.54
CA LYS B 577 19.77 29.18 17.25
C LYS B 577 20.28 27.75 17.44
N LYS B 578 19.54 26.89 18.15
CA LYS B 578 20.00 25.51 18.37
C LYS B 578 20.08 24.71 17.09
N THR B 579 21.05 23.79 17.08
CA THR B 579 21.13 22.71 16.10
C THR B 579 20.23 21.56 16.50
N ARG B 580 19.99 20.65 15.57
CA ARG B 580 19.13 19.49 15.85
C ARG B 580 19.74 18.64 16.97
N ARG B 581 21.03 18.36 16.90
CA ARG B 581 21.67 17.62 17.98
C ARG B 581 21.40 18.26 19.32
N GLN B 582 21.40 19.58 19.38
CA GLN B 582 21.14 20.30 20.62
C GLN B 582 19.70 20.23 21.08
N ARG B 583 18.76 20.30 20.15
CA ARG B 583 17.35 20.11 20.47
C ARG B 583 17.08 18.71 21.00
N ILE B 584 17.70 17.69 20.37
CA ILE B 584 17.57 16.32 20.79
C ILE B 584 18.09 16.12 22.20
N ASN B 585 19.25 16.68 22.54
CA ASN B 585 19.81 16.49 23.90
C ASN B 585 18.96 17.20 24.96
N GLN B 586 18.52 18.43 24.63
CA GLN B 586 17.65 19.20 25.55
C GLN B 586 16.36 18.41 25.89
N ARG B 587 15.74 17.81 24.88
CA ARG B 587 14.55 17.01 25.13
C ARG B 587 14.82 15.85 26.08
N ASN B 588 15.99 15.20 25.97
CA ASN B 588 16.35 14.12 26.93
C ASN B 588 16.44 14.69 28.35
N ARG B 589 17.06 15.85 28.48
CA ARG B 589 17.16 16.53 29.75
C ARG B 589 15.79 16.89 30.32
N THR B 590 14.91 17.43 29.47
CA THR B 590 13.56 17.79 29.91
C THR B 590 12.86 16.54 30.41
N GLU B 591 12.82 15.51 29.58
CA GLU B 591 12.31 14.17 29.94
C GLU B 591 12.76 13.66 31.31
N ARG B 592 14.03 13.88 31.64
CA ARG B 592 14.61 13.35 32.88
C ARG B 592 13.96 13.95 34.12
N LEU B 593 13.28 15.08 33.97
CA LEU B 593 12.50 15.70 35.04
C LEU B 593 11.15 15.04 35.31
N SER B 594 10.65 14.21 34.39
CA SER B 594 9.31 13.56 34.52
C SER B 594 8.93 13.16 35.92
N ASP B 595 9.87 12.50 36.58
CA ASP B 595 9.63 11.95 37.91
C ASP B 595 9.42 13.01 38.99
N LEU B 596 9.88 14.24 38.78
CA LEU B 596 9.53 15.35 39.68
C LEU B 596 8.07 15.81 39.61
N LEU B 597 7.36 15.48 38.52
CA LEU B 597 5.97 15.89 38.29
C LEU B 597 4.99 14.72 38.31
N ASP B 598 5.47 13.53 38.60
CA ASP B 598 4.65 12.33 38.63
C ASP B 598 3.76 12.32 39.90
N TRP B 599 2.52 11.78 39.80
CA TRP B 599 1.68 11.47 40.99
C TRP B 599 2.30 10.49 41.99
N LYS B 600 3.25 9.66 41.56
CA LYS B 600 4.02 8.84 42.50
C LYS B 600 4.86 9.66 43.50
N ARG B 601 5.21 10.89 43.14
CA ARG B 601 5.83 11.83 44.06
C ARG B 601 4.85 12.87 44.65
N MET B 602 4.00 13.45 43.82
CA MET B 602 3.06 14.48 44.27
C MET B 602 2.01 13.98 45.26
N GLY B 603 1.59 12.72 45.12
CA GLY B 603 0.57 12.14 45.97
C GLY B 603 0.98 11.87 47.40
N LEU B 604 2.28 11.90 47.69
CA LEU B 604 2.77 11.81 49.04
C LEU B 604 2.33 13.04 49.82
N GLU B 605 2.28 14.20 49.17
CA GLU B 605 1.73 15.41 49.79
C GLU B 605 0.25 15.25 50.17
N TYR B 606 -0.56 14.65 49.31
CA TYR B 606 -1.95 14.36 49.68
C TYR B 606 -2.01 13.47 50.95
N VAL B 607 -1.06 12.54 51.11
CA VAL B 607 -1.05 11.66 52.29
C VAL B 607 -0.85 12.47 53.56
N LYS B 608 0.13 13.37 53.54
CA LYS B 608 0.35 14.33 54.63
C LYS B 608 -0.88 15.21 54.98
N ALA B 609 -1.60 15.68 53.97
CA ALA B 609 -2.82 16.47 54.21
C ALA B 609 -3.87 15.64 54.89
N ARG B 610 -3.93 14.34 54.59
CA ARG B 610 -4.88 13.47 55.26
C ARG B 610 -4.44 13.08 56.66
N GLN B 611 -3.14 12.79 56.84
CA GLN B 611 -2.57 12.58 58.18
C GLN B 611 -2.84 13.78 59.08
N LEU B 612 -2.59 14.99 58.59
CA LEU B 612 -2.84 16.22 59.37
C LEU B 612 -4.28 16.43 59.78
N ALA B 613 -5.21 16.09 58.88
CA ALA B 613 -6.62 16.17 59.18
C ALA B 613 -7.01 15.17 60.29
N LEU B 614 -6.47 13.96 60.24
CA LEU B 614 -6.68 12.96 61.29
C LEU B 614 -6.01 13.30 62.64
N ARG B 615 -4.82 13.89 62.57
CA ARG B 615 -4.11 14.43 63.74
C ARG B 615 -4.90 15.55 64.42
N ARG B 616 -5.60 16.38 63.65
CA ARG B 616 -6.35 17.50 64.23
C ARG B 616 -7.68 17.06 64.83
N GLY B 617 -8.40 16.22 64.12
CA GLY B 617 -9.69 15.74 64.59
C GLY B 617 -9.61 14.79 65.77
N TYR B 618 -8.60 13.92 65.79
CA TYR B 618 -8.55 12.86 66.76
C TYR B 618 -7.20 12.87 67.50
N PRO B 619 -6.90 13.96 68.26
CA PRO B 619 -5.56 14.15 68.86
C PRO B 619 -5.16 13.05 69.82
N ASP B 620 -6.13 12.64 70.65
CA ASP B 620 -5.93 11.61 71.67
C ASP B 620 -5.60 10.26 71.03
N GLN B 621 -6.45 9.81 70.09
CA GLN B 621 -6.18 8.59 69.34
C GLN B 621 -4.82 8.66 68.68
N PHE B 622 -4.56 9.78 68.01
CA PHE B 622 -3.30 9.97 67.27
C PHE B 622 -2.10 9.92 68.22
N ARG B 623 -2.22 10.55 69.38
CA ARG B 623 -1.18 10.53 70.41
C ARG B 623 -0.84 9.11 70.83
N GLU B 624 -1.86 8.34 71.20
CA GLU B 624 -1.65 6.95 71.66
C GLU B 624 -1.24 6.01 70.53
N LEU B 625 -1.58 6.35 69.29
CA LEU B 625 -1.14 5.55 68.15
C LEU B 625 0.35 5.75 67.85
N VAL B 626 0.88 6.94 68.13
CA VAL B 626 2.25 7.28 67.71
C VAL B 626 3.28 7.27 68.84
N GLY B 627 2.98 7.95 69.95
CA GLY B 627 3.95 8.10 71.03
C GLY B 627 3.77 9.38 71.80
N GLU B 628 3.80 10.54 71.11
CA GLU B 628 3.64 11.87 71.76
C GLU B 628 2.68 12.80 71.01
N GLU B 629 2.50 14.03 71.51
CA GLU B 629 1.80 15.13 70.80
C GLU B 629 2.71 15.70 69.68
N LEU B 630 2.46 15.27 68.45
CA LEU B 630 3.18 15.75 67.29
C LEU B 630 2.69 17.14 66.88
N ASN B 631 3.59 17.91 66.27
CA ASN B 631 3.31 19.30 65.87
C ASN B 631 2.24 19.31 64.81
N ASP B 632 1.14 20.00 65.07
CA ASP B 632 0.06 20.05 64.08
C ASP B 632 -0.12 21.43 63.41
N SER B 633 0.86 22.34 63.53
CA SER B 633 0.72 23.67 62.91
C SER B 633 0.53 23.64 61.38
N ASN B 634 1.18 22.71 60.71
CA ASN B 634 1.04 22.55 59.25
C ASN B 634 1.44 21.12 58.83
N MET B 635 1.38 20.85 57.52
CA MET B 635 1.70 19.53 56.99
C MET B 635 3.14 19.04 57.23
N ASP B 636 4.13 19.91 57.04
CA ASP B 636 5.55 19.54 57.23
C ASP B 636 6.01 19.40 58.70
N ALA B 637 5.44 20.24 59.55
CA ALA B 637 5.60 20.15 60.97
C ALA B 637 5.20 18.77 61.50
N LEU B 638 4.10 18.21 61.01
CA LEU B 638 3.70 16.85 61.42
C LEU B 638 4.61 15.72 60.86
N ALA B 639 5.07 15.87 59.61
CA ALA B 639 5.81 14.83 58.86
C ALA B 639 7.19 15.34 58.40
N SER C 2 -16.51 26.81 -66.46
CA SER C 2 -15.05 26.68 -66.11
C SER C 2 -14.85 26.84 -64.60
N ARG C 3 -15.53 26.00 -63.83
CA ARG C 3 -15.26 25.88 -62.40
C ARG C 3 -15.34 24.40 -62.05
N ASP C 4 -14.29 23.87 -61.43
CA ASP C 4 -14.15 22.44 -61.18
C ASP C 4 -14.98 22.06 -59.95
N LEU C 5 -15.99 21.22 -60.16
CA LEU C 5 -16.90 20.80 -59.08
C LEU C 5 -16.31 19.69 -58.21
N GLN C 6 -15.44 18.84 -58.76
CA GLN C 6 -14.79 17.75 -57.98
C GLN C 6 -13.64 18.27 -57.10
N ASN C 7 -12.64 18.89 -57.72
CA ASN C 7 -11.63 19.65 -56.97
C ASN C 7 -12.19 21.07 -56.72
N HIS C 8 -12.78 21.26 -55.53
CA HIS C 8 -13.47 22.50 -55.13
C HIS C 8 -13.04 22.90 -53.72
N LEU C 9 -13.24 24.17 -53.38
CA LEU C 9 -12.86 24.71 -52.07
C LEU C 9 -14.00 24.66 -51.06
N LEU C 10 -13.64 24.68 -49.78
CA LEU C 10 -14.60 24.70 -48.68
C LEU C 10 -14.22 25.76 -47.62
N PHE C 11 -15.20 26.58 -47.24
CA PHE C 11 -15.06 27.63 -46.23
C PHE C 11 -16.19 27.52 -45.17
N GLU C 12 -15.88 26.93 -44.03
CA GLU C 12 -16.86 26.73 -42.96
C GLU C 12 -16.79 27.86 -41.94
N THR C 13 -17.77 28.78 -42.00
CA THR C 13 -17.81 29.96 -41.14
C THR C 13 -18.73 29.76 -39.91
N ALA C 14 -18.26 30.22 -38.75
CA ALA C 14 -19.02 30.15 -37.49
C ALA C 14 -18.45 31.07 -36.41
N THR C 15 -19.32 31.63 -35.56
CA THR C 15 -18.89 32.42 -34.37
C THR C 15 -17.92 31.63 -33.50
N GLU C 16 -18.24 30.35 -33.29
CA GLU C 16 -17.57 29.51 -32.29
C GLU C 16 -16.33 28.77 -32.81
N VAL C 17 -15.54 29.40 -33.69
CA VAL C 17 -14.38 28.74 -34.29
C VAL C 17 -13.23 28.63 -33.29
N ALA C 18 -12.43 29.66 -33.10
CA ALA C 18 -11.24 29.55 -32.23
C ALA C 18 -11.52 29.98 -30.80
N ASN C 19 -12.72 29.64 -30.30
CA ASN C 19 -13.19 30.07 -28.99
C ASN C 19 -14.53 29.43 -28.62
N ARG C 20 -14.51 28.55 -27.62
CA ARG C 20 -15.72 27.93 -27.10
C ARG C 20 -16.63 29.01 -26.51
N VAL C 21 -17.60 29.45 -27.30
CA VAL C 21 -18.72 30.26 -26.82
C VAL C 21 -19.95 29.37 -26.56
N GLY C 22 -20.03 28.22 -27.25
CA GLY C 22 -21.18 27.30 -27.14
C GLY C 22 -20.86 25.94 -27.73
N GLY C 23 -21.86 25.08 -27.86
CA GLY C 23 -21.68 23.72 -28.35
C GLY C 23 -21.25 23.55 -29.80
N ILE C 24 -21.41 24.58 -30.63
CA ILE C 24 -20.98 24.52 -32.05
C ILE C 24 -19.47 24.36 -32.18
N TYR C 25 -18.75 24.96 -31.23
CA TYR C 25 -17.31 24.73 -31.05
C TYR C 25 -16.95 23.24 -31.15
N SER C 26 -17.62 22.40 -30.34
CA SER C 26 -17.29 20.97 -30.28
C SER C 26 -17.63 20.26 -31.60
N VAL C 27 -18.75 20.68 -32.21
CA VAL C 27 -19.22 20.11 -33.46
C VAL C 27 -18.18 20.36 -34.53
N LEU C 28 -17.78 21.62 -34.72
CA LEU C 28 -16.74 21.93 -35.69
C LEU C 28 -15.39 21.26 -35.42
N LYS C 29 -15.02 21.16 -34.14
CA LYS C 29 -13.73 20.54 -33.69
C LYS C 29 -13.70 19.03 -33.93
N SER C 30 -14.74 18.31 -33.49
CA SER C 30 -14.81 16.86 -33.67
C SER C 30 -15.01 16.44 -35.11
N LYS C 31 -15.64 17.31 -35.91
CA LYS C 31 -15.88 17.11 -37.35
C LYS C 31 -14.67 17.48 -38.24
N ALA C 32 -13.61 18.01 -37.65
CA ALA C 32 -12.44 18.43 -38.41
C ALA C 32 -11.61 17.27 -39.00
N PRO C 33 -11.34 16.20 -38.22
CA PRO C 33 -10.54 15.11 -38.80
C PRO C 33 -11.09 14.58 -40.12
N ILE C 34 -12.40 14.28 -40.12
CA ILE C 34 -13.06 13.78 -41.32
C ILE C 34 -13.20 14.80 -42.47
N THR C 35 -13.34 16.10 -42.18
CA THR C 35 -13.31 17.12 -43.25
C THR C 35 -11.90 17.35 -43.81
N VAL C 36 -10.91 17.45 -42.93
CA VAL C 36 -9.50 17.56 -43.37
C VAL C 36 -9.07 16.32 -44.16
N ALA C 37 -9.42 15.13 -43.65
CA ALA C 37 -9.22 13.88 -44.38
C ALA C 37 -9.67 14.01 -45.84
N GLN C 38 -10.87 14.52 -46.04
CA GLN C 38 -11.47 14.66 -47.39
C GLN C 38 -10.91 15.83 -48.18
N TYR C 39 -10.64 16.97 -47.52
CA TYR C 39 -10.32 18.24 -48.22
C TYR C 39 -8.84 18.68 -48.19
N LYS C 40 -8.13 18.36 -47.10
CA LYS C 40 -6.71 18.72 -46.92
C LYS C 40 -6.51 20.25 -46.95
N ASP C 41 -5.61 20.75 -47.79
CA ASP C 41 -5.29 22.18 -47.84
C ASP C 41 -6.37 23.04 -48.50
N HIS C 42 -7.43 22.41 -49.01
CA HIS C 42 -8.57 23.13 -49.60
C HIS C 42 -9.60 23.62 -48.55
N TYR C 43 -9.55 23.07 -47.34
CA TYR C 43 -10.47 23.43 -46.25
C TYR C 43 -9.94 24.60 -45.41
N HIS C 44 -10.85 25.47 -45.00
CA HIS C 44 -10.58 26.59 -44.11
C HIS C 44 -11.78 26.83 -43.20
N LEU C 45 -11.54 27.01 -41.91
CA LEU C 45 -12.56 27.62 -41.05
C LEU C 45 -12.35 29.15 -40.95
N ILE C 46 -13.44 29.88 -40.81
CA ILE C 46 -13.41 31.34 -40.72
C ILE C 46 -14.24 31.74 -39.51
N GLY C 47 -13.73 32.66 -38.70
CA GLY C 47 -14.48 33.15 -37.53
C GLY C 47 -14.10 34.54 -37.08
N PRO C 48 -14.78 35.03 -36.01
CA PRO C 48 -14.34 36.27 -35.36
C PRO C 48 -13.10 35.99 -34.52
N LEU C 49 -12.13 36.90 -34.58
CA LEU C 49 -10.89 36.76 -33.79
C LEU C 49 -11.15 37.10 -32.34
N ASN C 50 -11.00 36.12 -31.44
CA ASN C 50 -11.12 36.36 -30.02
C ASN C 50 -9.72 36.63 -29.48
N LYS C 51 -9.30 37.89 -29.61
CA LYS C 51 -8.00 38.42 -29.10
C LYS C 51 -7.64 37.91 -27.70
N ALA C 52 -8.63 37.79 -26.83
CA ALA C 52 -8.47 37.18 -25.51
C ALA C 52 -7.93 35.74 -25.58
N THR C 53 -8.76 34.78 -26.01
CA THR C 53 -8.49 33.34 -25.79
C THR C 53 -7.81 32.59 -26.94
N TYR C 54 -7.28 33.28 -27.95
CA TYR C 54 -6.88 32.61 -29.21
C TYR C 54 -5.42 32.14 -29.32
N GLN C 55 -4.49 32.79 -28.63
CA GLN C 55 -3.06 32.45 -28.78
C GLN C 55 -2.67 31.07 -28.25
N ASN C 56 -3.40 30.57 -27.25
CA ASN C 56 -3.24 29.20 -26.71
C ASN C 56 -3.89 28.07 -27.56
N GLU C 57 -4.86 28.43 -28.40
CA GLU C 57 -5.56 27.47 -29.31
C GLU C 57 -5.03 27.44 -30.75
N VAL C 58 -4.54 28.58 -31.25
CA VAL C 58 -4.14 28.72 -32.66
C VAL C 58 -2.62 28.77 -32.83
N ASP C 59 -2.12 27.93 -33.73
CA ASP C 59 -0.71 27.78 -34.05
C ASP C 59 -0.31 28.92 -35.01
N ILE C 60 -0.27 30.15 -34.49
CA ILE C 60 -0.17 31.38 -35.33
C ILE C 60 0.88 31.16 -36.45
N LEU C 61 0.51 31.43 -37.70
CA LEU C 61 1.25 30.91 -38.86
C LEU C 61 1.67 32.01 -39.86
N ASP C 62 2.87 31.86 -40.43
CA ASP C 62 3.47 32.87 -41.30
C ASP C 62 2.86 32.79 -42.70
N TRP C 63 1.83 33.60 -42.94
CA TRP C 63 0.99 33.44 -44.14
C TRP C 63 1.51 34.13 -45.40
N LYS C 64 2.51 34.99 -45.26
CA LYS C 64 3.10 35.70 -46.40
C LYS C 64 4.18 34.89 -47.13
N LYS C 65 4.90 34.01 -46.39
CA LYS C 65 5.77 32.98 -46.99
C LYS C 65 5.13 32.32 -48.24
N PRO C 66 5.84 32.31 -49.39
CA PRO C 66 5.27 31.66 -50.59
C PRO C 66 4.94 30.15 -50.47
N GLU C 67 5.66 29.41 -49.62
CA GLU C 67 5.39 27.97 -49.39
C GLU C 67 4.46 27.70 -48.20
N ALA C 68 3.66 28.70 -47.80
CA ALA C 68 2.52 28.50 -46.90
C ALA C 68 1.24 28.10 -47.68
N PHE C 69 1.25 28.32 -49.00
CA PHE C 69 0.19 27.88 -49.88
C PHE C 69 0.76 27.15 -51.07
N SER C 70 -0.01 26.21 -51.61
CA SER C 70 0.36 25.50 -52.82
C SER C 70 0.15 26.40 -54.05
N ASP C 71 0.54 25.89 -55.21
CA ASP C 71 0.47 26.63 -56.46
C ASP C 71 -0.97 26.81 -56.95
N GLU C 72 -1.78 25.76 -56.84
CA GLU C 72 -3.23 25.87 -57.13
C GLU C 72 -3.97 26.69 -56.07
N MET C 73 -3.51 26.65 -54.81
CA MET C 73 -4.10 27.43 -53.72
C MET C 73 -3.60 28.89 -53.61
N ARG C 74 -2.86 29.38 -54.62
CA ARG C 74 -2.42 30.79 -54.69
C ARG C 74 -3.52 31.82 -54.38
N PRO C 75 -4.70 31.73 -55.06
CA PRO C 75 -5.76 32.75 -54.88
C PRO C 75 -6.14 33.09 -53.44
N VAL C 76 -6.02 32.12 -52.52
CA VAL C 76 -6.34 32.35 -51.10
C VAL C 76 -5.33 33.30 -50.44
N GLN C 77 -4.04 33.18 -50.81
CA GLN C 77 -3.01 34.10 -50.31
C GLN C 77 -3.18 35.53 -50.85
N HIS C 78 -3.38 35.62 -52.17
CA HIS C 78 -3.61 36.91 -52.85
C HIS C 78 -4.92 37.59 -52.43
N ALA C 79 -5.93 36.80 -52.04
CA ALA C 79 -7.20 37.36 -51.51
C ALA C 79 -7.02 37.97 -50.14
N LEU C 80 -6.19 37.34 -49.31
CA LEU C 80 -5.81 37.86 -48.00
C LEU C 80 -4.92 39.12 -48.08
N GLN C 81 -4.09 39.20 -49.13
CA GLN C 81 -3.25 40.39 -49.38
C GLN C 81 -4.07 41.60 -49.83
N THR C 82 -5.07 41.39 -50.69
CA THR C 82 -6.02 42.47 -51.07
C THR C 82 -6.84 42.92 -49.85
N MET C 83 -7.13 41.99 -48.93
CA MET C 83 -7.78 42.31 -47.65
C MET C 83 -6.83 43.02 -46.66
N GLU C 84 -5.52 42.79 -46.75
CA GLU C 84 -4.54 43.53 -45.96
C GLU C 84 -4.17 44.93 -46.50
N SER C 85 -4.17 45.10 -47.83
CA SER C 85 -4.00 46.44 -48.45
C SER C 85 -5.04 47.45 -47.96
N ARG C 86 -6.27 46.98 -47.75
CA ARG C 86 -7.38 47.80 -47.26
C ARG C 86 -7.41 47.99 -45.75
N GLY C 87 -6.48 47.36 -45.02
CA GLY C 87 -6.30 47.59 -43.59
C GLY C 87 -7.10 46.67 -42.68
N VAL C 88 -7.52 45.51 -43.18
CA VAL C 88 -8.23 44.52 -42.37
C VAL C 88 -7.20 43.58 -41.73
N HIS C 89 -6.98 43.74 -40.42
CA HIS C 89 -6.13 42.84 -39.62
C HIS C 89 -6.85 41.50 -39.42
N PHE C 90 -6.09 40.42 -39.44
CA PHE C 90 -6.61 39.05 -39.22
C PHE C 90 -5.48 38.10 -38.87
N VAL C 91 -5.84 36.96 -38.30
CA VAL C 91 -4.88 35.91 -37.99
C VAL C 91 -5.06 34.77 -38.97
N TYR C 92 -3.99 34.36 -39.64
CA TYR C 92 -3.95 33.03 -40.27
C TYR C 92 -3.37 32.08 -39.24
N GLY C 93 -3.71 30.80 -39.34
CA GLY C 93 -3.23 29.82 -38.37
C GLY C 93 -3.73 28.42 -38.60
N ARG C 94 -3.41 27.55 -37.65
CA ARG C 94 -3.71 26.12 -37.73
C ARG C 94 -4.25 25.68 -36.36
N TRP C 95 -5.55 25.41 -36.29
CA TRP C 95 -6.22 25.13 -35.02
C TRP C 95 -5.62 23.88 -34.37
N LEU C 96 -5.17 24.02 -33.12
CA LEU C 96 -4.42 22.95 -32.44
C LEU C 96 -5.35 21.90 -31.82
N ILE C 97 -5.89 21.07 -32.70
CA ILE C 97 -6.80 19.95 -32.36
C ILE C 97 -6.53 18.86 -33.39
N GLU C 98 -7.10 17.68 -33.16
CA GLU C 98 -6.92 16.55 -34.09
C GLU C 98 -7.38 16.96 -35.49
N GLY C 99 -6.60 16.54 -36.49
CA GLY C 99 -6.83 16.94 -37.88
C GLY C 99 -6.07 18.18 -38.35
N ALA C 100 -5.94 19.17 -37.46
CA ALA C 100 -5.11 20.38 -37.70
C ALA C 100 -5.53 21.27 -38.89
N PRO C 101 -6.79 21.70 -38.91
CA PRO C 101 -7.31 22.46 -40.04
C PRO C 101 -6.86 23.90 -40.00
N LYS C 102 -6.63 24.49 -41.17
CA LYS C 102 -6.19 25.88 -41.25
C LYS C 102 -7.37 26.80 -40.88
N VAL C 103 -7.06 28.03 -40.47
CA VAL C 103 -8.08 28.96 -39.95
C VAL C 103 -7.80 30.39 -40.39
N ILE C 104 -8.85 31.17 -40.61
CA ILE C 104 -8.74 32.62 -40.89
C ILE C 104 -9.63 33.42 -39.93
N LEU C 105 -9.05 33.85 -38.81
CA LEU C 105 -9.78 34.64 -37.81
C LEU C 105 -9.64 36.14 -38.08
N PHE C 106 -10.71 36.74 -38.59
CA PHE C 106 -10.74 38.19 -38.88
C PHE C 106 -10.90 38.99 -37.59
N ASP C 107 -10.10 40.06 -37.46
CA ASP C 107 -10.19 41.00 -36.34
C ASP C 107 -11.35 41.98 -36.59
N LEU C 108 -12.41 41.85 -35.81
CA LEU C 108 -13.61 42.68 -36.00
C LEU C 108 -13.38 44.12 -35.54
N ASP C 109 -12.44 44.31 -34.60
CA ASP C 109 -11.98 45.65 -34.20
C ASP C 109 -11.50 46.46 -35.43
N SER C 110 -10.77 45.80 -36.32
CA SER C 110 -10.15 46.45 -37.48
C SER C 110 -11.11 46.86 -38.62
N VAL C 111 -12.41 46.59 -38.49
CA VAL C 111 -13.43 47.05 -39.47
C VAL C 111 -14.60 47.84 -38.83
N ARG C 112 -14.55 48.10 -37.52
CA ARG C 112 -15.65 48.75 -36.79
C ARG C 112 -15.97 50.18 -37.27
N GLY C 113 -15.00 50.83 -37.92
CA GLY C 113 -15.24 52.10 -38.62
C GLY C 113 -16.38 52.03 -39.62
N TYR C 114 -16.45 50.91 -40.34
CA TYR C 114 -17.49 50.69 -41.35
C TYR C 114 -18.90 50.41 -40.82
N SER C 115 -19.01 50.01 -39.55
CA SER C 115 -20.30 49.74 -38.87
C SER C 115 -21.46 50.70 -39.24
N ASN C 116 -21.16 52.00 -39.29
CA ASN C 116 -22.09 53.05 -39.75
C ASN C 116 -22.55 52.75 -41.17
N GLU C 117 -21.58 52.64 -42.09
CA GLU C 117 -21.89 52.39 -43.49
C GLU C 117 -22.64 51.06 -43.72
N TRP C 118 -22.30 50.03 -42.93
CA TRP C 118 -22.75 48.65 -43.19
C TRP C 118 -24.16 48.28 -42.65
N LYS C 119 -24.48 48.71 -41.42
CA LYS C 119 -25.83 48.53 -40.87
C LYS C 119 -26.91 49.20 -41.73
N GLY C 120 -26.54 50.29 -42.40
CA GLY C 120 -27.40 51.01 -43.35
C GLY C 120 -27.52 50.41 -44.74
N ASP C 121 -26.49 49.67 -45.18
CA ASP C 121 -26.58 48.86 -46.41
C ASP C 121 -27.42 47.59 -46.16
N LEU C 122 -27.35 47.07 -44.92
CA LEU C 122 -28.13 45.90 -44.53
C LEU C 122 -29.64 46.19 -44.45
N TRP C 123 -30.01 47.39 -43.97
CA TRP C 123 -31.40 47.82 -44.04
C TRP C 123 -31.86 48.05 -45.50
N SER C 124 -30.97 48.58 -46.34
CA SER C 124 -31.30 48.87 -47.75
C SER C 124 -31.55 47.62 -48.59
N LEU C 125 -30.65 46.63 -48.52
CA LEU C 125 -30.78 45.37 -49.30
C LEU C 125 -31.83 44.41 -48.75
N VAL C 126 -31.64 43.99 -47.49
CA VAL C 126 -32.39 42.88 -46.89
C VAL C 126 -33.59 43.30 -46.04
N GLY C 127 -33.44 44.41 -45.33
CA GLY C 127 -34.48 44.93 -44.43
C GLY C 127 -34.31 44.57 -42.97
N ILE C 128 -33.06 44.36 -42.53
CA ILE C 128 -32.76 43.94 -41.17
C ILE C 128 -32.41 45.19 -40.34
N PRO C 129 -33.25 45.52 -39.33
CA PRO C 129 -32.87 46.61 -38.41
C PRO C 129 -31.76 46.16 -37.44
N SER C 130 -31.10 47.11 -36.78
CA SER C 130 -30.00 46.77 -35.86
C SER C 130 -29.73 47.88 -34.82
N PRO C 131 -30.30 47.75 -33.61
CA PRO C 131 -29.98 48.71 -32.55
C PRO C 131 -28.49 48.75 -32.18
N GLU C 132 -28.02 49.92 -31.77
CA GLU C 132 -26.61 50.13 -31.33
C GLU C 132 -26.23 49.23 -30.17
N ASN C 133 -27.08 49.22 -29.14
CA ASN C 133 -26.83 48.51 -27.86
C ASN C 133 -26.50 47.02 -27.98
N ASP C 134 -27.05 46.33 -28.97
CA ASP C 134 -26.78 44.91 -29.18
C ASP C 134 -25.38 44.69 -29.74
N PHE C 135 -24.45 44.39 -28.84
CA PHE C 135 -23.04 44.18 -29.16
C PHE C 135 -22.84 42.96 -30.05
N GLU C 136 -23.49 41.84 -29.69
CA GLU C 136 -23.38 40.57 -30.44
C GLU C 136 -23.91 40.64 -31.89
N THR C 137 -24.97 41.41 -32.11
CA THR C 137 -25.51 41.65 -33.46
C THR C 137 -24.60 42.55 -34.31
N ASN C 138 -23.95 43.52 -33.66
CA ASN C 138 -22.95 44.36 -34.34
C ASN C 138 -21.73 43.55 -34.80
N ASP C 139 -21.20 42.67 -33.94
CA ASP C 139 -20.16 41.70 -34.33
C ASP C 139 -20.59 40.87 -35.54
N ALA C 140 -21.77 40.27 -35.44
CA ALA C 140 -22.35 39.42 -36.49
C ALA C 140 -22.49 40.10 -37.88
N ILE C 141 -22.76 41.41 -37.87
CA ILE C 141 -22.80 42.22 -39.10
C ILE C 141 -21.40 42.54 -39.64
N LEU C 142 -20.45 42.79 -38.74
CA LEU C 142 -19.05 43.04 -39.15
C LEU C 142 -18.45 41.81 -39.80
N LEU C 143 -18.64 40.68 -39.15
CA LEU C 143 -18.20 39.35 -39.63
C LEU C 143 -18.78 39.05 -41.01
N GLY C 144 -20.07 39.31 -41.20
CA GLY C 144 -20.76 39.01 -42.46
C GLY C 144 -20.30 39.83 -43.66
N TYR C 145 -20.12 41.14 -43.44
CA TYR C 145 -19.56 42.01 -44.49
C TYR C 145 -18.08 41.72 -44.75
N THR C 146 -17.32 41.39 -43.69
CA THR C 146 -15.90 40.99 -43.81
C THR C 146 -15.71 39.62 -44.51
N VAL C 147 -16.58 38.66 -44.23
CA VAL C 147 -16.55 37.34 -44.91
C VAL C 147 -17.02 37.44 -46.38
N ALA C 148 -18.08 38.20 -46.65
CA ALA C 148 -18.58 38.39 -48.02
C ALA C 148 -17.62 39.20 -48.90
N TRP C 149 -16.80 40.05 -48.26
CA TRP C 149 -15.69 40.77 -48.91
C TRP C 149 -14.61 39.77 -49.28
N PHE C 150 -14.27 38.92 -48.32
CA PHE C 150 -13.22 37.93 -48.50
C PHE C 150 -13.59 36.89 -49.56
N LEU C 151 -14.81 36.34 -49.48
CA LEU C 151 -15.27 35.33 -50.45
C LEU C 151 -15.47 35.93 -51.83
N GLY C 152 -15.86 37.21 -51.89
CA GLY C 152 -15.93 37.95 -53.14
C GLY C 152 -14.59 38.10 -53.85
N GLU C 153 -13.52 38.26 -53.07
CA GLU C 153 -12.14 38.30 -53.60
C GLU C 153 -11.60 36.93 -54.00
N VAL C 154 -11.90 35.89 -53.21
CA VAL C 154 -11.48 34.53 -53.57
C VAL C 154 -12.16 34.16 -54.88
N ALA C 155 -13.45 34.47 -55.02
CA ALA C 155 -14.18 34.20 -56.27
C ALA C 155 -13.67 34.97 -57.50
N HIS C 156 -13.14 36.17 -57.27
CA HIS C 156 -12.50 36.99 -58.33
C HIS C 156 -11.12 36.43 -58.72
N LEU C 157 -10.24 36.22 -57.73
CA LEU C 157 -8.85 35.82 -58.00
C LEU C 157 -8.68 34.34 -58.36
N ASP C 158 -9.48 33.47 -57.74
CA ASP C 158 -9.55 32.05 -58.09
C ASP C 158 -10.50 31.87 -59.28
N SER C 159 -10.02 31.21 -60.33
CA SER C 159 -10.88 30.80 -61.46
C SER C 159 -10.90 29.26 -61.72
N GLN C 160 -10.11 28.48 -60.97
CA GLN C 160 -10.07 27.03 -61.19
C GLN C 160 -11.17 26.28 -60.40
N HIS C 161 -11.28 26.60 -59.12
CA HIS C 161 -12.13 25.85 -58.21
C HIS C 161 -13.52 26.41 -58.11
N ALA C 162 -14.47 25.54 -57.82
CA ALA C 162 -15.78 25.93 -57.32
C ALA C 162 -15.64 26.20 -55.81
N ILE C 163 -16.52 27.03 -55.26
CA ILE C 163 -16.38 27.52 -53.89
C ILE C 163 -17.63 27.25 -53.05
N VAL C 164 -17.51 26.31 -52.10
CA VAL C 164 -18.59 26.04 -51.14
C VAL C 164 -18.31 26.86 -49.88
N ALA C 165 -19.28 27.70 -49.51
CA ALA C 165 -19.24 28.42 -48.25
C ALA C 165 -20.38 27.93 -47.33
N HIS C 166 -20.01 27.36 -46.18
CA HIS C 166 -20.94 26.79 -45.19
C HIS C 166 -20.99 27.78 -44.03
N PHE C 167 -22.19 28.07 -43.57
CA PHE C 167 -22.40 29.01 -42.49
C PHE C 167 -23.20 28.35 -41.37
N HIS C 168 -22.73 28.53 -40.13
CA HIS C 168 -23.33 27.92 -38.93
C HIS C 168 -23.97 28.95 -37.99
N GLU C 169 -25.25 28.75 -37.70
CA GLU C 169 -26.07 29.62 -36.85
C GLU C 169 -26.20 31.09 -37.33
N TRP C 170 -27.30 31.74 -36.94
CA TRP C 170 -27.60 33.12 -37.39
C TRP C 170 -26.45 34.13 -37.28
N LEU C 171 -25.64 34.02 -36.21
CA LEU C 171 -24.53 34.96 -35.95
C LEU C 171 -23.51 35.06 -37.11
N ALA C 172 -23.15 33.91 -37.67
CA ALA C 172 -22.28 33.83 -38.85
C ALA C 172 -22.99 34.33 -40.10
N GLY C 173 -24.29 34.08 -40.19
CA GLY C 173 -25.04 34.21 -41.43
C GLY C 173 -25.52 35.56 -41.92
N VAL C 174 -24.77 36.64 -41.65
CA VAL C 174 -25.07 37.93 -42.30
C VAL C 174 -24.50 37.93 -43.72
N ALA C 175 -23.40 37.19 -43.92
CA ALA C 175 -22.83 36.97 -45.25
C ALA C 175 -23.75 36.23 -46.24
N LEU C 176 -24.79 35.56 -45.74
CA LEU C 176 -25.69 34.79 -46.62
C LEU C 176 -26.58 35.67 -47.53
N PRO C 177 -27.36 36.61 -46.96
CA PRO C 177 -28.08 37.62 -47.78
C PRO C 177 -27.18 38.42 -48.73
N LEU C 178 -25.95 38.70 -48.32
CA LEU C 178 -25.01 39.46 -49.15
C LEU C 178 -24.58 38.67 -50.37
N CYS C 179 -24.15 37.43 -50.18
CA CYS C 179 -23.74 36.55 -51.28
C CYS C 179 -24.82 36.40 -52.37
N ARG C 180 -26.08 36.21 -51.96
CA ARG C 180 -27.18 36.02 -52.94
C ARG C 180 -27.48 37.29 -53.71
N LYS C 181 -27.56 38.42 -53.02
CA LYS C 181 -27.83 39.72 -53.66
C LYS C 181 -26.64 40.25 -54.44
N ARG C 182 -25.43 40.09 -53.90
CA ARG C 182 -24.23 40.53 -54.59
C ARG C 182 -23.80 39.61 -55.74
N ARG C 183 -24.43 38.43 -55.88
CA ARG C 183 -24.19 37.55 -57.03
C ARG C 183 -22.77 36.95 -56.98
N ILE C 184 -22.24 36.75 -55.78
CA ILE C 184 -20.86 36.28 -55.62
C ILE C 184 -20.79 34.83 -56.10
N ASP C 185 -19.70 34.46 -56.77
CA ASP C 185 -19.62 33.15 -57.44
C ASP C 185 -19.15 32.03 -56.47
N VAL C 186 -20.04 31.78 -55.52
CA VAL C 186 -19.85 30.87 -54.39
C VAL C 186 -21.20 30.17 -54.21
N VAL C 187 -21.18 28.94 -53.72
CA VAL C 187 -22.43 28.26 -53.35
C VAL C 187 -22.55 28.21 -51.83
N THR C 188 -23.76 28.41 -51.31
CA THR C 188 -23.96 28.62 -49.87
C THR C 188 -24.78 27.51 -49.18
N ILE C 189 -24.40 27.18 -47.96
CA ILE C 189 -25.15 26.25 -47.12
C ILE C 189 -25.31 26.93 -45.76
N PHE C 190 -26.54 26.90 -45.24
CA PHE C 190 -26.82 27.42 -43.90
C PHE C 190 -27.36 26.31 -43.00
N THR C 191 -26.60 25.95 -41.98
CA THR C 191 -27.09 25.05 -40.94
C THR C 191 -27.45 25.91 -39.75
N THR C 192 -28.65 25.67 -39.18
CA THR C 192 -29.07 26.33 -37.94
C THR C 192 -29.24 25.24 -36.88
N HIS C 193 -28.63 25.46 -35.71
CA HIS C 193 -28.60 24.48 -34.60
C HIS C 193 -29.70 24.70 -33.58
N ALA C 194 -30.44 25.79 -33.75
CA ALA C 194 -31.70 26.02 -33.05
C ALA C 194 -32.47 27.04 -33.84
N THR C 195 -33.64 27.42 -33.35
CA THR C 195 -34.29 28.63 -33.81
C THR C 195 -34.35 29.61 -32.65
N LEU C 196 -34.36 30.89 -32.97
CA LEU C 196 -34.48 31.91 -31.95
C LEU C 196 -35.84 31.77 -31.28
N LEU C 197 -36.91 31.75 -32.06
CA LEU C 197 -38.25 31.70 -31.47
C LEU C 197 -38.59 30.39 -30.70
N GLY C 198 -37.93 29.29 -31.04
CA GLY C 198 -38.09 28.03 -30.30
C GLY C 198 -37.68 28.05 -28.82
N ARG C 199 -36.45 28.53 -28.55
CA ARG C 199 -35.97 28.69 -27.17
C ARG C 199 -36.95 29.48 -26.32
N TYR C 200 -37.30 30.67 -26.81
CA TYR C 200 -38.02 31.66 -26.03
C TYR C 200 -39.46 31.24 -25.76
N LEU C 201 -40.13 30.68 -26.76
CA LEU C 201 -41.47 30.15 -26.54
C LEU C 201 -41.52 28.95 -25.55
N CYS C 202 -40.43 28.18 -25.48
CA CYS C 202 -40.38 26.98 -24.63
C CYS C 202 -39.91 27.22 -23.18
N ALA C 203 -39.12 28.28 -22.97
CA ALA C 203 -38.57 28.64 -21.65
C ALA C 203 -39.68 29.16 -20.71
N SER C 204 -40.37 30.22 -21.12
CA SER C 204 -41.62 30.67 -20.44
C SER C 204 -42.76 29.67 -20.75
N GLY C 205 -42.72 28.55 -20.05
CA GLY C 205 -43.38 27.33 -20.50
C GLY C 205 -44.79 27.07 -20.03
N SER C 206 -45.67 28.07 -20.15
CA SER C 206 -47.12 27.81 -20.20
C SER C 206 -47.54 27.49 -21.66
N PHE C 207 -46.75 27.97 -22.63
CA PHE C 207 -47.02 27.80 -24.08
C PHE C 207 -46.84 26.34 -24.51
N ASP C 208 -47.87 25.79 -25.18
CA ASP C 208 -47.81 24.45 -25.78
C ASP C 208 -47.18 24.53 -27.18
N PHE C 209 -45.85 24.49 -27.23
CA PHE C 209 -45.07 24.78 -28.45
C PHE C 209 -45.30 23.78 -29.62
N TYR C 210 -45.22 22.49 -29.35
CA TYR C 210 -45.13 21.52 -30.45
C TYR C 210 -46.44 21.22 -31.19
N ASN C 211 -47.58 21.65 -30.63
CA ASN C 211 -48.90 21.58 -31.35
C ASN C 211 -49.43 22.93 -31.90
N CYS C 212 -49.22 24.02 -31.18
CA CYS C 212 -49.68 25.35 -31.60
C CYS C 212 -48.59 26.27 -32.18
N LEU C 213 -47.58 25.70 -32.84
CA LEU C 213 -46.55 26.52 -33.53
C LEU C 213 -46.98 26.86 -34.94
N GLU C 214 -47.91 26.06 -35.47
CA GLU C 214 -48.48 26.28 -36.80
C GLU C 214 -49.40 27.51 -36.80
N SER C 215 -49.65 28.09 -35.61
CA SER C 215 -50.37 29.33 -35.42
C SER C 215 -49.61 30.41 -34.59
N VAL C 216 -48.28 30.51 -34.72
CA VAL C 216 -47.56 31.63 -34.07
C VAL C 216 -47.39 32.79 -35.03
N ASP C 217 -47.71 33.99 -34.52
CA ASP C 217 -47.42 35.24 -35.19
C ASP C 217 -45.95 35.51 -34.90
N VAL C 218 -45.08 35.11 -35.84
CA VAL C 218 -43.62 35.23 -35.64
C VAL C 218 -43.11 36.65 -35.36
N ASP C 219 -43.81 37.64 -35.88
CA ASP C 219 -43.41 39.05 -35.72
C ASP C 219 -43.76 39.55 -34.34
N HIS C 220 -44.98 39.26 -33.91
CA HIS C 220 -45.47 39.54 -32.56
C HIS C 220 -44.61 38.91 -31.47
N GLU C 221 -44.23 37.64 -31.67
CA GLU C 221 -43.46 36.87 -30.68
C GLU C 221 -41.99 37.34 -30.58
N ALA C 222 -41.35 37.58 -31.72
CA ALA C 222 -39.99 38.13 -31.74
C ALA C 222 -39.94 39.50 -31.03
N GLY C 223 -40.86 40.40 -31.40
CA GLY C 223 -41.00 41.69 -30.73
C GLY C 223 -41.27 41.61 -29.24
N ARG C 224 -42.23 40.77 -28.84
CA ARG C 224 -42.52 40.49 -27.43
C ARG C 224 -41.27 40.10 -26.64
N PHE C 225 -40.40 39.25 -27.19
CA PHE C 225 -39.15 38.86 -26.52
C PHE C 225 -37.94 39.82 -26.73
N GLY C 226 -38.16 41.00 -27.31
CA GLY C 226 -37.06 41.90 -27.69
C GLY C 226 -36.18 41.45 -28.86
N ILE C 227 -36.53 40.34 -29.52
CA ILE C 227 -35.64 39.64 -30.46
C ILE C 227 -35.68 40.23 -31.87
N TYR C 228 -36.81 40.81 -32.28
CA TYR C 228 -37.10 41.08 -33.69
C TYR C 228 -35.88 41.14 -34.64
N HIS C 229 -34.98 42.09 -34.39
CA HIS C 229 -33.80 42.31 -35.27
C HIS C 229 -32.92 41.05 -35.50
N ARG C 230 -32.78 40.23 -34.46
CA ARG C 230 -32.03 38.96 -34.52
C ARG C 230 -32.75 37.89 -35.32
N TYR C 231 -34.06 37.76 -35.07
CA TYR C 231 -34.93 36.86 -35.85
C TYR C 231 -34.86 37.16 -37.37
N CYS C 232 -34.73 38.44 -37.74
CA CYS C 232 -34.62 38.87 -39.15
C CYS C 232 -33.36 38.34 -39.82
N ILE C 233 -32.27 38.28 -39.06
CA ILE C 233 -30.99 37.76 -39.57
C ILE C 233 -31.06 36.23 -39.75
N GLU C 234 -31.55 35.54 -38.72
CA GLU C 234 -31.73 34.08 -38.76
C GLU C 234 -32.55 33.66 -39.98
N ARG C 235 -33.67 34.33 -40.19
CA ARG C 235 -34.57 34.07 -41.30
C ARG C 235 -33.97 34.45 -42.67
N ALA C 236 -33.27 35.58 -42.74
CA ALA C 236 -32.59 35.98 -43.97
C ALA C 236 -31.48 34.98 -44.32
N ALA C 237 -30.76 34.49 -43.31
CA ALA C 237 -29.73 33.45 -43.50
C ALA C 237 -30.29 32.15 -44.10
N ALA C 238 -31.40 31.70 -43.52
CA ALA C 238 -32.11 30.52 -44.00
C ALA C 238 -32.61 30.68 -45.44
N HIS C 239 -33.20 31.84 -45.74
CA HIS C 239 -33.81 32.11 -47.06
C HIS C 239 -32.79 32.43 -48.17
N SER C 240 -31.68 33.04 -47.81
CA SER C 240 -30.65 33.36 -48.80
C SER C 240 -29.75 32.17 -49.17
N ALA C 241 -29.74 31.14 -48.34
CA ALA C 241 -28.84 30.03 -48.56
C ALA C 241 -29.29 29.21 -49.77
N ASP C 242 -28.33 28.74 -50.57
CA ASP C 242 -28.63 27.78 -51.64
C ASP C 242 -29.18 26.53 -51.01
N VAL C 243 -28.55 26.08 -49.93
CA VAL C 243 -29.04 24.94 -49.11
C VAL C 243 -29.37 25.35 -47.67
N PHE C 244 -30.49 24.89 -47.13
CA PHE C 244 -30.88 25.18 -45.76
C PHE C 244 -31.00 23.84 -44.99
N THR C 245 -30.26 23.72 -43.89
CA THR C 245 -30.17 22.50 -43.08
C THR C 245 -30.34 22.80 -41.59
N THR C 246 -30.81 21.82 -40.83
CA THR C 246 -30.82 21.86 -39.38
C THR C 246 -30.18 20.56 -38.88
N VAL C 247 -30.25 20.35 -37.57
CA VAL C 247 -29.61 19.23 -36.92
C VAL C 247 -30.58 18.07 -36.60
N SER C 248 -31.88 18.27 -36.78
CA SER C 248 -32.83 17.18 -36.50
C SER C 248 -34.19 17.38 -37.17
N GLN C 249 -34.96 16.30 -37.27
CA GLN C 249 -36.31 16.34 -37.85
C GLN C 249 -37.26 17.23 -37.07
N ILE C 250 -37.17 17.13 -35.75
CA ILE C 250 -37.97 17.96 -34.89
C ILE C 250 -37.64 19.45 -35.10
N THR C 251 -36.35 19.78 -35.26
CA THR C 251 -35.94 21.17 -35.51
C THR C 251 -36.25 21.59 -36.95
N ALA C 252 -36.17 20.64 -37.89
CA ALA C 252 -36.55 20.90 -39.28
C ALA C 252 -38.00 21.38 -39.33
N PHE C 253 -38.89 20.56 -38.81
CA PHE C 253 -40.32 20.88 -38.68
C PHE C 253 -40.57 22.27 -38.04
N GLU C 254 -39.81 22.58 -37.01
CA GLU C 254 -39.87 23.88 -36.34
C GLU C 254 -39.42 25.06 -37.26
N ALA C 255 -38.30 24.89 -37.97
CA ALA C 255 -37.80 25.94 -38.86
C ALA C 255 -38.74 26.17 -40.06
N GLU C 256 -39.44 25.12 -40.49
CA GLU C 256 -40.39 25.21 -41.61
C GLU C 256 -41.43 26.25 -41.28
N HIS C 257 -42.06 26.11 -40.13
CA HIS C 257 -43.11 27.01 -39.72
C HIS C 257 -42.58 28.33 -39.17
N LEU C 258 -41.41 28.34 -38.52
CA LEU C 258 -40.92 29.56 -37.85
C LEU C 258 -39.97 30.45 -38.69
N LEU C 259 -39.19 29.84 -39.58
CA LEU C 259 -38.34 30.61 -40.52
C LEU C 259 -38.91 30.61 -41.92
N LYS C 260 -40.05 29.92 -42.11
CA LYS C 260 -40.81 29.94 -43.37
C LYS C 260 -40.05 29.31 -44.55
N ARG C 261 -39.15 28.36 -44.28
CA ARG C 261 -38.52 27.55 -45.34
C ARG C 261 -38.33 26.12 -44.86
N LYS C 262 -38.83 25.16 -45.64
CA LYS C 262 -38.61 23.77 -45.35
C LYS C 262 -37.14 23.52 -45.64
N PRO C 263 -36.41 22.93 -44.67
CA PRO C 263 -35.01 22.63 -44.96
C PRO C 263 -34.84 21.45 -45.92
N ASP C 264 -33.71 21.45 -46.60
CA ASP C 264 -33.38 20.47 -47.62
C ASP C 264 -32.89 19.16 -47.06
N GLY C 265 -32.63 19.11 -45.76
CA GLY C 265 -32.10 17.94 -45.10
C GLY C 265 -31.57 18.22 -43.71
N ILE C 266 -31.23 17.12 -43.03
CA ILE C 266 -30.74 17.10 -41.66
C ILE C 266 -29.25 16.80 -41.68
N LEU C 267 -28.49 17.62 -40.96
CA LEU C 267 -27.10 17.37 -40.61
C LEU C 267 -26.99 17.12 -39.11
N PRO C 268 -27.33 15.91 -38.66
CA PRO C 268 -27.15 15.63 -37.23
C PRO C 268 -25.67 15.64 -36.82
N ASN C 269 -25.44 15.95 -35.53
CA ASN C 269 -24.08 16.08 -34.99
C ASN C 269 -23.54 14.71 -34.54
N GLY C 270 -22.33 14.40 -35.02
CA GLY C 270 -21.58 13.23 -34.59
C GLY C 270 -20.42 13.54 -33.68
N LEU C 271 -19.75 12.48 -33.25
CA LEU C 271 -18.62 12.54 -32.32
C LEU C 271 -17.42 11.85 -32.93
N ASN C 272 -16.23 12.15 -32.40
CA ASN C 272 -15.05 11.29 -32.58
C ASN C 272 -15.07 10.25 -31.48
N VAL C 273 -15.59 9.07 -31.78
CA VAL C 273 -15.84 8.09 -30.73
C VAL C 273 -14.52 7.43 -30.33
N ILE C 274 -14.13 7.59 -29.06
CA ILE C 274 -12.94 6.91 -28.48
C ILE C 274 -13.26 5.42 -28.29
N LYS C 275 -12.52 4.53 -28.96
CA LYS C 275 -12.77 3.08 -28.84
C LYS C 275 -11.64 2.33 -28.14
N PHE C 276 -11.97 1.18 -27.56
CA PHE C 276 -10.98 0.44 -26.77
C PHE C 276 -10.50 -0.86 -27.44
N GLN C 277 -9.27 -1.27 -27.11
CA GLN C 277 -8.68 -2.49 -27.70
C GLN C 277 -9.51 -3.73 -27.37
N ALA C 278 -10.20 -3.71 -26.24
CA ALA C 278 -11.18 -4.73 -25.88
C ALA C 278 -12.58 -4.12 -25.83
N PHE C 279 -13.61 -4.89 -26.23
CA PHE C 279 -15.00 -4.40 -26.20
C PHE C 279 -15.43 -4.20 -24.76
N HIS C 280 -15.06 -5.14 -23.90
CA HIS C 280 -15.47 -5.12 -22.48
C HIS C 280 -14.79 -4.04 -21.61
N GLU C 281 -13.74 -3.39 -22.08
CA GLU C 281 -13.02 -2.42 -21.26
C GLU C 281 -13.90 -1.30 -20.70
N PHE C 282 -14.85 -0.78 -21.48
CA PHE C 282 -15.80 0.27 -20.98
C PHE C 282 -16.59 -0.21 -19.73
N GLN C 283 -17.00 -1.47 -19.74
CA GLN C 283 -17.69 -2.13 -18.63
C GLN C 283 -16.82 -2.12 -17.36
N ASN C 284 -15.54 -2.47 -17.52
CA ASN C 284 -14.53 -2.40 -16.46
C ASN C 284 -14.37 -0.96 -15.94
N LEU C 285 -14.40 0.02 -16.86
CA LEU C 285 -14.37 1.44 -16.49
C LEU C 285 -15.62 1.90 -15.76
N HIS C 286 -16.78 1.32 -16.07
CA HIS C 286 -17.97 1.58 -15.27
C HIS C 286 -17.72 1.27 -13.77
N ALA C 287 -17.30 0.04 -13.43
CA ALA C 287 -17.08 -0.34 -12.03
C ALA C 287 -16.01 0.51 -11.33
N LEU C 288 -14.94 0.81 -12.05
CA LEU C 288 -13.83 1.60 -11.49
C LEU C 288 -14.30 3.00 -11.16
N LYS C 289 -15.08 3.61 -12.07
CA LYS C 289 -15.64 4.94 -11.81
C LYS C 289 -16.82 4.97 -10.80
N LYS C 290 -17.66 3.93 -10.84
CA LYS C 290 -18.71 3.73 -9.84
C LYS C 290 -18.15 3.71 -8.43
N GLU C 291 -16.96 3.16 -8.26
CA GLU C 291 -16.38 3.08 -6.94
C GLU C 291 -16.11 4.47 -6.40
N LYS C 292 -15.70 5.40 -7.28
CA LYS C 292 -15.50 6.78 -6.87
C LYS C 292 -16.82 7.49 -6.54
N ILE C 293 -17.93 7.06 -7.14
CA ILE C 293 -19.23 7.58 -6.73
C ILE C 293 -19.64 6.96 -5.39
N ASN C 294 -19.44 5.65 -5.24
CA ASN C 294 -19.75 4.95 -3.99
C ASN C 294 -19.05 5.67 -2.80
N ASP C 295 -17.80 6.09 -3.01
CA ASP C 295 -17.03 6.82 -2.01
C ASP C 295 -17.69 8.13 -1.60
N PHE C 296 -18.10 8.92 -2.58
CA PHE C 296 -18.81 10.18 -2.34
C PHE C 296 -20.10 9.96 -1.59
N VAL C 297 -20.87 8.97 -2.05
CA VAL C 297 -22.19 8.69 -1.48
C VAL C 297 -22.10 8.32 -0.01
N ARG C 298 -21.07 7.53 0.35
CA ARG C 298 -20.86 7.16 1.74
C ARG C 298 -20.61 8.41 2.57
N GLY C 299 -19.78 9.30 2.05
CA GLY C 299 -19.50 10.58 2.72
C GLY C 299 -20.73 11.46 2.89
N HIS C 300 -21.49 11.61 1.81
CA HIS C 300 -22.69 12.40 1.84
C HIS C 300 -23.74 11.90 2.85
N PHE C 301 -23.91 10.57 2.89
CA PHE C 301 -24.89 9.90 3.76
C PHE C 301 -24.29 9.47 5.10
N HIS C 302 -23.19 10.09 5.52
CA HIS C 302 -22.47 9.63 6.72
C HIS C 302 -23.44 9.74 7.86
N GLY C 303 -23.56 8.67 8.64
CA GLY C 303 -24.41 8.67 9.82
C GLY C 303 -25.88 8.37 9.57
N CYS C 304 -26.31 8.39 8.30
CA CYS C 304 -27.67 8.08 7.86
C CYS C 304 -27.57 7.03 6.72
N PHE C 305 -26.56 6.17 6.76
CA PHE C 305 -26.27 5.25 5.66
C PHE C 305 -26.94 3.89 5.92
N ASP C 306 -28.15 3.71 5.37
CA ASP C 306 -29.01 2.55 5.68
C ASP C 306 -29.38 1.67 4.48
N PHE C 307 -28.57 1.70 3.42
CA PHE C 307 -28.82 0.93 2.19
C PHE C 307 -27.53 0.35 1.61
N ASP C 308 -27.71 -0.67 0.78
CA ASP C 308 -26.61 -1.44 0.22
C ASP C 308 -26.23 -0.90 -1.17
N LEU C 309 -24.97 -0.46 -1.36
CA LEU C 309 -24.54 0.09 -2.67
C LEU C 309 -24.52 -0.90 -3.85
N ASP C 310 -24.43 -2.21 -3.58
CA ASP C 310 -24.65 -3.23 -4.61
C ASP C 310 -26.08 -3.32 -5.09
N ASN C 311 -27.02 -2.72 -4.37
CA ASN C 311 -28.43 -2.68 -4.75
C ASN C 311 -28.91 -1.21 -4.92
N THR C 312 -27.99 -0.34 -5.34
CA THR C 312 -28.26 1.07 -5.51
C THR C 312 -27.96 1.44 -6.96
N LEU C 313 -28.74 2.34 -7.54
CA LEU C 313 -28.55 2.75 -8.93
C LEU C 313 -28.40 4.25 -9.02
N TYR C 314 -27.56 4.72 -9.93
CA TYR C 314 -27.18 6.14 -10.02
C TYR C 314 -27.73 6.75 -11.30
N PHE C 315 -28.85 7.44 -11.15
CA PHE C 315 -29.49 8.21 -12.19
C PHE C 315 -28.91 9.61 -12.14
N PHE C 316 -28.77 10.25 -13.30
CA PHE C 316 -28.32 11.63 -13.30
C PHE C 316 -28.87 12.43 -14.46
N ILE C 317 -29.07 13.73 -14.21
CA ILE C 317 -29.35 14.72 -15.25
C ILE C 317 -28.20 15.72 -15.24
N ALA C 318 -27.80 16.16 -16.42
CA ALA C 318 -26.71 17.13 -16.55
C ALA C 318 -27.01 18.05 -17.71
N GLY C 319 -26.62 19.31 -17.60
CA GLY C 319 -26.77 20.26 -18.68
C GLY C 319 -26.51 21.67 -18.22
N ARG C 320 -26.92 22.66 -19.02
CA ARG C 320 -26.94 24.04 -18.56
C ARG C 320 -28.15 24.14 -17.65
N TYR C 321 -28.12 25.09 -16.72
CA TYR C 321 -29.27 25.30 -15.82
C TYR C 321 -30.43 25.87 -16.64
N GLU C 322 -31.24 24.96 -17.19
CA GLU C 322 -32.43 25.31 -17.96
C GLU C 322 -33.60 24.48 -17.44
N TYR C 323 -34.21 25.04 -16.39
CA TYR C 323 -35.17 24.33 -15.55
C TYR C 323 -36.28 23.69 -16.36
N LYS C 324 -36.92 24.47 -17.23
CA LYS C 324 -38.06 23.98 -18.01
C LYS C 324 -37.61 23.29 -19.29
N ASN C 325 -36.72 23.97 -20.02
CA ASN C 325 -36.20 23.48 -21.31
C ASN C 325 -35.56 22.09 -21.26
N LYS C 326 -34.67 21.86 -20.29
CA LYS C 326 -33.86 20.62 -20.19
C LYS C 326 -34.50 19.51 -19.39
N GLY C 327 -35.62 19.81 -18.75
CA GLY C 327 -36.48 18.80 -18.15
C GLY C 327 -36.30 18.56 -16.66
N ALA C 328 -35.57 19.44 -15.99
CA ALA C 328 -35.34 19.30 -14.55
C ALA C 328 -36.66 19.18 -13.75
N ASP C 329 -37.68 19.93 -14.17
CA ASP C 329 -38.99 19.91 -13.51
C ASP C 329 -39.67 18.55 -13.59
N MET C 330 -39.60 17.90 -14.75
CA MET C 330 -40.19 16.58 -14.93
C MET C 330 -39.42 15.53 -14.18
N PHE C 331 -38.10 15.60 -14.33
CA PHE C 331 -37.18 14.67 -13.71
C PHE C 331 -37.44 14.56 -12.22
N ILE C 332 -37.54 15.73 -11.56
CA ILE C 332 -37.75 15.76 -10.12
C ILE C 332 -39.11 15.15 -9.78
N GLU C 333 -40.16 15.66 -10.42
CA GLU C 333 -41.53 15.18 -10.21
C GLU C 333 -41.65 13.68 -10.43
N ALA C 334 -40.99 13.17 -11.48
CA ALA C 334 -40.98 11.74 -11.82
C ALA C 334 -40.27 10.89 -10.77
N LEU C 335 -39.16 11.40 -10.24
CA LEU C 335 -38.46 10.71 -9.15
C LEU C 335 -39.32 10.58 -7.90
N ALA C 336 -40.07 11.65 -7.59
CA ALA C 336 -40.98 11.64 -6.45
C ALA C 336 -42.11 10.63 -6.60
N ARG C 337 -42.60 10.48 -7.82
CA ARG C 337 -43.60 9.44 -8.13
C ARG C 337 -42.99 8.06 -8.06
N LEU C 338 -41.76 7.93 -8.56
CA LEU C 338 -41.01 6.68 -8.49
C LEU C 338 -40.80 6.24 -7.05
N ASN C 339 -40.43 7.20 -6.21
CA ASN C 339 -40.32 7.02 -4.76
C ASN C 339 -41.59 6.39 -4.19
N TYR C 340 -42.75 6.94 -4.55
CA TYR C 340 -44.03 6.38 -4.10
C TYR C 340 -44.22 4.95 -4.62
N ARG C 341 -44.01 4.77 -5.92
CA ARG C 341 -44.20 3.46 -6.55
C ARG C 341 -43.30 2.38 -5.97
N LEU C 342 -42.05 2.73 -5.69
CA LEU C 342 -41.08 1.79 -5.13
C LEU C 342 -41.44 1.40 -3.67
N LYS C 343 -41.85 2.38 -2.87
CA LYS C 343 -42.32 2.11 -1.49
C LYS C 343 -43.49 1.12 -1.49
N VAL C 344 -44.49 1.39 -2.33
CA VAL C 344 -45.71 0.58 -2.45
C VAL C 344 -45.40 -0.84 -2.93
N SER C 345 -44.53 -0.98 -3.94
CA SER C 345 -44.16 -2.31 -4.44
C SER C 345 -43.25 -3.09 -3.49
N GLY C 346 -42.73 -2.43 -2.45
CA GLY C 346 -41.82 -3.04 -1.49
C GLY C 346 -40.49 -3.33 -2.14
N SER C 347 -39.96 -2.35 -2.88
CA SER C 347 -38.72 -2.54 -3.64
C SER C 347 -37.52 -2.54 -2.68
N LYS C 348 -36.53 -3.38 -2.98
CA LYS C 348 -35.26 -3.42 -2.23
C LYS C 348 -34.26 -2.36 -2.71
N LYS C 349 -34.54 -1.79 -3.88
CA LYS C 349 -33.58 -0.91 -4.53
C LYS C 349 -33.48 0.47 -3.86
N THR C 350 -32.49 1.23 -4.30
CA THR C 350 -32.33 2.60 -3.91
C THR C 350 -31.79 3.35 -5.11
N VAL C 351 -32.52 4.36 -5.55
CA VAL C 351 -32.03 5.24 -6.58
C VAL C 351 -31.46 6.46 -5.87
N VAL C 352 -30.24 6.80 -6.22
CA VAL C 352 -29.65 8.09 -5.88
C VAL C 352 -29.60 8.91 -7.17
N ALA C 353 -30.29 10.05 -7.17
CA ALA C 353 -30.50 10.83 -8.40
C ALA C 353 -29.68 12.09 -8.31
N PHE C 354 -28.75 12.26 -9.24
CA PHE C 354 -27.84 13.40 -9.25
C PHE C 354 -28.36 14.44 -10.23
N ILE C 355 -28.26 15.72 -9.86
CA ILE C 355 -28.52 16.84 -10.76
C ILE C 355 -27.23 17.61 -10.89
N VAL C 356 -26.65 17.64 -12.09
CA VAL C 356 -25.41 18.40 -12.36
C VAL C 356 -25.65 19.58 -13.32
N MET C 357 -26.10 20.71 -12.76
CA MET C 357 -26.44 21.93 -13.51
C MET C 357 -25.85 23.16 -12.82
N PRO C 358 -24.80 23.76 -13.41
CA PRO C 358 -24.14 24.94 -12.80
C PRO C 358 -25.07 26.07 -12.42
N ALA C 359 -24.98 26.51 -11.16
CA ALA C 359 -25.71 27.67 -10.66
C ALA C 359 -24.77 28.63 -9.91
N LYS C 360 -25.31 29.78 -9.51
CA LYS C 360 -24.55 30.73 -8.70
C LYS C 360 -24.36 30.12 -7.31
N ASN C 361 -23.11 30.01 -6.87
CA ASN C 361 -22.84 29.40 -5.58
C ASN C 361 -21.60 29.97 -4.92
N ASN C 362 -21.48 29.75 -3.61
CA ASN C 362 -20.32 30.16 -2.83
C ASN C 362 -19.53 28.93 -2.43
N SER C 363 -19.13 28.13 -3.42
CA SER C 363 -18.32 26.91 -3.19
C SER C 363 -19.04 25.86 -2.33
N PHE C 364 -18.30 24.86 -1.88
CA PHE C 364 -18.86 23.70 -1.16
C PHE C 364 -19.29 24.06 0.26
N THR C 365 -20.18 23.24 0.82
CA THR C 365 -20.55 23.38 2.21
C THR C 365 -19.46 22.78 3.08
N VAL C 366 -19.34 23.30 4.28
CA VAL C 366 -18.44 22.72 5.28
C VAL C 366 -18.84 21.27 5.53
N GLU C 367 -20.16 21.01 5.57
CA GLU C 367 -20.69 19.69 5.84
C GLU C 367 -20.22 18.68 4.77
N ALA C 368 -20.33 19.09 3.52
CA ALA C 368 -19.87 18.24 2.42
C ALA C 368 -18.42 17.82 2.61
N LEU C 369 -17.54 18.78 2.89
CA LEU C 369 -16.11 18.52 3.05
C LEU C 369 -15.72 17.75 4.32
N LYS C 370 -16.36 18.08 5.43
CA LYS C 370 -16.27 17.31 6.69
C LYS C 370 -16.72 15.85 6.54
N GLY C 371 -17.76 15.63 5.73
CA GLY C 371 -18.27 14.29 5.49
C GLY C 371 -17.19 13.39 4.94
N GLN C 372 -16.55 13.80 3.84
CA GLN C 372 -15.45 13.02 3.23
C GLN C 372 -14.33 12.80 4.23
N ALA C 373 -13.85 13.89 4.80
CA ALA C 373 -12.73 13.84 5.71
C ALA C 373 -12.96 12.84 6.85
N GLU C 374 -14.16 12.88 7.43
CA GLU C 374 -14.52 11.94 8.48
C GLU C 374 -14.59 10.51 7.95
N VAL C 375 -15.11 10.32 6.73
CA VAL C 375 -15.13 8.98 6.15
C VAL C 375 -13.71 8.49 5.82
N ARG C 376 -12.86 9.40 5.32
CA ARG C 376 -11.51 9.01 4.95
C ARG C 376 -10.65 8.65 6.17
N ALA C 377 -10.92 9.34 7.28
CA ALA C 377 -10.30 9.05 8.55
C ALA C 377 -10.68 7.68 9.06
N LEU C 378 -11.95 7.31 8.90
CA LEU C 378 -12.37 5.96 9.26
C LEU C 378 -11.63 4.90 8.42
N GLU C 379 -11.43 5.15 7.13
CA GLU C 379 -10.72 4.19 6.27
C GLU C 379 -9.28 4.00 6.77
N ASN C 380 -8.61 5.11 7.12
CA ASN C 380 -7.21 5.02 7.57
C ASN C 380 -7.12 4.22 8.84
N THR C 381 -8.06 4.47 9.75
CA THR C 381 -8.12 3.75 11.01
C THR C 381 -8.31 2.27 10.77
N VAL C 382 -9.23 1.90 9.89
CA VAL C 382 -9.46 0.51 9.57
C VAL C 382 -8.21 -0.13 8.97
N HIS C 383 -7.44 0.62 8.18
CA HIS C 383 -6.20 0.08 7.57
C HIS C 383 -5.16 -0.25 8.64
N GLU C 384 -5.05 0.59 9.65
CA GLU C 384 -4.13 0.31 10.78
C GLU C 384 -4.58 -0.89 11.62
N VAL C 385 -5.89 -0.97 11.87
CA VAL C 385 -6.44 -2.07 12.63
C VAL C 385 -6.26 -3.40 11.91
N THR C 386 -6.47 -3.43 10.59
CA THR C 386 -6.28 -4.66 9.82
C THR C 386 -4.82 -5.10 9.66
N THR C 387 -3.85 -4.18 9.69
CA THR C 387 -2.46 -4.64 9.62
C THR C 387 -2.08 -5.27 10.95
N SER C 388 -2.67 -4.81 12.05
CA SER C 388 -2.47 -5.46 13.35
C SER C 388 -3.12 -6.85 13.37
N ILE C 389 -4.28 -6.97 12.76
CA ILE C 389 -4.97 -8.24 12.65
C ILE C 389 -4.09 -9.22 11.88
N GLY C 390 -3.55 -8.75 10.78
CA GLY C 390 -2.60 -9.52 10.01
C GLY C 390 -1.49 -10.10 10.84
N LYS C 391 -0.81 -9.26 11.60
CA LYS C 391 0.31 -9.71 12.43
C LYS C 391 -0.11 -10.86 13.34
N ARG C 392 -1.33 -10.80 13.85
CA ARG C 392 -1.85 -11.82 14.75
C ARG C 392 -2.33 -13.06 14.04
N ILE C 393 -2.96 -12.91 12.89
CA ILE C 393 -3.36 -14.06 12.12
C ILE C 393 -2.10 -14.78 11.66
N PHE C 394 -1.15 -14.00 11.20
CA PHE C 394 0.10 -14.54 10.70
C PHE C 394 0.81 -15.33 11.78
N ASP C 395 0.83 -14.78 12.99
CA ASP C 395 1.55 -15.39 14.10
C ASP C 395 0.93 -16.75 14.44
N HIS C 396 -0.39 -16.79 14.43
CA HIS C 396 -1.10 -18.03 14.70
C HIS C 396 -0.74 -19.03 13.61
N ALA C 397 -0.75 -18.61 12.36
CA ALA C 397 -0.51 -19.54 11.26
C ALA C 397 0.88 -20.16 11.32
N ILE C 398 1.87 -19.32 11.60
CA ILE C 398 3.26 -19.76 11.58
C ILE C 398 3.56 -20.68 12.78
N ARG C 399 2.86 -20.49 13.89
CA ARG C 399 3.17 -21.15 15.17
C ARG C 399 2.38 -22.46 15.35
N TYR C 400 1.28 -22.61 14.60
CA TYR C 400 0.41 -23.76 14.75
C TYR C 400 1.21 -24.96 14.30
N PRO C 401 1.19 -26.10 14.98
CA PRO C 401 0.31 -26.43 16.12
C PRO C 401 0.99 -26.41 17.48
N HIS C 402 1.91 -25.49 17.70
CA HIS C 402 2.69 -25.47 18.91
C HIS C 402 2.14 -24.44 19.89
N ASN C 403 2.74 -24.39 21.07
CA ASN C 403 2.42 -23.39 22.08
C ASN C 403 0.95 -23.36 22.45
N GLY C 404 0.35 -24.54 22.56
CA GLY C 404 -1.06 -24.66 22.91
C GLY C 404 -2.12 -24.34 21.85
N LEU C 405 -1.71 -24.13 20.60
CA LEU C 405 -2.67 -23.80 19.54
C LEU C 405 -3.31 -25.09 18.99
N THR C 406 -4.59 -25.29 19.31
CA THR C 406 -5.33 -26.51 18.95
C THR C 406 -6.11 -26.39 17.61
N THR C 407 -6.34 -25.16 17.15
CA THR C 407 -6.90 -24.93 15.82
C THR C 407 -5.89 -24.24 14.89
N GLU C 408 -5.96 -24.56 13.60
CA GLU C 408 -5.15 -23.90 12.56
C GLU C 408 -5.31 -22.37 12.50
N LEU C 409 -6.49 -21.84 12.81
CA LEU C 409 -6.72 -20.40 12.74
C LEU C 409 -7.27 -19.87 14.04
N PRO C 410 -7.20 -18.55 14.22
CA PRO C 410 -7.98 -17.91 15.26
C PRO C 410 -9.46 -18.18 15.04
N THR C 411 -10.13 -18.62 16.10
CA THR C 411 -11.57 -18.86 16.10
C THR C 411 -12.30 -17.73 16.81
N ASP C 412 -11.63 -17.07 17.74
CA ASP C 412 -12.23 -15.99 18.51
C ASP C 412 -11.72 -14.61 18.09
N LEU C 413 -12.66 -13.69 17.83
CA LEU C 413 -12.32 -12.31 17.44
C LEU C 413 -11.43 -11.54 18.43
N GLY C 414 -11.51 -11.90 19.72
CA GLY C 414 -10.76 -11.22 20.77
C GLY C 414 -9.27 -11.45 20.70
N GLU C 415 -8.88 -12.54 20.03
CA GLU C 415 -7.48 -12.83 19.71
C GLU C 415 -6.89 -11.83 18.68
N LEU C 416 -7.74 -11.26 17.83
CA LEU C 416 -7.31 -10.42 16.73
C LEU C 416 -7.63 -8.94 16.96
N LEU C 417 -8.81 -8.65 17.50
CA LEU C 417 -9.25 -7.28 17.73
C LEU C 417 -9.09 -6.90 19.22
N LYS C 418 -8.13 -6.02 19.50
CA LYS C 418 -7.82 -5.58 20.87
C LYS C 418 -8.60 -4.34 21.29
N SER C 419 -8.49 -3.99 22.58
CA SER C 419 -9.31 -2.92 23.12
C SER C 419 -8.84 -1.57 22.58
N SER C 420 -7.52 -1.36 22.46
CA SER C 420 -6.99 -0.16 21.82
C SER C 420 -7.58 0.07 20.41
N ASP C 421 -7.54 -1.01 19.61
CA ASP C 421 -8.09 -1.00 18.25
C ASP C 421 -9.57 -0.68 18.27
N LYS C 422 -10.33 -1.40 19.11
CA LYS C 422 -11.75 -1.12 19.36
C LYS C 422 -12.03 0.34 19.74
N VAL C 423 -11.23 0.91 20.65
CA VAL C 423 -11.44 2.31 21.10
C VAL C 423 -11.37 3.29 19.94
N MET C 424 -10.30 3.24 19.15
CA MET C 424 -10.19 4.25 18.08
C MET C 424 -11.19 4.05 16.94
N LEU C 425 -11.63 2.82 16.67
CA LEU C 425 -12.72 2.60 15.70
C LEU C 425 -14.04 3.28 16.10
N LYS C 426 -14.40 3.18 17.37
CA LYS C 426 -15.64 3.76 17.87
C LYS C 426 -15.54 5.27 17.90
N ARG C 427 -14.35 5.80 18.21
CA ARG C 427 -14.05 7.24 18.10
C ARG C 427 -14.29 7.74 16.68
N ARG C 428 -13.97 6.89 15.70
CA ARG C 428 -14.22 7.20 14.31
C ARG C 428 -15.70 7.12 13.97
N ILE C 429 -16.37 6.09 14.50
CA ILE C 429 -17.81 5.93 14.30
C ILE C 429 -18.57 7.12 14.89
N LEU C 430 -18.12 7.56 16.07
CA LEU C 430 -18.72 8.70 16.77
C LEU C 430 -18.72 9.95 15.90
N ALA C 431 -17.60 10.21 15.24
CA ALA C 431 -17.42 11.40 14.41
C ALA C 431 -18.42 11.47 13.26
N LEU C 432 -18.83 10.30 12.79
CA LEU C 432 -19.74 10.19 11.64
C LEU C 432 -21.20 10.39 12.00
N ARG C 433 -21.55 10.18 13.28
CA ARG C 433 -22.92 10.39 13.78
C ARG C 433 -23.38 11.81 13.45
N ARG C 434 -24.65 11.99 13.11
CA ARG C 434 -25.15 13.35 12.86
C ARG C 434 -26.25 13.74 13.86
N PRO C 435 -26.41 15.08 14.12
CA PRO C 435 -27.42 15.57 15.07
C PRO C 435 -28.79 14.91 14.87
N GLU C 436 -29.50 14.60 15.96
CA GLU C 436 -30.73 13.82 15.86
C GLU C 436 -31.77 14.51 14.99
N GLY C 437 -32.37 13.77 14.05
CA GLY C 437 -33.30 14.35 13.10
C GLY C 437 -32.72 15.12 11.92
N GLN C 438 -31.40 15.38 11.91
CA GLN C 438 -30.69 15.90 10.71
C GLN C 438 -30.63 14.82 9.63
N LEU C 439 -30.67 15.28 8.38
CA LEU C 439 -30.76 14.37 7.22
C LEU C 439 -29.73 14.76 6.16
N PRO C 440 -29.35 13.78 5.32
CA PRO C 440 -28.33 14.07 4.30
C PRO C 440 -28.85 15.14 3.36
N PRO C 441 -28.07 16.20 3.10
CA PRO C 441 -28.56 17.29 2.26
C PRO C 441 -29.03 16.99 0.81
N ILE C 442 -29.72 17.97 0.26
CA ILE C 442 -30.18 17.98 -1.12
C ILE C 442 -29.08 18.56 -1.98
N VAL C 443 -28.32 19.49 -1.42
CA VAL C 443 -27.35 20.29 -2.15
C VAL C 443 -25.97 20.04 -1.52
N THR C 444 -24.94 20.11 -2.35
CA THR C 444 -23.55 19.95 -1.93
C THR C 444 -22.82 21.28 -1.75
N HIS C 445 -23.37 22.36 -2.32
CA HIS C 445 -22.80 23.70 -2.24
C HIS C 445 -23.65 24.66 -1.44
N ASN C 446 -23.05 25.81 -1.08
CA ASN C 446 -23.80 26.97 -0.52
C ASN C 446 -24.27 27.81 -1.70
N MET C 447 -25.58 27.88 -1.88
CA MET C 447 -26.20 28.63 -2.97
C MET C 447 -26.23 30.11 -2.63
N VAL C 448 -26.00 30.96 -3.63
CA VAL C 448 -26.14 32.42 -3.48
C VAL C 448 -27.59 32.82 -3.14
N ASP C 449 -28.58 32.24 -3.81
CA ASP C 449 -29.99 32.54 -3.52
C ASP C 449 -30.78 31.26 -3.40
N ASP C 450 -30.61 30.60 -2.26
CA ASP C 450 -31.19 29.29 -1.99
C ASP C 450 -32.71 29.27 -2.05
N ALA C 451 -33.32 30.32 -1.49
CA ALA C 451 -34.78 30.40 -1.33
C ALA C 451 -35.57 30.52 -2.66
N ASN C 452 -35.04 31.26 -3.64
CA ASN C 452 -35.67 31.41 -4.98
C ASN C 452 -34.99 30.57 -6.07
N ASP C 453 -34.25 29.54 -5.68
CA ASP C 453 -33.69 28.61 -6.64
C ASP C 453 -34.72 27.58 -7.08
N LEU C 454 -34.81 27.38 -8.39
CA LEU C 454 -35.85 26.56 -8.99
C LEU C 454 -35.69 25.08 -8.67
N ILE C 455 -34.49 24.53 -8.81
CA ILE C 455 -34.28 23.09 -8.58
C ILE C 455 -34.60 22.79 -7.11
N LEU C 456 -34.04 23.59 -6.21
CA LEU C 456 -34.26 23.37 -4.79
C LEU C 456 -35.72 23.59 -4.39
N ASN C 457 -36.36 24.66 -4.87
CA ASN C 457 -37.80 24.88 -4.59
C ASN C 457 -38.70 23.72 -5.05
N LYS C 458 -38.30 23.03 -6.11
CA LYS C 458 -39.05 21.88 -6.61
C LYS C 458 -38.92 20.69 -5.69
N ILE C 459 -37.69 20.39 -5.30
CA ILE C 459 -37.41 19.22 -4.47
C ILE C 459 -38.15 19.37 -3.13
N ARG C 460 -38.06 20.58 -2.57
CA ARG C 460 -38.79 20.94 -1.33
C ARG C 460 -40.31 20.77 -1.47
N GLN C 461 -40.81 21.20 -2.62
CA GLN C 461 -42.21 21.03 -2.96
C GLN C 461 -42.60 19.55 -3.08
N VAL C 462 -41.86 18.76 -3.84
CA VAL C 462 -42.15 17.29 -3.91
C VAL C 462 -41.77 16.51 -2.65
N GLN C 463 -40.95 17.11 -1.78
CA GLN C 463 -40.56 16.52 -0.49
C GLN C 463 -39.73 15.25 -0.62
N LEU C 464 -38.60 15.40 -1.29
CA LEU C 464 -37.55 14.39 -1.32
C LEU C 464 -36.38 14.91 -0.49
N PHE C 465 -36.53 14.82 0.84
CA PHE C 465 -35.54 15.31 1.79
C PHE C 465 -34.57 14.24 2.29
N ASN C 466 -34.44 13.16 1.53
CA ASN C 466 -33.55 12.04 1.85
C ASN C 466 -33.85 11.47 3.23
N SER C 467 -35.13 11.23 3.46
CA SER C 467 -35.60 10.43 4.59
C SER C 467 -35.07 8.96 4.43
N PRO C 468 -34.76 8.26 5.53
CA PRO C 468 -34.38 6.84 5.40
C PRO C 468 -35.41 5.96 4.67
N SER C 469 -36.68 6.29 4.83
CA SER C 469 -37.78 5.54 4.21
C SER C 469 -38.03 5.91 2.73
N ASP C 470 -37.47 7.03 2.26
CA ASP C 470 -37.47 7.37 0.84
C ASP C 470 -36.55 6.42 0.11
N ARG C 471 -37.11 5.77 -0.90
CA ARG C 471 -36.39 4.81 -1.65
C ARG C 471 -35.61 5.51 -2.75
N VAL C 472 -35.94 6.77 -3.11
CA VAL C 472 -35.04 7.59 -3.94
C VAL C 472 -34.52 8.81 -3.24
N LYS C 473 -33.31 9.19 -3.62
CA LYS C 473 -32.53 10.20 -2.94
C LYS C 473 -32.12 11.23 -3.94
N MET C 474 -31.83 12.43 -3.45
CA MET C 474 -31.66 13.58 -4.31
C MET C 474 -30.42 14.36 -3.91
N ILE C 475 -29.54 14.59 -4.89
CA ILE C 475 -28.28 15.32 -4.67
C ILE C 475 -28.11 16.28 -5.83
N PHE C 476 -28.38 17.54 -5.58
CA PHE C 476 -28.12 18.62 -6.51
C PHE C 476 -26.67 19.02 -6.34
N HIS C 477 -25.92 18.94 -7.43
CA HIS C 477 -24.51 19.37 -7.50
C HIS C 477 -24.46 20.55 -8.47
N PRO C 478 -24.63 21.79 -7.98
CA PRO C 478 -24.84 22.95 -8.87
C PRO C 478 -23.52 23.52 -9.40
N GLU C 479 -22.73 22.68 -10.05
CA GLU C 479 -21.38 23.05 -10.47
C GLU C 479 -20.88 22.00 -11.45
N PHE C 480 -19.99 22.44 -12.33
CA PHE C 480 -19.25 21.54 -13.23
C PHE C 480 -18.49 20.49 -12.45
N LEU C 481 -18.63 19.24 -12.85
CA LEU C 481 -17.81 18.15 -12.29
C LEU C 481 -16.38 18.38 -12.74
N ASN C 482 -15.41 18.07 -11.90
CA ASN C 482 -14.02 18.26 -12.26
C ASN C 482 -13.16 17.43 -11.33
N ALA C 483 -12.18 16.72 -11.87
CA ALA C 483 -11.30 15.88 -11.06
C ALA C 483 -10.46 16.60 -9.99
N ASN C 484 -10.38 17.93 -10.04
CA ASN C 484 -9.70 18.70 -8.99
C ASN C 484 -10.61 19.02 -7.81
N ASN C 485 -11.92 18.79 -7.96
CA ASN C 485 -12.85 18.96 -6.84
C ASN C 485 -12.46 18.07 -5.64
N PRO C 486 -12.58 18.62 -4.44
CA PRO C 486 -12.33 17.84 -3.25
C PRO C 486 -13.48 16.93 -2.86
N ILE C 487 -14.69 17.17 -3.37
CA ILE C 487 -15.85 16.43 -2.89
C ILE C 487 -16.08 15.17 -3.72
N LEU C 488 -16.05 15.32 -5.05
CA LEU C 488 -16.43 14.27 -5.97
C LEU C 488 -15.49 14.38 -7.15
N GLY C 489 -14.31 13.76 -6.99
CA GLY C 489 -13.14 14.03 -7.82
C GLY C 489 -13.10 13.33 -9.16
N LEU C 490 -14.09 13.67 -9.98
CA LEU C 490 -14.33 13.07 -11.28
C LEU C 490 -14.51 14.18 -12.29
N ASP C 491 -13.89 14.03 -13.45
CA ASP C 491 -14.31 14.74 -14.66
C ASP C 491 -15.69 14.24 -15.14
N TYR C 492 -16.38 15.08 -15.92
CA TYR C 492 -17.72 14.77 -16.39
C TYR C 492 -17.79 13.37 -17.00
N ASP C 493 -16.97 13.12 -18.02
CA ASP C 493 -16.99 11.82 -18.72
C ASP C 493 -16.85 10.61 -17.77
N GLU C 494 -15.97 10.72 -16.78
CA GLU C 494 -15.73 9.66 -15.79
C GLU C 494 -17.00 9.35 -14.99
N PHE C 495 -17.62 10.40 -14.45
CA PHE C 495 -18.91 10.32 -13.73
C PHE C 495 -20.03 9.63 -14.50
N VAL C 496 -20.11 9.94 -15.78
CA VAL C 496 -21.09 9.32 -16.65
C VAL C 496 -20.87 7.79 -16.70
N ARG C 497 -19.60 7.38 -16.87
CA ARG C 497 -19.27 5.94 -16.95
C ARG C 497 -19.74 5.22 -15.68
N GLY C 498 -19.49 5.87 -14.55
CA GLY C 498 -19.87 5.38 -13.25
C GLY C 498 -21.37 5.28 -13.00
N CYS C 499 -22.18 6.09 -13.68
CA CYS C 499 -23.64 6.04 -13.48
C CYS C 499 -24.30 4.88 -14.20
N HIS C 500 -25.56 4.63 -13.89
CA HIS C 500 -26.35 3.57 -14.51
C HIS C 500 -27.31 4.06 -15.61
N LEU C 501 -27.85 5.27 -15.44
CA LEU C 501 -28.90 5.82 -16.31
C LEU C 501 -28.85 7.33 -16.42
N GLY C 502 -28.59 7.81 -17.63
CA GLY C 502 -28.84 9.20 -17.97
C GLY C 502 -30.33 9.44 -18.12
N VAL C 503 -30.83 10.53 -17.55
CA VAL C 503 -32.24 10.91 -17.67
C VAL C 503 -32.30 12.39 -18.06
N PHE C 504 -32.59 12.62 -19.36
CA PHE C 504 -32.57 13.95 -19.99
C PHE C 504 -33.88 14.23 -20.71
N PRO C 505 -34.96 14.48 -19.93
CA PRO C 505 -36.30 14.51 -20.46
C PRO C 505 -36.64 15.93 -20.93
N SER C 506 -35.96 16.33 -22.01
CA SER C 506 -35.90 17.72 -22.44
C SER C 506 -37.19 18.18 -23.17
N TYR C 507 -37.41 19.50 -23.18
CA TYR C 507 -38.54 20.11 -23.88
C TYR C 507 -38.09 20.90 -25.12
N TYR C 508 -37.00 21.65 -25.00
CA TYR C 508 -36.34 22.23 -26.17
C TYR C 508 -34.93 21.69 -26.19
N GLU C 509 -34.56 21.04 -27.29
CA GLU C 509 -33.25 20.38 -27.44
C GLU C 509 -33.07 20.03 -28.93
N PRO C 510 -32.58 21.02 -29.72
CA PRO C 510 -32.33 20.79 -31.11
C PRO C 510 -31.48 19.55 -31.36
N TRP C 511 -30.30 19.44 -30.73
CA TRP C 511 -29.58 18.16 -30.79
C TRP C 511 -29.62 17.38 -29.45
N GLY C 512 -28.83 17.74 -28.47
CA GLY C 512 -28.76 16.88 -27.29
C GLY C 512 -27.54 15.99 -27.39
N TYR C 513 -26.42 16.67 -27.21
CA TYR C 513 -25.09 16.09 -27.12
C TYR C 513 -25.02 15.14 -25.94
N THR C 514 -25.83 15.44 -24.93
CA THR C 514 -25.82 14.75 -23.64
C THR C 514 -26.24 13.27 -23.74
N PRO C 515 -27.48 12.98 -24.16
CA PRO C 515 -27.82 11.56 -24.32
C PRO C 515 -27.00 10.87 -25.41
N ALA C 516 -26.46 11.64 -26.36
CA ALA C 516 -25.58 11.07 -27.37
C ALA C 516 -24.28 10.65 -26.73
N GLU C 517 -23.71 11.55 -25.90
CA GLU C 517 -22.46 11.32 -25.20
C GLU C 517 -22.57 10.16 -24.24
N CYS C 518 -23.70 10.06 -23.57
CA CYS C 518 -24.04 8.84 -22.82
C CYS C 518 -23.92 7.55 -23.64
N THR C 519 -24.57 7.56 -24.79
CA THR C 519 -24.76 6.36 -25.58
C THR C 519 -23.44 5.84 -26.17
N VAL C 520 -22.60 6.77 -26.59
CA VAL C 520 -21.20 6.52 -26.94
C VAL C 520 -20.43 5.74 -25.84
N MET C 521 -20.61 6.13 -24.58
CA MET C 521 -19.94 5.52 -23.45
C MET C 521 -20.71 4.34 -22.83
N GLY C 522 -21.62 3.73 -23.59
CA GLY C 522 -22.37 2.59 -23.10
C GLY C 522 -23.19 2.83 -21.85
N VAL C 523 -23.84 4.00 -21.77
CA VAL C 523 -24.72 4.37 -20.66
C VAL C 523 -26.14 4.61 -21.16
N PRO C 524 -27.09 3.76 -20.76
CA PRO C 524 -28.50 3.99 -21.11
C PRO C 524 -28.95 5.39 -20.75
N SER C 525 -29.81 5.96 -21.59
CA SER C 525 -30.34 7.30 -21.38
C SER C 525 -31.84 7.26 -21.57
N ILE C 526 -32.51 8.25 -20.99
CA ILE C 526 -33.91 8.55 -21.30
C ILE C 526 -33.93 9.92 -21.94
N THR C 527 -34.58 10.01 -23.09
CA THR C 527 -34.69 11.26 -23.84
C THR C 527 -36.15 11.47 -24.23
N THR C 528 -36.42 12.51 -25.00
CA THR C 528 -37.78 12.79 -25.47
C THR C 528 -37.80 12.87 -26.98
N ASN C 529 -39.01 12.71 -27.53
CA ASN C 529 -39.19 12.83 -28.98
C ASN C 529 -39.20 14.28 -29.46
N VAL C 530 -39.05 15.25 -28.57
CA VAL C 530 -38.81 16.63 -28.99
C VAL C 530 -37.32 16.99 -28.92
N SER C 531 -36.50 16.03 -28.47
CA SER C 531 -35.06 16.15 -28.52
C SER C 531 -34.62 15.71 -29.89
N GLY C 532 -33.66 16.44 -30.44
CA GLY C 532 -33.06 16.08 -31.72
C GLY C 532 -32.53 14.67 -31.74
N PHE C 533 -31.81 14.31 -30.69
CA PHE C 533 -31.30 12.95 -30.49
C PHE C 533 -32.43 11.91 -30.51
N GLY C 534 -33.54 12.22 -29.83
CA GLY C 534 -34.68 11.32 -29.77
C GLY C 534 -35.37 11.13 -31.10
N SER C 535 -35.53 12.24 -31.87
CA SER C 535 -36.12 12.17 -33.22
C SER C 535 -35.28 11.26 -34.11
N TYR C 536 -33.98 11.54 -34.14
CA TYR C 536 -32.97 10.74 -34.87
C TYR C 536 -32.98 9.23 -34.55
N MET C 537 -33.31 8.89 -33.31
CA MET C 537 -33.20 7.54 -32.78
C MET C 537 -34.50 6.72 -32.96
N GLU C 538 -35.64 7.41 -32.90
CA GLU C 538 -36.93 6.90 -33.41
C GLU C 538 -36.79 6.42 -34.85
N ASP C 539 -36.17 7.27 -35.69
CA ASP C 539 -35.97 6.96 -37.11
C ASP C 539 -35.17 5.69 -37.45
N LEU C 540 -34.23 5.32 -36.59
CA LEU C 540 -33.38 4.15 -36.84
C LEU C 540 -33.81 2.90 -36.09
N ILE C 541 -34.69 3.02 -35.09
CA ILE C 541 -35.10 1.88 -34.26
C ILE C 541 -36.55 2.07 -33.80
N GLU C 542 -37.41 1.06 -33.92
CA GLU C 542 -38.82 1.23 -33.46
C GLU C 542 -38.85 1.22 -31.94
N THR C 543 -39.60 2.15 -31.36
CA THR C 543 -39.52 2.50 -29.93
C THR C 543 -39.82 1.30 -28.99
N ASN C 544 -40.52 0.28 -29.50
CA ASN C 544 -40.61 -1.04 -28.83
C ASN C 544 -39.23 -1.65 -28.56
N GLN C 545 -38.45 -1.76 -29.64
CA GLN C 545 -37.09 -2.33 -29.63
C GLN C 545 -36.05 -1.55 -28.79
N ALA C 546 -35.97 -0.24 -29.03
CA ALA C 546 -34.90 0.65 -28.51
C ALA C 546 -34.63 0.64 -26.98
N LYS C 547 -35.60 0.19 -26.18
CA LYS C 547 -35.38 -0.04 -24.75
C LYS C 547 -34.36 -1.17 -24.46
N ASP C 548 -34.31 -2.18 -25.33
CA ASP C 548 -33.26 -3.24 -25.26
C ASP C 548 -31.86 -2.72 -25.58
N TYR C 549 -31.83 -1.68 -26.41
CA TYR C 549 -30.60 -0.95 -26.75
C TYR C 549 -30.35 0.22 -25.80
N GLY C 550 -31.11 0.33 -24.72
CA GLY C 550 -30.94 1.41 -23.77
C GLY C 550 -31.25 2.82 -24.24
N ILE C 551 -32.13 2.97 -25.23
CA ILE C 551 -32.65 4.28 -25.60
C ILE C 551 -34.12 4.31 -25.22
N TYR C 552 -34.39 5.01 -24.13
CA TYR C 552 -35.74 5.27 -23.69
C TYR C 552 -36.14 6.61 -24.29
N ILE C 553 -37.23 6.63 -25.07
CA ILE C 553 -37.74 7.88 -25.65
C ILE C 553 -39.14 8.18 -25.13
N VAL C 554 -39.28 9.30 -24.42
CA VAL C 554 -40.54 9.69 -23.80
C VAL C 554 -41.34 10.54 -24.78
N ASP C 555 -42.65 10.31 -24.81
CA ASP C 555 -43.56 11.12 -25.63
C ASP C 555 -43.95 12.44 -24.93
N ARG C 556 -43.49 13.55 -25.50
CA ARG C 556 -43.65 14.89 -24.93
C ARG C 556 -44.24 15.83 -26.00
N ARG C 557 -45.14 15.25 -26.81
CA ARG C 557 -45.55 15.82 -28.09
C ARG C 557 -47.00 15.46 -28.45
N PHE C 558 -47.32 14.17 -28.43
CA PHE C 558 -48.68 13.67 -28.63
C PHE C 558 -49.24 13.11 -27.32
N LYS C 559 -48.89 13.76 -26.20
CA LYS C 559 -49.33 13.34 -24.85
C LYS C 559 -49.27 14.54 -23.91
N ALA C 560 -50.20 14.62 -22.95
CA ALA C 560 -50.27 15.75 -21.99
C ALA C 560 -49.17 15.61 -20.95
N PRO C 561 -48.62 16.75 -20.48
CA PRO C 561 -47.53 16.70 -19.49
C PRO C 561 -47.66 15.61 -18.42
N ASP C 562 -48.85 15.36 -17.90
CA ASP C 562 -49.06 14.34 -16.87
C ASP C 562 -48.93 12.87 -17.35
N GLU C 563 -49.25 12.62 -18.62
CA GLU C 563 -49.02 11.29 -19.22
C GLU C 563 -47.55 11.07 -19.60
N SER C 564 -46.85 12.16 -19.95
CA SER C 564 -45.38 12.16 -20.15
C SER C 564 -44.67 11.72 -18.87
N VAL C 565 -44.92 12.45 -17.79
CA VAL C 565 -44.33 12.15 -16.49
C VAL C 565 -44.54 10.66 -16.13
N GLU C 566 -45.77 10.16 -16.27
CA GLU C 566 -46.05 8.74 -15.95
C GLU C 566 -45.32 7.76 -16.86
N GLN C 567 -45.06 8.16 -18.11
CA GLN C 567 -44.23 7.36 -19.04
C GLN C 567 -42.75 7.36 -18.60
N LEU C 568 -42.22 8.54 -18.27
CA LEU C 568 -40.88 8.64 -17.68
C LEU C 568 -40.79 7.74 -16.45
N VAL C 569 -41.80 7.78 -15.60
CA VAL C 569 -41.82 6.90 -14.42
C VAL C 569 -41.86 5.41 -14.82
N ASP C 570 -42.69 5.04 -15.79
CA ASP C 570 -42.75 3.63 -16.26
C ASP C 570 -41.37 3.16 -16.65
N TYR C 571 -40.68 3.99 -17.42
CA TYR C 571 -39.34 3.70 -17.90
C TYR C 571 -38.32 3.55 -16.77
N MET C 572 -38.28 4.51 -15.85
CA MET C 572 -37.41 4.38 -14.67
C MET C 572 -37.75 3.10 -13.88
N GLU C 573 -39.01 2.92 -13.49
CA GLU C 573 -39.46 1.76 -12.68
C GLU C 573 -39.13 0.42 -13.34
N GLU C 574 -39.13 0.41 -14.66
CA GLU C 574 -38.77 -0.78 -15.42
C GLU C 574 -37.26 -1.01 -15.27
N PHE C 575 -36.46 0.05 -15.40
CA PHE C 575 -35.01 -0.06 -15.26
C PHE C 575 -34.60 -0.55 -13.85
N VAL C 576 -35.30 -0.05 -12.84
CA VAL C 576 -35.03 -0.42 -11.45
C VAL C 576 -35.26 -1.91 -11.22
N LYS C 577 -36.21 -2.51 -11.94
CA LYS C 577 -36.51 -3.95 -11.84
C LYS C 577 -35.43 -4.82 -12.47
N LYS C 578 -34.68 -4.31 -13.43
CA LYS C 578 -33.63 -5.10 -14.08
C LYS C 578 -32.58 -5.57 -13.09
N THR C 579 -32.10 -6.79 -13.33
CA THR C 579 -30.98 -7.39 -12.61
C THR C 579 -29.65 -6.81 -13.08
N ARG C 580 -28.58 -7.13 -12.35
CA ARG C 580 -27.22 -6.84 -12.80
C ARG C 580 -26.91 -7.45 -14.19
N ARG C 581 -27.28 -8.70 -14.46
CA ARG C 581 -26.94 -9.32 -15.75
C ARG C 581 -27.63 -8.57 -16.91
N GLN C 582 -28.88 -8.17 -16.66
CA GLN C 582 -29.68 -7.43 -17.63
C GLN C 582 -29.18 -6.00 -17.84
N ARG C 583 -28.73 -5.37 -16.77
CA ARG C 583 -28.10 -4.05 -16.87
C ARG C 583 -26.84 -4.09 -17.71
N ILE C 584 -25.99 -5.11 -17.46
CA ILE C 584 -24.72 -5.29 -18.18
C ILE C 584 -24.98 -5.52 -19.66
N ASN C 585 -25.85 -6.48 -19.96
CA ASN C 585 -26.26 -6.75 -21.34
C ASN C 585 -26.70 -5.49 -22.05
N GLN C 586 -27.65 -4.80 -21.45
CA GLN C 586 -28.23 -3.60 -22.00
C GLN C 586 -27.16 -2.51 -22.24
N ARG C 587 -26.18 -2.40 -21.34
CA ARG C 587 -25.01 -1.54 -21.61
C ARG C 587 -24.21 -1.99 -22.83
N ASN C 588 -24.08 -3.30 -23.05
CA ASN C 588 -23.38 -3.82 -24.24
C ASN C 588 -24.12 -3.43 -25.53
N ARG C 589 -25.46 -3.56 -25.49
CA ARG C 589 -26.34 -3.07 -26.56
C ARG C 589 -26.20 -1.57 -26.76
N THR C 590 -26.26 -0.80 -25.68
CA THR C 590 -26.10 0.65 -25.79
C THR C 590 -24.78 1.07 -26.40
N GLU C 591 -23.71 0.36 -26.08
CA GLU C 591 -22.37 0.68 -26.58
C GLU C 591 -22.22 0.35 -28.06
N ARG C 592 -22.81 -0.76 -28.49
CA ARG C 592 -22.90 -1.13 -29.92
C ARG C 592 -23.44 -0.01 -30.87
N LEU C 593 -24.39 0.80 -30.39
CA LEU C 593 -24.96 1.88 -31.18
C LEU C 593 -23.98 2.99 -31.52
N SER C 594 -22.94 3.18 -30.73
CA SER C 594 -22.01 4.30 -30.91
C SER C 594 -21.52 4.57 -32.35
N ASP C 595 -21.43 3.56 -33.20
CA ASP C 595 -21.06 3.80 -34.61
C ASP C 595 -22.07 4.60 -35.41
N LEU C 596 -23.32 4.54 -34.98
CA LEU C 596 -24.37 5.35 -35.58
C LEU C 596 -24.23 6.83 -35.25
N LEU C 597 -23.48 7.17 -34.21
CA LEU C 597 -23.30 8.56 -33.76
C LEU C 597 -21.91 9.13 -34.05
N ASP C 598 -21.05 8.32 -34.67
CA ASP C 598 -19.68 8.71 -35.03
C ASP C 598 -19.68 9.55 -36.31
N TRP C 599 -18.76 10.53 -36.42
CA TRP C 599 -18.59 11.30 -37.67
C TRP C 599 -18.33 10.50 -38.95
N LYS C 600 -17.73 9.30 -38.84
CA LYS C 600 -17.55 8.38 -40.01
C LYS C 600 -18.84 8.12 -40.79
N ARG C 601 -19.95 8.06 -40.06
CA ARG C 601 -21.29 7.96 -40.62
C ARG C 601 -21.99 9.33 -40.82
N MET C 602 -22.02 10.18 -39.78
CA MET C 602 -22.71 11.49 -39.87
C MET C 602 -22.13 12.40 -40.94
N GLY C 603 -20.84 12.27 -41.18
CA GLY C 603 -20.15 13.12 -42.13
C GLY C 603 -20.56 12.95 -43.58
N LEU C 604 -21.22 11.83 -43.88
CA LEU C 604 -21.83 11.64 -45.19
C LEU C 604 -22.95 12.65 -45.41
N GLU C 605 -23.75 12.92 -44.40
CA GLU C 605 -24.82 13.90 -44.55
C GLU C 605 -24.26 15.28 -44.95
N TYR C 606 -23.13 15.67 -44.36
CA TYR C 606 -22.44 16.90 -44.80
C TYR C 606 -22.05 16.84 -46.29
N VAL C 607 -21.59 15.69 -46.75
CA VAL C 607 -21.24 15.53 -48.16
C VAL C 607 -22.48 15.80 -49.04
N LYS C 608 -23.59 15.15 -48.71
CA LYS C 608 -24.87 15.39 -49.40
C LYS C 608 -25.29 16.86 -49.48
N ALA C 609 -25.00 17.64 -48.45
CA ALA C 609 -25.37 19.06 -48.42
C ALA C 609 -24.50 19.91 -49.33
N ARG C 610 -23.24 19.53 -49.51
CA ARG C 610 -22.35 20.26 -50.42
C ARG C 610 -22.56 19.81 -51.88
N GLN C 611 -22.91 18.55 -52.09
CA GLN C 611 -23.26 18.09 -53.45
C GLN C 611 -24.45 18.92 -53.96
N LEU C 612 -25.54 18.91 -53.19
CA LEU C 612 -26.74 19.72 -53.50
C LEU C 612 -26.46 21.20 -53.74
N ALA C 613 -25.60 21.81 -52.92
CA ALA C 613 -25.24 23.23 -53.13
C ALA C 613 -24.52 23.45 -54.46
N LEU C 614 -23.66 22.52 -54.86
CA LEU C 614 -23.01 22.55 -56.17
C LEU C 614 -23.95 22.27 -57.32
N ARG C 615 -24.88 21.35 -57.10
CA ARG C 615 -25.95 21.04 -58.06
C ARG C 615 -26.85 22.24 -58.31
N ARG C 616 -27.17 23.00 -57.28
CA ARG C 616 -28.07 24.16 -57.42
C ARG C 616 -27.37 25.38 -58.00
N GLY C 617 -26.17 25.66 -57.52
CA GLY C 617 -25.37 26.75 -58.05
C GLY C 617 -25.00 26.55 -59.52
N TYR C 618 -24.43 25.39 -59.85
CA TYR C 618 -23.90 25.13 -61.19
C TYR C 618 -24.63 23.99 -61.92
N PRO C 619 -25.95 24.17 -62.19
CA PRO C 619 -26.74 23.07 -62.77
C PRO C 619 -26.22 22.52 -64.12
N ASP C 620 -25.60 23.38 -64.93
CA ASP C 620 -25.09 22.99 -66.25
C ASP C 620 -23.80 22.18 -66.15
N GLN C 621 -22.82 22.72 -65.43
CA GLN C 621 -21.57 22.00 -65.14
C GLN C 621 -21.81 20.67 -64.44
N PHE C 622 -22.84 20.59 -63.59
CA PHE C 622 -23.20 19.35 -62.88
C PHE C 622 -23.81 18.35 -63.87
N ARG C 623 -24.78 18.77 -64.68
CA ARG C 623 -25.35 17.90 -65.73
C ARG C 623 -24.27 17.43 -66.72
N GLU C 624 -23.41 18.38 -67.11
CA GLU C 624 -22.22 18.09 -67.92
C GLU C 624 -21.42 16.96 -67.29
N LEU C 625 -21.10 17.14 -66.01
CA LEU C 625 -20.22 16.24 -65.28
C LEU C 625 -20.81 14.86 -65.01
N VAL C 626 -22.13 14.77 -64.89
CA VAL C 626 -22.80 13.47 -64.76
C VAL C 626 -23.20 12.92 -66.13
N GLY C 627 -24.25 13.50 -66.71
CA GLY C 627 -24.99 12.86 -67.80
C GLY C 627 -26.45 13.26 -67.83
N GLU C 628 -27.00 13.66 -66.69
CA GLU C 628 -28.39 14.06 -66.57
C GLU C 628 -28.56 15.10 -65.47
N GLU C 629 -29.61 15.91 -65.62
CA GLU C 629 -30.13 16.72 -64.53
C GLU C 629 -30.62 15.80 -63.41
N LEU C 630 -29.89 15.75 -62.30
CA LEU C 630 -30.28 14.94 -61.14
C LEU C 630 -31.22 15.74 -60.26
N ASN C 631 -31.99 15.04 -59.44
CA ASN C 631 -33.06 15.66 -58.68
C ASN C 631 -32.51 16.58 -57.60
N ASP C 632 -32.88 17.85 -57.61
CA ASP C 632 -32.38 18.81 -56.61
C ASP C 632 -33.43 19.25 -55.58
N SER C 633 -34.50 18.47 -55.37
CA SER C 633 -35.54 18.84 -54.38
C SER C 633 -35.09 18.69 -52.90
N ASN C 634 -34.28 17.66 -52.56
CA ASN C 634 -33.60 17.55 -51.26
C ASN C 634 -32.17 17.03 -51.41
N MET C 635 -31.47 17.03 -50.27
CA MET C 635 -30.24 16.28 -50.12
C MET C 635 -30.40 14.78 -50.38
N ASP C 636 -31.48 14.21 -49.84
CA ASP C 636 -31.78 12.81 -50.05
C ASP C 636 -32.11 12.51 -51.50
N ALA C 637 -32.83 13.40 -52.18
CA ALA C 637 -33.24 13.14 -53.59
C ALA C 637 -32.05 13.04 -54.53
N LEU C 638 -31.12 13.97 -54.38
CA LEU C 638 -29.90 14.04 -55.18
C LEU C 638 -28.99 12.86 -54.98
N ALA C 639 -28.86 12.43 -53.73
CA ALA C 639 -28.05 11.25 -53.38
C ALA C 639 -28.61 9.92 -53.94
N GLY C 640 -29.92 9.85 -54.22
CA GLY C 640 -30.62 8.59 -54.50
C GLY C 640 -30.50 7.62 -53.33
N GLY C 641 -30.37 8.17 -52.12
CA GLY C 641 -29.86 7.42 -50.97
C GLY C 641 -30.88 6.59 -50.20
N LYS C 642 -30.42 5.47 -49.64
CA LYS C 642 -31.19 4.65 -48.69
C LYS C 642 -31.01 5.12 -47.24
N LYS C 643 -31.96 4.74 -46.38
CA LYS C 643 -31.87 4.90 -44.94
C LYS C 643 -31.37 3.59 -44.34
N LEU C 644 -30.40 3.67 -43.42
CA LEU C 644 -29.69 2.48 -42.92
C LEU C 644 -30.12 2.15 -41.48
N LYS C 645 -31.28 1.50 -41.35
CA LYS C 645 -31.91 1.15 -40.06
C LYS C 645 -31.15 0.07 -39.24
N VAL C 646 -31.48 0.00 -37.94
CA VAL C 646 -30.95 -1.03 -37.01
C VAL C 646 -32.11 -1.71 -36.25
N ALA C 647 -31.97 -3.01 -35.99
CA ALA C 647 -32.95 -3.78 -35.23
C ALA C 647 -32.32 -5.07 -34.67
N SER D 2 -49.04 -52.48 -15.86
CA SER D 2 -48.37 -52.66 -14.52
C SER D 2 -47.37 -51.53 -14.18
N ARG D 3 -46.44 -51.24 -15.10
CA ARG D 3 -45.32 -50.30 -14.88
C ARG D 3 -45.58 -48.90 -15.46
N ASP D 4 -45.32 -47.84 -14.68
CA ASP D 4 -45.41 -46.46 -15.20
C ASP D 4 -44.04 -45.98 -15.70
N LEU D 5 -44.05 -45.35 -16.88
CA LEU D 5 -42.83 -44.95 -17.57
C LEU D 5 -42.48 -43.46 -17.41
N GLN D 6 -43.37 -42.67 -16.81
CA GLN D 6 -43.12 -41.25 -16.56
C GLN D 6 -42.60 -41.01 -15.15
N ASN D 7 -43.26 -41.59 -14.13
CA ASN D 7 -42.66 -41.71 -12.80
C ASN D 7 -42.00 -43.09 -12.73
N HIS D 8 -40.68 -43.10 -12.94
CA HIS D 8 -39.85 -44.30 -12.86
C HIS D 8 -38.62 -44.05 -12.00
N LEU D 9 -37.97 -45.13 -11.59
CA LEU D 9 -36.76 -45.04 -10.78
C LEU D 9 -35.55 -45.00 -11.69
N LEU D 10 -34.39 -44.70 -11.09
CA LEU D 10 -33.10 -44.72 -11.78
C LEU D 10 -32.00 -45.17 -10.83
N PHE D 11 -31.20 -46.13 -11.29
CA PHE D 11 -30.04 -46.62 -10.55
C PHE D 11 -28.76 -46.59 -11.40
N GLU D 12 -27.84 -45.68 -11.06
CA GLU D 12 -26.52 -45.63 -11.70
C GLU D 12 -25.49 -46.39 -10.88
N THR D 13 -24.94 -47.42 -11.51
CA THR D 13 -23.97 -48.29 -10.88
C THR D 13 -22.63 -48.00 -11.55
N ALA D 14 -21.60 -47.79 -10.72
CA ALA D 14 -20.22 -47.64 -11.20
C ALA D 14 -19.20 -47.96 -10.10
N THR D 15 -18.04 -48.47 -10.49
CA THR D 15 -16.91 -48.68 -9.56
C THR D 15 -16.49 -47.40 -8.82
N GLU D 16 -16.62 -46.24 -9.47
CA GLU D 16 -15.98 -45.02 -8.99
C GLU D 16 -16.93 -44.11 -8.22
N VAL D 17 -17.90 -44.68 -7.51
CA VAL D 17 -19.03 -43.89 -6.93
C VAL D 17 -18.67 -43.05 -5.70
N ALA D 18 -17.71 -43.47 -4.90
CA ALA D 18 -17.21 -42.61 -3.83
C ALA D 18 -15.73 -42.88 -3.58
N ASN D 19 -14.99 -43.02 -4.67
CA ASN D 19 -13.53 -43.07 -4.64
C ASN D 19 -13.05 -42.69 -6.04
N ARG D 20 -12.23 -41.63 -6.11
CA ARG D 20 -11.60 -41.26 -7.37
C ARG D 20 -10.57 -42.32 -7.73
N VAL D 21 -11.00 -43.29 -8.52
CA VAL D 21 -10.08 -44.17 -9.22
C VAL D 21 -9.66 -43.48 -10.53
N GLY D 22 -10.51 -42.63 -11.11
CA GLY D 22 -10.18 -41.97 -12.38
C GLY D 22 -11.27 -41.04 -12.93
N GLY D 23 -11.42 -41.02 -14.25
CA GLY D 23 -12.33 -40.09 -14.96
C GLY D 23 -13.84 -40.17 -14.72
N ILE D 24 -14.36 -41.34 -14.34
CA ILE D 24 -15.80 -41.54 -14.13
C ILE D 24 -16.29 -40.85 -12.85
N TYR D 25 -15.46 -40.86 -11.82
CA TYR D 25 -15.74 -40.11 -10.60
C TYR D 25 -16.20 -38.72 -10.96
N SER D 26 -15.41 -38.02 -11.78
CA SER D 26 -15.67 -36.62 -12.14
C SER D 26 -16.96 -36.43 -12.94
N VAL D 27 -17.30 -37.44 -13.75
CA VAL D 27 -18.49 -37.42 -14.58
C VAL D 27 -19.74 -37.56 -13.72
N LEU D 28 -19.78 -38.63 -12.91
CA LEU D 28 -20.91 -38.92 -12.00
C LEU D 28 -21.18 -37.82 -10.99
N LYS D 29 -20.09 -37.26 -10.46
CA LYS D 29 -20.12 -36.13 -9.52
C LYS D 29 -20.65 -34.88 -10.21
N SER D 30 -20.06 -34.48 -11.34
CA SER D 30 -20.49 -33.26 -12.03
C SER D 30 -21.93 -33.36 -12.58
N LYS D 31 -22.36 -34.59 -12.89
CA LYS D 31 -23.73 -34.88 -13.38
C LYS D 31 -24.83 -34.99 -12.32
N ALA D 32 -24.47 -35.03 -11.04
CA ALA D 32 -25.48 -35.16 -9.97
C ALA D 32 -26.55 -34.03 -9.97
N PRO D 33 -26.14 -32.75 -9.98
CA PRO D 33 -27.13 -31.65 -9.91
C PRO D 33 -28.22 -31.75 -10.95
N ILE D 34 -27.85 -32.10 -12.19
CA ILE D 34 -28.83 -32.21 -13.29
C ILE D 34 -29.76 -33.43 -13.13
N THR D 35 -29.24 -34.60 -12.74
CA THR D 35 -30.09 -35.78 -12.56
C THR D 35 -30.97 -35.65 -11.32
N VAL D 36 -30.38 -35.22 -10.20
CA VAL D 36 -31.15 -34.99 -8.96
C VAL D 36 -32.26 -33.93 -9.13
N ALA D 37 -32.02 -32.92 -9.97
CA ALA D 37 -33.03 -31.92 -10.30
C ALA D 37 -34.26 -32.57 -10.92
N GLN D 38 -34.04 -33.54 -11.83
CA GLN D 38 -35.12 -34.31 -12.46
C GLN D 38 -35.70 -35.45 -11.58
N TYR D 39 -34.83 -36.19 -10.88
CA TYR D 39 -35.21 -37.41 -10.13
C TYR D 39 -35.11 -37.21 -8.61
N LYS D 40 -35.69 -36.13 -8.10
CA LYS D 40 -35.62 -35.74 -6.67
C LYS D 40 -35.10 -36.81 -5.69
N ASP D 41 -35.93 -37.81 -5.38
CA ASP D 41 -35.57 -38.89 -4.45
C ASP D 41 -35.65 -40.29 -5.08
N HIS D 42 -35.85 -40.35 -6.40
CA HIS D 42 -35.91 -41.63 -7.13
C HIS D 42 -34.50 -42.11 -7.62
N TYR D 43 -33.58 -41.16 -7.80
CA TYR D 43 -32.19 -41.42 -8.21
C TYR D 43 -31.34 -42.01 -7.08
N HIS D 44 -30.65 -43.10 -7.37
CA HIS D 44 -29.70 -43.70 -6.44
C HIS D 44 -28.43 -44.11 -7.19
N LEU D 45 -27.27 -43.89 -6.57
CA LEU D 45 -25.98 -44.29 -7.15
C LEU D 45 -25.45 -45.49 -6.38
N ILE D 46 -24.99 -46.53 -7.09
CA ILE D 46 -24.57 -47.77 -6.43
C ILE D 46 -23.11 -48.10 -6.76
N GLY D 47 -22.31 -48.44 -5.73
CA GLY D 47 -20.91 -48.81 -5.92
C GLY D 47 -20.29 -49.61 -4.78
N PRO D 48 -19.04 -50.12 -4.99
CA PRO D 48 -18.36 -50.85 -3.93
C PRO D 48 -17.86 -49.92 -2.83
N LEU D 49 -18.02 -50.33 -1.57
CA LEU D 49 -17.62 -49.52 -0.42
C LEU D 49 -16.10 -49.45 -0.32
N ASN D 50 -15.54 -48.23 -0.43
CA ASN D 50 -14.09 -48.06 -0.38
C ASN D 50 -13.67 -47.76 1.06
N LYS D 51 -13.50 -48.83 1.84
CA LYS D 51 -13.29 -48.77 3.30
C LYS D 51 -12.42 -47.62 3.80
N ALA D 52 -11.17 -47.55 3.34
CA ALA D 52 -10.23 -46.51 3.78
C ALA D 52 -10.75 -45.08 3.56
N THR D 53 -11.37 -44.83 2.40
CA THR D 53 -11.71 -43.45 1.95
C THR D 53 -13.16 -43.01 2.18
N TYR D 54 -14.13 -43.90 1.92
CA TYR D 54 -15.57 -43.54 1.86
C TYR D 54 -16.04 -42.66 3.03
N GLN D 55 -15.46 -42.87 4.21
CA GLN D 55 -15.71 -42.06 5.39
C GLN D 55 -15.59 -40.56 5.10
N ASN D 56 -14.55 -40.16 4.37
CA ASN D 56 -14.29 -38.74 4.06
C ASN D 56 -15.31 -38.07 3.14
N GLU D 57 -15.94 -38.84 2.26
CA GLU D 57 -16.85 -38.29 1.23
C GLU D 57 -18.35 -38.46 1.51
N VAL D 58 -18.72 -39.57 2.13
CA VAL D 58 -20.13 -39.95 2.25
C VAL D 58 -20.68 -39.46 3.58
N ASP D 59 -21.87 -38.86 3.52
CA ASP D 59 -22.67 -38.51 4.71
C ASP D 59 -23.40 -39.79 5.16
N ILE D 60 -22.85 -40.49 6.16
CA ILE D 60 -23.35 -41.81 6.57
C ILE D 60 -24.69 -41.61 7.27
N LEU D 61 -25.69 -42.43 6.95
CA LEU D 61 -27.05 -42.21 7.45
C LEU D 61 -27.81 -43.49 7.77
N ASP D 62 -28.69 -43.39 8.75
CA ASP D 62 -29.49 -44.52 9.23
C ASP D 62 -30.64 -44.81 8.24
N TRP D 63 -30.45 -45.85 7.43
CA TRP D 63 -31.43 -46.29 6.42
C TRP D 63 -32.72 -46.96 6.93
N LYS D 64 -32.71 -47.38 8.21
CA LYS D 64 -33.81 -48.18 8.80
C LYS D 64 -34.94 -47.37 9.48
N LYS D 65 -34.83 -46.03 9.49
CA LYS D 65 -35.87 -45.17 10.07
C LYS D 65 -37.15 -45.14 9.21
N PRO D 66 -38.30 -44.74 9.80
CA PRO D 66 -39.49 -44.46 9.00
C PRO D 66 -39.37 -43.15 8.22
N GLU D 67 -38.59 -42.21 8.75
CA GLU D 67 -38.36 -40.89 8.13
C GLU D 67 -37.46 -40.94 6.89
N ALA D 68 -36.55 -41.93 6.83
CA ALA D 68 -35.55 -42.04 5.77
C ALA D 68 -36.08 -42.08 4.32
N PHE D 69 -37.35 -42.45 4.13
CA PHE D 69 -37.99 -42.48 2.80
C PHE D 69 -39.43 -41.97 2.88
N SER D 70 -40.10 -41.95 1.73
CA SER D 70 -41.55 -41.68 1.61
C SER D 70 -42.30 -42.97 1.27
N ASP D 71 -43.64 -42.89 1.17
CA ASP D 71 -44.48 -44.07 0.88
C ASP D 71 -44.08 -44.77 -0.42
N GLU D 72 -44.13 -44.03 -1.53
CA GLU D 72 -43.83 -44.59 -2.87
C GLU D 72 -42.35 -45.01 -3.10
N MET D 73 -41.44 -44.54 -2.25
CA MET D 73 -40.04 -45.01 -2.21
C MET D 73 -39.75 -46.07 -1.13
N ARG D 74 -40.80 -46.59 -0.46
CA ARG D 74 -40.64 -47.69 0.51
C ARG D 74 -39.96 -48.92 -0.09
N PRO D 75 -40.37 -49.35 -1.30
CA PRO D 75 -39.76 -50.54 -1.92
C PRO D 75 -38.24 -50.65 -1.85
N VAL D 76 -37.54 -49.52 -1.89
CA VAL D 76 -36.08 -49.49 -1.70
C VAL D 76 -35.69 -49.90 -0.27
N GLN D 77 -36.39 -49.35 0.72
CA GLN D 77 -36.17 -49.68 2.13
C GLN D 77 -36.39 -51.17 2.40
N HIS D 78 -37.52 -51.70 1.91
CA HIS D 78 -37.90 -53.12 2.08
C HIS D 78 -36.95 -54.08 1.35
N ALA D 79 -36.44 -53.66 0.19
CA ALA D 79 -35.43 -54.44 -0.53
C ALA D 79 -34.07 -54.42 0.18
N LEU D 80 -33.76 -53.33 0.89
CA LEU D 80 -32.53 -53.26 1.71
C LEU D 80 -32.61 -54.12 2.99
N GLN D 81 -33.82 -54.30 3.52
CA GLN D 81 -34.05 -55.28 4.61
C GLN D 81 -33.78 -56.72 4.15
N THR D 82 -34.16 -57.04 2.92
CA THR D 82 -33.90 -58.37 2.34
C THR D 82 -32.39 -58.63 2.11
N MET D 83 -31.60 -57.55 2.00
CA MET D 83 -30.12 -57.64 2.02
C MET D 83 -29.60 -57.77 3.46
N GLU D 84 -30.19 -56.98 4.36
CA GLU D 84 -29.89 -57.01 5.81
C GLU D 84 -30.08 -58.40 6.46
N SER D 85 -31.11 -59.14 6.05
CA SER D 85 -31.41 -60.48 6.61
C SER D 85 -30.54 -61.62 6.03
N ARG D 86 -29.57 -61.31 5.17
CA ARG D 86 -28.56 -62.27 4.72
C ARG D 86 -27.13 -61.86 5.13
N GLY D 87 -27.00 -60.86 6.01
CA GLY D 87 -25.70 -60.41 6.51
C GLY D 87 -24.89 -59.47 5.63
N VAL D 88 -25.49 -59.00 4.52
CA VAL D 88 -24.79 -58.15 3.55
C VAL D 88 -24.67 -56.75 4.16
N HIS D 89 -23.44 -56.32 4.43
CA HIS D 89 -23.18 -54.98 4.96
C HIS D 89 -23.26 -53.97 3.80
N PHE D 90 -23.84 -52.79 4.08
CA PHE D 90 -23.93 -51.73 3.07
C PHE D 90 -24.18 -50.38 3.72
N VAL D 91 -23.56 -49.33 3.18
CA VAL D 91 -23.76 -47.96 3.69
C VAL D 91 -24.71 -47.19 2.78
N TYR D 92 -25.87 -46.86 3.32
CA TYR D 92 -26.72 -45.82 2.73
C TYR D 92 -26.15 -44.47 3.13
N GLY D 93 -26.44 -43.46 2.33
CA GLY D 93 -26.06 -42.11 2.70
C GLY D 93 -26.36 -41.04 1.66
N ARG D 94 -25.59 -39.98 1.73
CA ARG D 94 -25.59 -38.90 0.75
C ARG D 94 -24.15 -38.48 0.45
N TRP D 95 -23.84 -38.32 -0.82
CA TRP D 95 -22.50 -37.92 -1.27
C TRP D 95 -22.34 -36.43 -0.97
N LEU D 96 -21.24 -36.06 -0.30
CA LEU D 96 -21.01 -34.67 0.07
C LEU D 96 -20.46 -33.87 -1.10
N ILE D 97 -21.34 -33.58 -2.05
CA ILE D 97 -21.03 -32.83 -3.27
C ILE D 97 -22.26 -32.02 -3.64
N GLU D 98 -22.12 -31.08 -4.58
CA GLU D 98 -23.29 -30.35 -5.05
C GLU D 98 -24.31 -31.38 -5.56
N GLY D 99 -25.57 -31.22 -5.14
CA GLY D 99 -26.67 -32.10 -5.56
C GLY D 99 -27.10 -33.11 -4.52
N ALA D 100 -26.14 -33.61 -3.75
CA ALA D 100 -26.40 -34.50 -2.62
C ALA D 100 -27.21 -35.75 -3.02
N PRO D 101 -26.75 -36.46 -4.05
CA PRO D 101 -27.49 -37.63 -4.49
C PRO D 101 -27.33 -38.77 -3.49
N LYS D 102 -28.35 -39.63 -3.40
CA LYS D 102 -28.38 -40.71 -2.42
C LYS D 102 -27.59 -41.94 -2.90
N VAL D 103 -26.73 -42.47 -2.02
CA VAL D 103 -25.72 -43.45 -2.39
C VAL D 103 -25.93 -44.78 -1.64
N ILE D 104 -25.86 -45.90 -2.36
CA ILE D 104 -25.91 -47.23 -1.77
C ILE D 104 -24.58 -47.93 -2.03
N LEU D 105 -23.72 -47.98 -1.02
CA LEU D 105 -22.40 -48.59 -1.14
C LEU D 105 -22.35 -49.99 -0.51
N PHE D 106 -22.35 -51.02 -1.36
CA PHE D 106 -22.28 -52.40 -0.89
C PHE D 106 -20.87 -52.81 -0.51
N ASP D 107 -20.67 -53.18 0.74
CA ASP D 107 -19.39 -53.73 1.22
C ASP D 107 -19.14 -55.11 0.59
N LEU D 108 -18.14 -55.18 -0.28
CA LEU D 108 -17.80 -56.42 -0.98
C LEU D 108 -17.09 -57.46 -0.10
N ASP D 109 -16.53 -57.05 1.04
CA ASP D 109 -15.85 -57.99 1.95
C ASP D 109 -16.87 -59.00 2.52
N SER D 110 -18.00 -58.51 3.01
CA SER D 110 -19.08 -59.36 3.55
C SER D 110 -19.99 -59.95 2.45
N VAL D 111 -19.40 -60.38 1.34
CA VAL D 111 -20.06 -61.30 0.41
C VAL D 111 -19.02 -62.20 -0.32
N ARG D 112 -17.84 -62.38 0.30
CA ARG D 112 -16.71 -63.07 -0.34
C ARG D 112 -16.86 -64.60 -0.32
N GLY D 113 -17.55 -65.15 0.68
CA GLY D 113 -17.87 -66.58 0.74
C GLY D 113 -18.57 -67.09 -0.52
N TYR D 114 -19.49 -66.28 -1.04
CA TYR D 114 -20.23 -66.59 -2.28
C TYR D 114 -19.36 -66.79 -3.54
N SER D 115 -18.23 -66.09 -3.58
CA SER D 115 -17.33 -66.04 -4.75
C SER D 115 -17.21 -67.32 -5.58
N ASN D 116 -16.76 -68.40 -4.94
CA ASN D 116 -16.44 -69.68 -5.61
C ASN D 116 -17.63 -70.24 -6.38
N GLU D 117 -18.80 -70.14 -5.75
CA GLU D 117 -20.08 -70.51 -6.38
C GLU D 117 -20.39 -69.57 -7.56
N TRP D 118 -20.32 -68.26 -7.33
CA TRP D 118 -20.66 -67.26 -8.35
C TRP D 118 -19.75 -67.27 -9.58
N LYS D 119 -18.46 -67.54 -9.37
CA LYS D 119 -17.51 -67.66 -10.49
C LYS D 119 -17.90 -68.80 -11.44
N GLY D 120 -18.31 -69.94 -10.86
CA GLY D 120 -18.83 -71.06 -11.64
C GLY D 120 -20.16 -70.78 -12.36
N ASP D 121 -20.98 -69.89 -11.80
CA ASP D 121 -22.29 -69.52 -12.36
C ASP D 121 -22.18 -68.68 -13.64
N LEU D 122 -21.26 -67.71 -13.65
CA LEU D 122 -20.91 -66.96 -14.86
C LEU D 122 -20.27 -67.88 -15.92
N TRP D 123 -19.38 -68.77 -15.46
CA TRP D 123 -18.72 -69.79 -16.30
C TRP D 123 -19.75 -70.79 -16.90
N SER D 124 -20.85 -71.03 -16.17
CA SER D 124 -21.97 -71.79 -16.72
C SER D 124 -22.81 -70.92 -17.69
N LEU D 125 -23.56 -69.96 -17.14
CA LEU D 125 -24.62 -69.23 -17.87
C LEU D 125 -24.16 -68.28 -19.02
N VAL D 126 -23.01 -67.62 -18.85
CA VAL D 126 -22.43 -66.74 -19.91
C VAL D 126 -21.13 -67.29 -20.55
N GLY D 127 -20.43 -68.19 -19.86
CA GLY D 127 -19.23 -68.85 -20.42
C GLY D 127 -17.93 -68.10 -20.24
N ILE D 128 -17.84 -67.31 -19.16
CA ILE D 128 -16.74 -66.38 -18.92
C ILE D 128 -15.79 -66.94 -17.86
N PRO D 129 -14.49 -67.14 -18.20
CA PRO D 129 -13.52 -67.61 -17.19
C PRO D 129 -13.20 -66.55 -16.12
N SER D 130 -12.48 -66.94 -15.08
CA SER D 130 -12.16 -66.03 -13.97
C SER D 130 -10.99 -66.52 -13.13
N PRO D 131 -9.76 -66.39 -13.65
CA PRO D 131 -8.53 -66.64 -12.89
C PRO D 131 -8.54 -66.14 -11.44
N GLU D 132 -7.88 -66.93 -10.57
CA GLU D 132 -7.82 -66.67 -9.12
C GLU D 132 -7.31 -65.28 -8.82
N ASN D 133 -6.08 -65.02 -9.28
CA ASN D 133 -5.28 -63.88 -8.81
C ASN D 133 -5.69 -62.48 -9.33
N ASP D 134 -6.58 -62.44 -10.32
CA ASP D 134 -7.12 -61.15 -10.81
C ASP D 134 -8.01 -60.50 -9.74
N PHE D 135 -7.39 -59.82 -8.76
CA PHE D 135 -8.09 -59.15 -7.63
C PHE D 135 -9.28 -58.31 -8.08
N GLU D 136 -9.11 -57.58 -9.19
CA GLU D 136 -10.09 -56.60 -9.64
C GLU D 136 -11.32 -57.20 -10.36
N THR D 137 -11.15 -58.27 -11.16
CA THR D 137 -12.33 -59.01 -11.70
C THR D 137 -13.04 -59.82 -10.63
N ASN D 138 -12.33 -60.18 -9.55
CA ASN D 138 -12.96 -60.81 -8.40
C ASN D 138 -13.97 -59.85 -7.76
N ASP D 139 -13.57 -58.60 -7.54
CA ASP D 139 -14.48 -57.56 -7.05
C ASP D 139 -15.57 -57.15 -8.04
N ALA D 140 -15.28 -57.25 -9.33
CA ALA D 140 -16.28 -56.95 -10.35
C ALA D 140 -17.43 -57.98 -10.37
N ILE D 141 -17.09 -59.26 -10.15
CA ILE D 141 -18.07 -60.37 -10.10
C ILE D 141 -18.91 -60.31 -8.82
N LEU D 142 -18.28 -59.95 -7.69
CA LEU D 142 -19.04 -59.69 -6.46
C LEU D 142 -20.06 -58.56 -6.64
N LEU D 143 -19.61 -57.43 -7.18
CA LEU D 143 -20.45 -56.24 -7.35
C LEU D 143 -21.65 -56.49 -8.26
N GLY D 144 -21.40 -57.08 -9.42
CA GLY D 144 -22.47 -57.39 -10.39
C GLY D 144 -23.56 -58.31 -9.87
N TYR D 145 -23.17 -59.36 -9.14
CA TYR D 145 -24.14 -60.28 -8.52
C TYR D 145 -24.90 -59.60 -7.38
N THR D 146 -24.17 -58.88 -6.52
CA THR D 146 -24.77 -58.08 -5.43
C THR D 146 -25.76 -57.01 -5.92
N VAL D 147 -25.49 -56.42 -7.07
CA VAL D 147 -26.38 -55.41 -7.66
C VAL D 147 -27.59 -56.06 -8.36
N ALA D 148 -27.40 -57.20 -9.03
CA ALA D 148 -28.52 -57.97 -9.59
C ALA D 148 -29.44 -58.53 -8.48
N TRP D 149 -28.82 -58.97 -7.39
CA TRP D 149 -29.50 -59.38 -6.14
C TRP D 149 -30.43 -58.28 -5.62
N PHE D 150 -29.90 -57.05 -5.59
CA PHE D 150 -30.64 -55.87 -5.12
C PHE D 150 -31.70 -55.39 -6.13
N LEU D 151 -31.33 -55.29 -7.40
CA LEU D 151 -32.25 -54.86 -8.46
C LEU D 151 -33.37 -55.86 -8.74
N GLY D 152 -33.11 -57.15 -8.51
CA GLY D 152 -34.13 -58.18 -8.58
C GLY D 152 -35.24 -58.02 -7.55
N GLU D 153 -34.85 -57.78 -6.29
CA GLU D 153 -35.80 -57.64 -5.18
C GLU D 153 -36.55 -56.30 -5.25
N VAL D 154 -35.87 -55.22 -5.65
CA VAL D 154 -36.52 -53.90 -5.80
C VAL D 154 -37.59 -53.95 -6.91
N ALA D 155 -37.29 -54.64 -8.01
CA ALA D 155 -38.24 -54.83 -9.11
C ALA D 155 -39.48 -55.62 -8.68
N HIS D 156 -39.28 -56.61 -7.80
CA HIS D 156 -40.38 -57.39 -7.26
C HIS D 156 -41.24 -56.61 -6.25
N LEU D 157 -40.58 -55.91 -5.32
CA LEU D 157 -41.26 -55.13 -4.27
C LEU D 157 -41.78 -53.76 -4.73
N ASP D 158 -41.44 -53.35 -5.95
CA ASP D 158 -41.98 -52.12 -6.56
C ASP D 158 -42.67 -52.54 -7.85
N SER D 159 -44.00 -52.40 -7.88
CA SER D 159 -44.84 -52.61 -9.07
C SER D 159 -45.28 -51.29 -9.73
N GLN D 160 -45.47 -50.23 -8.93
CA GLN D 160 -45.81 -48.87 -9.41
C GLN D 160 -44.86 -48.35 -10.52
N HIS D 161 -43.58 -48.26 -10.18
CA HIS D 161 -42.56 -47.64 -11.03
C HIS D 161 -41.93 -48.63 -12.01
N ALA D 162 -41.60 -48.13 -13.20
CA ALA D 162 -40.61 -48.80 -14.07
C ALA D 162 -39.24 -48.57 -13.43
N ILE D 163 -38.25 -49.32 -13.89
CA ILE D 163 -36.92 -49.24 -13.28
C ILE D 163 -35.83 -49.19 -14.37
N VAL D 164 -35.03 -48.12 -14.33
CA VAL D 164 -33.92 -47.89 -15.24
C VAL D 164 -32.60 -48.13 -14.49
N ALA D 165 -31.75 -49.01 -15.04
CA ALA D 165 -30.47 -49.39 -14.43
C ALA D 165 -29.33 -49.05 -15.36
N HIS D 166 -28.57 -48.01 -15.00
CA HIS D 166 -27.43 -47.53 -15.78
C HIS D 166 -26.16 -48.15 -15.19
N PHE D 167 -25.26 -48.62 -16.04
CA PHE D 167 -24.00 -49.22 -15.59
C PHE D 167 -22.86 -48.57 -16.34
N HIS D 168 -21.78 -48.21 -15.61
CA HIS D 168 -20.62 -47.51 -16.18
C HIS D 168 -19.33 -48.35 -16.14
N GLU D 169 -18.82 -48.68 -17.34
CA GLU D 169 -17.55 -49.40 -17.57
C GLU D 169 -17.67 -50.89 -17.27
N TRP D 170 -16.79 -51.68 -17.90
CA TRP D 170 -16.84 -53.13 -17.77
C TRP D 170 -16.88 -53.65 -16.33
N LEU D 171 -16.14 -53.01 -15.44
CA LEU D 171 -16.10 -53.41 -14.01
C LEU D 171 -17.48 -53.43 -13.32
N ALA D 172 -18.37 -52.51 -13.68
CA ALA D 172 -19.72 -52.43 -13.10
C ALA D 172 -20.76 -53.32 -13.79
N GLY D 173 -20.49 -53.68 -15.05
CA GLY D 173 -21.45 -54.40 -15.87
C GLY D 173 -21.41 -55.92 -15.84
N VAL D 174 -21.05 -56.52 -14.69
CA VAL D 174 -21.26 -57.95 -14.50
C VAL D 174 -22.76 -58.22 -14.28
N ALA D 175 -23.46 -57.26 -13.67
CA ALA D 175 -24.91 -57.33 -13.45
C ALA D 175 -25.77 -57.34 -14.70
N LEU D 176 -25.24 -56.93 -15.86
CA LEU D 176 -26.02 -56.81 -17.11
C LEU D 176 -26.45 -58.11 -17.83
N PRO D 177 -25.52 -59.10 -18.00
CA PRO D 177 -25.94 -60.43 -18.51
C PRO D 177 -26.93 -61.17 -17.59
N LEU D 178 -26.81 -60.94 -16.27
CA LEU D 178 -27.74 -61.48 -15.28
C LEU D 178 -29.14 -60.91 -15.49
N CYS D 179 -29.27 -59.58 -15.40
CA CYS D 179 -30.55 -58.89 -15.53
C CYS D 179 -31.34 -59.25 -16.81
N ARG D 180 -30.62 -59.47 -17.92
CA ARG D 180 -31.25 -59.90 -19.17
C ARG D 180 -31.69 -61.35 -19.07
N LYS D 181 -30.76 -62.22 -18.73
CA LYS D 181 -30.95 -63.67 -18.82
C LYS D 181 -31.77 -64.29 -17.67
N ARG D 182 -31.80 -63.65 -16.50
CA ARG D 182 -32.84 -63.93 -15.48
C ARG D 182 -34.21 -63.33 -15.84
N ARG D 183 -34.27 -62.52 -16.90
CA ARG D 183 -35.42 -61.70 -17.29
C ARG D 183 -36.04 -60.92 -16.12
N ILE D 184 -35.18 -60.21 -15.38
CA ILE D 184 -35.60 -59.33 -14.29
C ILE D 184 -36.25 -58.11 -14.93
N ASP D 185 -37.25 -57.51 -14.27
CA ASP D 185 -38.06 -56.43 -14.86
C ASP D 185 -37.55 -55.02 -14.54
N VAL D 186 -36.38 -54.74 -15.10
CA VAL D 186 -35.77 -53.42 -15.13
C VAL D 186 -35.30 -53.22 -16.58
N VAL D 187 -35.15 -51.97 -17.00
CA VAL D 187 -34.47 -51.68 -18.27
C VAL D 187 -33.04 -51.30 -17.95
N THR D 188 -32.11 -51.65 -18.84
CA THR D 188 -30.68 -51.51 -18.59
C THR D 188 -30.01 -50.62 -19.64
N ILE D 189 -29.07 -49.80 -19.17
CA ILE D 189 -28.17 -49.03 -20.05
C ILE D 189 -26.72 -49.35 -19.65
N PHE D 190 -25.90 -49.66 -20.65
CA PHE D 190 -24.46 -49.80 -20.45
C PHE D 190 -23.71 -48.74 -21.23
N THR D 191 -22.93 -47.94 -20.51
CA THR D 191 -22.06 -46.93 -21.08
C THR D 191 -20.62 -47.36 -20.85
N THR D 192 -19.82 -47.47 -21.92
CA THR D 192 -18.39 -47.71 -21.75
C THR D 192 -17.58 -46.48 -22.18
N HIS D 193 -16.71 -46.05 -21.27
CA HIS D 193 -15.87 -44.84 -21.43
C HIS D 193 -14.57 -45.11 -22.18
N ALA D 194 -14.25 -46.39 -22.39
CA ALA D 194 -13.21 -46.79 -23.32
C ALA D 194 -13.51 -48.22 -23.79
N THR D 195 -12.54 -48.89 -24.41
CA THR D 195 -12.58 -50.34 -24.58
C THR D 195 -11.30 -50.93 -24.03
N LEU D 196 -11.36 -52.22 -23.68
CA LEU D 196 -10.21 -52.93 -23.15
C LEU D 196 -9.19 -53.17 -24.22
N LEU D 197 -9.63 -53.64 -25.37
CA LEU D 197 -8.74 -53.83 -26.51
C LEU D 197 -8.14 -52.50 -26.97
N GLY D 198 -8.98 -51.49 -27.14
CA GLY D 198 -8.58 -50.16 -27.60
C GLY D 198 -7.42 -49.59 -26.80
N ARG D 199 -7.49 -49.70 -25.48
CA ARG D 199 -6.38 -49.31 -24.62
C ARG D 199 -5.14 -50.11 -24.96
N TYR D 200 -5.30 -51.44 -24.93
CA TYR D 200 -4.16 -52.36 -24.96
C TYR D 200 -3.45 -52.41 -26.30
N LEU D 201 -4.21 -52.29 -27.39
CA LEU D 201 -3.62 -52.26 -28.74
C LEU D 201 -2.68 -51.07 -28.91
N CYS D 202 -3.10 -49.90 -28.41
CA CYS D 202 -2.22 -48.71 -28.28
C CYS D 202 -1.23 -48.88 -27.09
N ALA D 203 -0.15 -49.61 -27.33
CA ALA D 203 0.93 -49.74 -26.35
C ALA D 203 2.28 -50.02 -27.03
N SER D 204 2.60 -49.20 -28.05
CA SER D 204 3.91 -49.22 -28.74
C SER D 204 4.00 -48.06 -29.76
N GLY D 205 3.45 -48.28 -30.96
CA GLY D 205 3.58 -47.35 -32.08
C GLY D 205 3.24 -48.08 -33.38
N ASP D 208 -0.06 -49.67 -34.97
CA ASP D 208 -1.20 -48.88 -35.48
C ASP D 208 -2.50 -49.33 -34.84
N PHE D 209 -3.48 -48.42 -34.83
CA PHE D 209 -4.83 -48.69 -34.35
C PHE D 209 -5.91 -48.29 -35.36
N TYR D 210 -6.16 -46.99 -35.53
CA TYR D 210 -7.41 -46.49 -36.18
C TYR D 210 -7.65 -46.93 -37.63
N ASN D 211 -6.59 -47.19 -38.39
CA ASN D 211 -6.70 -47.57 -39.81
C ASN D 211 -7.22 -49.00 -39.92
N CYS D 212 -6.47 -49.93 -39.33
CA CYS D 212 -6.67 -51.36 -39.54
C CYS D 212 -7.25 -52.13 -38.32
N LEU D 213 -7.97 -51.44 -37.42
CA LEU D 213 -8.58 -52.11 -36.24
C LEU D 213 -9.75 -53.00 -36.64
N GLU D 214 -10.42 -52.66 -37.74
CA GLU D 214 -11.56 -53.43 -38.23
C GLU D 214 -11.16 -54.87 -38.59
N SER D 215 -9.88 -55.04 -38.95
CA SER D 215 -9.26 -56.34 -39.23
C SER D 215 -8.35 -56.85 -38.10
N VAL D 216 -8.94 -57.23 -36.96
CA VAL D 216 -8.21 -57.94 -35.90
C VAL D 216 -9.10 -59.03 -35.31
N ASP D 217 -8.50 -60.18 -34.97
CA ASP D 217 -9.21 -61.25 -34.25
C ASP D 217 -9.35 -60.80 -32.78
N VAL D 218 -10.52 -60.27 -32.44
CA VAL D 218 -10.80 -59.78 -31.07
C VAL D 218 -10.58 -60.84 -29.98
N ASP D 219 -10.97 -62.08 -30.29
CA ASP D 219 -10.84 -63.19 -29.35
C ASP D 219 -9.39 -63.66 -29.19
N HIS D 220 -8.61 -63.66 -30.26
CA HIS D 220 -7.16 -63.95 -30.16
C HIS D 220 -6.41 -62.84 -29.42
N GLU D 221 -6.73 -61.58 -29.74
CA GLU D 221 -6.03 -60.40 -29.22
C GLU D 221 -6.22 -60.21 -27.71
N ALA D 222 -7.43 -60.47 -27.22
CA ALA D 222 -7.69 -60.57 -25.79
C ALA D 222 -6.83 -61.66 -25.15
N GLY D 223 -6.80 -62.83 -25.81
CA GLY D 223 -5.93 -63.94 -25.42
C GLY D 223 -4.45 -63.58 -25.39
N ARG D 224 -3.98 -62.84 -26.41
CA ARG D 224 -2.59 -62.40 -26.47
C ARG D 224 -2.21 -61.48 -25.29
N PHE D 225 -3.06 -60.49 -25.01
CA PHE D 225 -2.82 -59.52 -23.90
C PHE D 225 -3.11 -60.07 -22.48
N GLY D 226 -3.57 -61.32 -22.37
CA GLY D 226 -3.83 -61.99 -21.09
C GLY D 226 -5.13 -61.54 -20.46
N ILE D 227 -6.02 -61.02 -21.29
CA ILE D 227 -7.21 -60.28 -20.87
C ILE D 227 -8.45 -61.18 -20.80
N TYR D 228 -8.66 -61.96 -21.86
CA TYR D 228 -9.94 -62.63 -22.20
C TYR D 228 -11.11 -62.54 -21.20
N HIS D 229 -10.90 -63.02 -19.98
CA HIS D 229 -11.87 -62.87 -18.88
C HIS D 229 -12.41 -61.45 -18.76
N ARG D 230 -11.51 -60.46 -18.75
CA ARG D 230 -11.90 -59.05 -18.70
C ARG D 230 -12.66 -58.62 -19.94
N TYR D 231 -12.18 -59.03 -21.11
CA TYR D 231 -12.85 -58.68 -22.38
C TYR D 231 -14.26 -59.29 -22.41
N CYS D 232 -14.39 -60.50 -21.85
CA CYS D 232 -15.67 -61.20 -21.82
C CYS D 232 -16.75 -60.46 -21.02
N ILE D 233 -16.38 -59.97 -19.84
CA ILE D 233 -17.32 -59.21 -19.00
C ILE D 233 -17.80 -57.92 -19.69
N GLU D 234 -16.88 -57.26 -20.41
CA GLU D 234 -17.19 -56.02 -21.16
C GLU D 234 -18.15 -56.30 -22.33
N ARG D 235 -17.84 -57.34 -23.11
CA ARG D 235 -18.69 -57.79 -24.23
C ARG D 235 -20.08 -58.23 -23.76
N ALA D 236 -20.10 -59.00 -22.69
CA ALA D 236 -21.35 -59.38 -22.04
C ALA D 236 -22.16 -58.12 -21.73
N ALA D 237 -21.54 -57.16 -21.03
CA ALA D 237 -22.19 -55.88 -20.72
C ALA D 237 -22.76 -55.17 -21.96
N ALA D 238 -21.95 -55.10 -23.03
CA ALA D 238 -22.34 -54.43 -24.26
C ALA D 238 -23.49 -55.11 -25.00
N HIS D 239 -23.45 -56.44 -25.06
CA HIS D 239 -24.48 -57.21 -25.78
C HIS D 239 -25.79 -57.36 -24.98
N SER D 240 -25.67 -57.55 -23.66
CA SER D 240 -26.82 -57.80 -22.79
C SER D 240 -27.79 -56.63 -22.63
N ALA D 241 -27.24 -55.42 -22.55
CA ALA D 241 -28.03 -54.24 -22.16
C ALA D 241 -29.07 -53.84 -23.20
N ASP D 242 -30.23 -53.36 -22.73
CA ASP D 242 -31.26 -52.84 -23.64
C ASP D 242 -30.65 -51.77 -24.53
N VAL D 243 -29.93 -50.83 -23.91
CA VAL D 243 -29.23 -49.75 -24.61
C VAL D 243 -27.71 -49.87 -24.38
N PHE D 244 -26.94 -49.74 -25.46
CA PHE D 244 -25.49 -49.63 -25.41
C PHE D 244 -25.02 -48.26 -25.92
N THR D 245 -24.12 -47.63 -25.15
CA THR D 245 -23.63 -46.26 -25.42
C THR D 245 -22.13 -46.14 -25.11
N THR D 246 -21.45 -45.23 -25.81
CA THR D 246 -20.10 -44.79 -25.40
C THR D 246 -20.14 -43.27 -25.33
N VAL D 247 -18.97 -42.66 -25.10
CA VAL D 247 -18.85 -41.23 -24.83
C VAL D 247 -18.51 -40.33 -26.03
N SER D 248 -18.17 -40.94 -27.18
CA SER D 248 -17.84 -40.20 -28.40
C SER D 248 -17.98 -41.07 -29.66
N GLN D 249 -18.29 -40.45 -30.79
CA GLN D 249 -18.37 -41.17 -32.07
C GLN D 249 -17.11 -42.01 -32.33
N ILE D 250 -15.95 -41.44 -32.08
CA ILE D 250 -14.70 -42.15 -32.33
C ILE D 250 -14.60 -43.44 -31.53
N THR D 251 -15.14 -43.42 -30.32
CA THR D 251 -15.22 -44.60 -29.49
C THR D 251 -16.36 -45.52 -29.93
N ALA D 252 -17.47 -44.96 -30.40
CA ALA D 252 -18.55 -45.79 -30.97
C ALA D 252 -18.06 -46.66 -32.14
N PHE D 253 -17.29 -46.05 -33.05
CA PHE D 253 -16.60 -46.76 -34.14
C PHE D 253 -15.71 -47.87 -33.59
N GLU D 254 -14.89 -47.51 -32.60
CA GLU D 254 -14.02 -48.46 -31.91
C GLU D 254 -14.80 -49.59 -31.23
N ALA D 255 -15.92 -49.26 -30.61
CA ALA D 255 -16.73 -50.22 -29.90
C ALA D 255 -17.55 -51.09 -30.85
N GLU D 256 -18.00 -50.54 -31.98
CA GLU D 256 -18.73 -51.34 -33.00
C GLU D 256 -17.89 -52.53 -33.45
N HIS D 257 -16.65 -52.27 -33.88
CA HIS D 257 -15.76 -53.30 -34.41
C HIS D 257 -15.04 -54.15 -33.37
N LEU D 258 -14.87 -53.67 -32.13
CA LEU D 258 -14.18 -54.44 -31.10
C LEU D 258 -15.08 -55.05 -30.01
N LEU D 259 -16.35 -54.64 -29.95
CA LEU D 259 -17.36 -55.31 -29.10
C LEU D 259 -18.52 -55.94 -29.90
N LYS D 260 -18.46 -55.84 -31.24
CA LYS D 260 -19.45 -56.45 -32.15
C LYS D 260 -20.87 -55.96 -31.82
N ARG D 261 -20.99 -54.67 -31.54
CA ARG D 261 -22.28 -54.03 -31.43
C ARG D 261 -22.13 -52.54 -31.64
N LYS D 262 -22.80 -52.04 -32.68
CA LYS D 262 -22.92 -50.62 -32.92
C LYS D 262 -23.67 -50.02 -31.73
N PRO D 263 -23.18 -48.90 -31.17
CA PRO D 263 -23.92 -48.32 -30.05
C PRO D 263 -25.15 -47.60 -30.53
N ASP D 264 -26.10 -47.41 -29.64
CA ASP D 264 -27.41 -46.87 -29.97
C ASP D 264 -27.46 -45.35 -29.73
N GLY D 265 -26.33 -44.67 -29.90
CA GLY D 265 -26.17 -43.28 -29.46
C GLY D 265 -24.93 -43.03 -28.61
N ILE D 266 -24.66 -41.75 -28.39
CA ILE D 266 -23.45 -41.25 -27.73
C ILE D 266 -23.89 -40.49 -26.48
N LEU D 267 -23.22 -40.75 -25.36
CA LEU D 267 -23.42 -39.98 -24.12
C LEU D 267 -22.17 -39.18 -23.75
N PRO D 268 -21.98 -37.99 -24.37
CA PRO D 268 -20.77 -37.27 -24.10
C PRO D 268 -20.79 -36.72 -22.67
N ASN D 269 -19.59 -36.58 -22.11
CA ASN D 269 -19.39 -36.10 -20.75
C ASN D 269 -19.43 -34.58 -20.79
N GLY D 270 -20.39 -34.01 -20.10
CA GLY D 270 -20.41 -32.59 -19.85
C GLY D 270 -19.73 -32.23 -18.55
N LEU D 271 -19.85 -30.95 -18.19
CA LEU D 271 -19.25 -30.38 -16.98
C LEU D 271 -20.27 -29.49 -16.29
N ASN D 272 -20.12 -29.35 -14.97
CA ASN D 272 -20.97 -28.47 -14.18
C ASN D 272 -20.36 -27.07 -14.19
N VAL D 273 -20.76 -26.24 -15.14
CA VAL D 273 -19.97 -25.05 -15.45
C VAL D 273 -20.23 -23.87 -14.52
N ILE D 274 -19.15 -23.37 -13.93
CA ILE D 274 -19.15 -22.13 -13.14
C ILE D 274 -19.40 -20.93 -14.09
N LYS D 275 -20.59 -20.35 -14.04
CA LYS D 275 -20.86 -19.13 -14.81
C LYS D 275 -20.76 -17.84 -13.97
N PHE D 276 -20.16 -16.80 -14.55
CA PHE D 276 -19.94 -15.54 -13.84
C PHE D 276 -21.08 -14.60 -14.14
N GLN D 277 -21.33 -13.69 -13.23
CA GLN D 277 -22.45 -12.77 -13.37
C GLN D 277 -22.28 -11.95 -14.66
N ALA D 278 -21.08 -11.46 -14.93
CA ALA D 278 -20.79 -10.75 -16.18
C ALA D 278 -20.11 -11.67 -17.20
N PHE D 279 -20.58 -11.68 -18.45
CA PHE D 279 -20.00 -12.55 -19.48
C PHE D 279 -18.48 -12.37 -19.54
N HIS D 280 -18.06 -11.10 -19.52
CA HIS D 280 -16.66 -10.71 -19.67
C HIS D 280 -15.79 -10.87 -18.42
N GLU D 281 -16.27 -11.52 -17.37
CA GLU D 281 -15.44 -11.70 -16.18
C GLU D 281 -14.27 -12.66 -16.47
N PHE D 282 -14.56 -13.81 -17.09
CA PHE D 282 -13.50 -14.78 -17.46
C PHE D 282 -12.30 -14.07 -18.14
N GLN D 283 -12.60 -13.02 -18.88
CA GLN D 283 -11.62 -12.23 -19.60
C GLN D 283 -10.71 -11.37 -18.69
N ASN D 284 -11.25 -10.85 -17.60
CA ASN D 284 -10.45 -10.16 -16.61
C ASN D 284 -9.62 -11.17 -15.83
N LEU D 285 -10.21 -12.32 -15.51
CA LEU D 285 -9.47 -13.40 -14.88
C LEU D 285 -8.23 -13.85 -15.67
N HIS D 286 -8.33 -13.80 -17.00
CA HIS D 286 -7.21 -14.20 -17.82
C HIS D 286 -6.03 -13.27 -17.57
N ALA D 287 -6.31 -11.97 -17.48
CA ALA D 287 -5.23 -10.97 -17.37
C ALA D 287 -4.60 -11.04 -16.01
N LEU D 288 -5.39 -11.40 -15.02
CA LEU D 288 -4.92 -11.48 -13.66
C LEU D 288 -3.93 -12.64 -13.52
N LYS D 289 -4.41 -13.82 -13.90
CA LYS D 289 -3.59 -15.04 -13.92
C LYS D 289 -2.39 -14.95 -14.86
N LYS D 290 -2.51 -14.24 -15.97
CA LYS D 290 -1.36 -14.08 -16.85
C LYS D 290 -0.22 -13.29 -16.18
N GLU D 291 -0.59 -12.41 -15.25
CA GLU D 291 0.42 -11.66 -14.50
C GLU D 291 1.20 -12.58 -13.57
N LYS D 292 0.56 -13.61 -13.04
CA LYS D 292 1.26 -14.63 -12.26
C LYS D 292 2.22 -15.46 -13.14
N ILE D 293 1.82 -15.79 -14.35
CA ILE D 293 2.72 -16.50 -15.26
C ILE D 293 3.85 -15.58 -15.65
N ASN D 294 3.54 -14.31 -15.90
CA ASN D 294 4.57 -13.32 -16.26
C ASN D 294 5.65 -13.19 -15.20
N ASP D 295 5.20 -13.18 -13.96
CA ASP D 295 6.08 -13.12 -12.85
C ASP D 295 6.99 -14.37 -12.81
N PHE D 296 6.40 -15.54 -13.08
CA PHE D 296 7.22 -16.76 -13.18
C PHE D 296 8.28 -16.67 -14.27
N VAL D 297 7.89 -16.10 -15.40
CA VAL D 297 8.75 -16.05 -16.57
C VAL D 297 9.93 -15.10 -16.37
N ARG D 298 9.67 -13.93 -15.77
CA ARG D 298 10.75 -13.01 -15.44
C ARG D 298 11.81 -13.70 -14.58
N GLY D 299 11.35 -14.53 -13.65
CA GLY D 299 12.24 -15.27 -12.78
C GLY D 299 13.05 -16.28 -13.57
N HIS D 300 12.36 -17.09 -14.36
CA HIS D 300 13.02 -18.15 -15.10
C HIS D 300 14.04 -17.61 -16.08
N PHE D 301 13.72 -16.48 -16.72
CA PHE D 301 14.60 -15.83 -17.70
C PHE D 301 15.43 -14.69 -17.12
N HIS D 302 15.65 -14.71 -15.79
CA HIS D 302 16.47 -13.66 -15.17
C HIS D 302 17.79 -13.78 -15.85
N GLY D 303 18.38 -12.66 -16.25
CA GLY D 303 19.68 -12.67 -16.94
C GLY D 303 19.59 -12.69 -18.45
N CYS D 304 18.71 -13.54 -19.01
CA CYS D 304 18.43 -13.64 -20.45
C CYS D 304 17.05 -13.14 -20.80
N PHE D 305 16.65 -11.98 -20.29
CA PHE D 305 15.29 -11.44 -20.55
C PHE D 305 15.27 -10.39 -21.70
N ASP D 306 15.20 -10.90 -22.95
CA ASP D 306 15.26 -10.11 -24.21
C ASP D 306 13.96 -10.05 -25.00
N PHE D 307 12.83 -10.38 -24.41
CA PHE D 307 11.55 -10.30 -25.13
C PHE D 307 10.52 -9.47 -24.36
N ASP D 308 9.46 -9.09 -25.04
CA ASP D 308 8.42 -8.28 -24.43
C ASP D 308 7.26 -9.21 -24.08
N LEU D 309 6.87 -9.29 -22.82
CA LEU D 309 5.71 -10.12 -22.43
C LEU D 309 4.38 -9.65 -23.02
N ASP D 310 4.27 -8.37 -23.37
CA ASP D 310 3.12 -7.89 -24.15
C ASP D 310 3.03 -8.49 -25.54
N ASN D 311 4.14 -8.96 -26.06
CA ASN D 311 4.18 -9.63 -27.33
C ASN D 311 4.63 -11.10 -27.13
N THR D 312 4.03 -11.75 -26.14
CA THR D 312 4.39 -13.12 -25.81
C THR D 312 3.13 -13.95 -25.53
N LEU D 313 3.17 -15.20 -25.99
CA LEU D 313 2.05 -16.10 -25.89
C LEU D 313 2.48 -17.33 -25.12
N TYR D 314 1.52 -17.92 -24.39
CA TYR D 314 1.78 -19.05 -23.51
C TYR D 314 1.03 -20.24 -24.05
N PHE D 315 1.76 -21.20 -24.62
CA PHE D 315 1.14 -22.47 -25.00
C PHE D 315 1.39 -23.42 -23.85
N PHE D 316 0.49 -24.36 -23.64
CA PHE D 316 0.75 -25.45 -22.72
C PHE D 316 0.13 -26.74 -23.16
N ILE D 317 0.60 -27.81 -22.55
CA ILE D 317 0.02 -29.15 -22.64
C ILE D 317 -0.01 -29.65 -21.22
N ALA D 318 -1.03 -30.42 -20.86
CA ALA D 318 -1.16 -31.00 -19.52
C ALA D 318 -1.83 -32.37 -19.56
N GLY D 319 -1.56 -33.20 -18.58
CA GLY D 319 -2.22 -34.50 -18.42
C GLY D 319 -1.29 -35.49 -17.80
N ARG D 320 -1.71 -36.75 -17.71
CA ARG D 320 -0.81 -37.81 -17.30
C ARG D 320 0.39 -37.86 -18.23
N TYR D 321 1.49 -38.35 -17.68
CA TYR D 321 2.71 -38.48 -18.43
C TYR D 321 2.50 -39.73 -19.25
N GLU D 322 2.01 -39.51 -20.48
CA GLU D 322 1.94 -40.52 -21.55
C GLU D 322 2.53 -39.90 -22.84
N TYR D 323 3.85 -40.04 -23.01
CA TYR D 323 4.60 -39.36 -24.07
C TYR D 323 3.95 -39.47 -25.45
N LYS D 324 3.67 -40.69 -25.88
CA LYS D 324 3.06 -40.97 -27.20
C LYS D 324 1.58 -40.60 -27.22
N ASN D 325 0.90 -41.14 -26.23
CA ASN D 325 -0.54 -41.20 -26.21
C ASN D 325 -1.26 -39.85 -25.99
N LYS D 326 -0.65 -38.94 -25.24
CA LYS D 326 -1.15 -37.57 -25.08
C LYS D 326 -0.47 -36.58 -26.03
N GLY D 327 0.55 -37.04 -26.75
CA GLY D 327 1.12 -36.30 -27.84
C GLY D 327 2.20 -35.31 -27.48
N ALA D 328 2.97 -35.63 -26.44
CA ALA D 328 4.09 -34.77 -26.03
C ALA D 328 5.14 -34.73 -27.11
N ASP D 329 5.40 -35.89 -27.72
CA ASP D 329 6.26 -36.01 -28.90
C ASP D 329 5.91 -35.07 -30.06
N MET D 330 4.64 -35.02 -30.39
CA MET D 330 4.17 -34.18 -31.48
C MET D 330 4.22 -32.73 -31.08
N PHE D 331 3.88 -32.46 -29.83
CA PHE D 331 3.91 -31.12 -29.32
C PHE D 331 5.30 -30.51 -29.43
N ILE D 332 6.30 -31.28 -29.03
CA ILE D 332 7.66 -30.79 -28.99
C ILE D 332 8.23 -30.70 -30.39
N GLU D 333 7.96 -31.73 -31.20
CA GLU D 333 8.42 -31.71 -32.59
C GLU D 333 7.87 -30.48 -33.32
N ALA D 334 6.55 -30.29 -33.18
CA ALA D 334 5.83 -29.16 -33.75
C ALA D 334 6.39 -27.82 -33.29
N LEU D 335 6.66 -27.72 -31.99
CA LEU D 335 7.24 -26.50 -31.46
C LEU D 335 8.60 -26.19 -32.04
N ALA D 336 9.38 -27.22 -32.38
CA ALA D 336 10.70 -27.02 -32.96
C ALA D 336 10.62 -26.53 -34.38
N ARG D 337 9.62 -27.03 -35.10
CA ARG D 337 9.37 -26.60 -36.46
C ARG D 337 8.71 -25.20 -36.46
N LEU D 338 7.75 -24.98 -35.55
CA LEU D 338 7.22 -23.63 -35.33
C LEU D 338 8.30 -22.60 -35.08
N ASN D 339 9.27 -22.99 -34.25
CA ASN D 339 10.45 -22.16 -33.95
C ASN D 339 11.15 -21.77 -35.25
N TYR D 340 11.46 -22.77 -36.06
CA TYR D 340 12.12 -22.53 -37.35
C TYR D 340 11.32 -21.56 -38.21
N ARG D 341 10.01 -21.81 -38.32
CA ARG D 341 9.12 -20.94 -39.08
C ARG D 341 9.15 -19.49 -38.63
N LEU D 342 9.15 -19.28 -37.31
CA LEU D 342 9.00 -17.92 -36.79
C LEU D 342 10.29 -17.16 -37.03
N LYS D 343 11.42 -17.84 -36.89
CA LYS D 343 12.73 -17.24 -37.17
C LYS D 343 12.85 -16.85 -38.62
N VAL D 344 12.48 -17.77 -39.50
CA VAL D 344 12.52 -17.55 -40.92
C VAL D 344 11.59 -16.40 -41.27
N SER D 345 10.36 -16.38 -40.75
CA SER D 345 9.44 -15.27 -41.07
C SER D 345 9.78 -13.92 -40.40
N GLY D 346 10.93 -13.81 -39.74
CA GLY D 346 11.27 -12.63 -38.94
C GLY D 346 10.26 -12.17 -37.89
N SER D 347 9.39 -13.06 -37.39
CA SER D 347 8.35 -12.70 -36.43
C SER D 347 8.95 -12.08 -35.19
N LYS D 348 8.28 -11.10 -34.63
CA LYS D 348 8.72 -10.45 -33.38
C LYS D 348 8.13 -11.10 -32.15
N LYS D 349 7.20 -12.04 -32.30
CA LYS D 349 6.55 -12.65 -31.16
C LYS D 349 7.38 -13.76 -30.55
N THR D 350 7.02 -14.14 -29.34
CA THR D 350 7.63 -15.26 -28.64
C THR D 350 6.57 -16.16 -28.07
N VAL D 351 6.80 -17.46 -28.17
CA VAL D 351 5.93 -18.44 -27.55
C VAL D 351 6.73 -19.09 -26.43
N VAL D 352 6.17 -19.13 -25.23
CA VAL D 352 6.73 -19.94 -24.16
C VAL D 352 5.80 -21.14 -23.98
N ALA D 353 6.32 -22.35 -24.20
CA ALA D 353 5.51 -23.54 -24.15
C ALA D 353 5.76 -24.25 -22.86
N PHE D 354 4.69 -24.54 -22.13
CA PHE D 354 4.75 -25.30 -20.87
C PHE D 354 4.33 -26.75 -21.09
N ILE D 355 5.10 -27.70 -20.56
CA ILE D 355 4.68 -29.11 -20.45
C ILE D 355 4.47 -29.43 -18.98
N VAL D 356 3.23 -29.70 -18.60
CA VAL D 356 2.87 -29.97 -17.20
C VAL D 356 2.42 -31.40 -17.11
N MET D 357 3.37 -32.31 -16.90
CA MET D 357 3.09 -33.74 -16.83
C MET D 357 3.85 -34.33 -15.64
N PRO D 358 3.12 -34.79 -14.61
CA PRO D 358 3.78 -35.29 -13.40
C PRO D 358 4.78 -36.36 -13.71
N ALA D 359 5.98 -36.20 -13.19
CA ALA D 359 7.03 -37.18 -13.34
C ALA D 359 7.79 -37.31 -12.04
N LYS D 360 8.65 -38.30 -11.94
CA LYS D 360 9.42 -38.53 -10.72
C LYS D 360 10.57 -37.51 -10.50
N ASN D 361 10.39 -36.65 -9.49
CA ASN D 361 11.35 -35.57 -9.23
C ASN D 361 11.78 -35.45 -7.75
N ASN D 362 12.82 -34.64 -7.48
CA ASN D 362 13.24 -34.30 -6.12
C ASN D 362 13.02 -32.80 -5.90
N SER D 363 11.78 -32.36 -6.14
CA SER D 363 11.37 -30.98 -5.92
C SER D 363 12.03 -29.97 -6.85
N PHE D 364 11.74 -28.70 -6.60
CA PHE D 364 12.33 -27.59 -7.37
C PHE D 364 13.85 -27.56 -7.30
N THR D 365 14.44 -26.92 -8.30
CA THR D 365 15.89 -26.75 -8.38
C THR D 365 16.27 -25.53 -7.57
N VAL D 366 17.54 -25.46 -7.17
CA VAL D 366 18.02 -24.25 -6.53
C VAL D 366 17.91 -23.05 -7.47
N GLU D 367 18.16 -23.26 -8.76
CA GLU D 367 18.15 -22.16 -9.75
C GLU D 367 16.78 -21.50 -9.84
N ALA D 368 15.74 -22.32 -9.86
CA ALA D 368 14.38 -21.84 -9.90
C ALA D 368 14.07 -20.93 -8.72
N LEU D 369 14.38 -21.41 -7.54
CA LEU D 369 14.03 -20.70 -6.33
C LEU D 369 14.85 -19.41 -6.20
N LYS D 370 16.08 -19.48 -6.66
CA LYS D 370 17.05 -18.42 -6.46
C LYS D 370 16.71 -17.24 -7.33
N GLY D 371 16.35 -17.56 -8.57
CA GLY D 371 15.94 -16.57 -9.53
C GLY D 371 14.65 -15.89 -9.13
N GLN D 372 13.65 -16.67 -8.70
CA GLN D 372 12.40 -16.09 -8.25
C GLN D 372 12.70 -15.12 -7.10
N ALA D 373 13.58 -15.53 -6.21
CA ALA D 373 13.97 -14.73 -5.09
C ALA D 373 14.69 -13.45 -5.51
N GLU D 374 15.60 -13.57 -6.48
CA GLU D 374 16.35 -12.43 -6.93
C GLU D 374 15.44 -11.39 -7.58
N VAL D 375 14.37 -11.85 -8.22
CA VAL D 375 13.42 -10.92 -8.81
C VAL D 375 12.61 -10.19 -7.73
N ARG D 376 12.24 -10.91 -6.68
CA ARG D 376 11.56 -10.28 -5.56
C ARG D 376 12.42 -9.19 -4.95
N ALA D 377 13.71 -9.44 -4.83
CA ALA D 377 14.64 -8.46 -4.26
C ALA D 377 14.70 -7.20 -5.11
N LEU D 378 14.66 -7.37 -6.42
CA LEU D 378 14.66 -6.23 -7.31
C LEU D 378 13.36 -5.47 -7.16
N GLU D 379 12.24 -6.18 -7.12
CA GLU D 379 10.92 -5.57 -6.90
C GLU D 379 10.94 -4.70 -5.66
N ASN D 380 11.49 -5.21 -4.56
CA ASN D 380 11.39 -4.48 -3.30
C ASN D 380 12.28 -3.25 -3.35
N THR D 381 13.49 -3.37 -3.86
CA THR D 381 14.37 -2.23 -3.99
C THR D 381 13.74 -1.15 -4.85
N VAL D 382 13.17 -1.56 -5.98
CA VAL D 382 12.47 -0.64 -6.85
C VAL D 382 11.34 0.05 -6.07
N HIS D 383 10.56 -0.72 -5.34
CA HIS D 383 9.46 -0.16 -4.57
C HIS D 383 9.98 0.88 -3.59
N GLU D 384 11.11 0.64 -2.93
CA GLU D 384 11.70 1.65 -2.00
C GLU D 384 12.12 2.91 -2.76
N VAL D 385 12.86 2.70 -3.84
CA VAL D 385 13.37 3.78 -4.62
C VAL D 385 12.24 4.68 -5.08
N THR D 386 11.15 4.08 -5.56
CA THR D 386 10.03 4.88 -6.03
C THR D 386 9.35 5.70 -4.96
N THR D 387 9.24 5.23 -3.73
CA THR D 387 8.55 6.07 -2.74
C THR D 387 9.44 7.29 -2.43
N SER D 388 10.76 7.13 -2.45
CA SER D 388 11.65 8.30 -2.40
C SER D 388 11.39 9.29 -3.55
N ILE D 389 11.32 8.76 -4.76
CA ILE D 389 11.06 9.57 -5.91
C ILE D 389 9.74 10.33 -5.67
N GLY D 390 8.74 9.64 -5.15
CA GLY D 390 7.45 10.25 -4.81
C GLY D 390 7.62 11.42 -3.88
N LYS D 391 8.34 11.24 -2.79
CA LYS D 391 8.63 12.36 -1.89
C LYS D 391 9.29 13.55 -2.56
N ARG D 392 10.20 13.30 -3.48
CA ARG D 392 10.88 14.36 -4.18
C ARG D 392 10.03 15.05 -5.28
N ILE D 393 9.23 14.27 -6.00
CA ILE D 393 8.24 14.84 -6.94
C ILE D 393 7.22 15.69 -6.18
N PHE D 394 6.61 15.09 -5.17
CA PHE D 394 5.67 15.80 -4.31
C PHE D 394 6.26 17.10 -3.80
N ASP D 395 7.51 17.08 -3.39
CA ASP D 395 8.14 18.27 -2.84
C ASP D 395 8.17 19.36 -3.89
N HIS D 396 8.62 19.01 -5.08
CA HIS D 396 8.69 19.96 -6.18
C HIS D 396 7.32 20.56 -6.41
N ALA D 397 6.30 19.69 -6.46
CA ALA D 397 4.94 20.05 -6.80
C ALA D 397 4.26 21.01 -5.82
N ILE D 398 4.39 20.73 -4.53
CA ILE D 398 3.83 21.56 -3.46
C ILE D 398 4.58 22.89 -3.28
N ARG D 399 5.82 22.95 -3.74
CA ARG D 399 6.74 24.08 -3.55
C ARG D 399 6.64 25.10 -4.68
N TYR D 400 6.49 24.63 -5.91
CA TYR D 400 6.45 25.50 -7.10
C TYR D 400 5.36 26.54 -6.92
N PRO D 401 5.62 27.80 -7.28
CA PRO D 401 6.83 28.26 -8.01
C PRO D 401 7.98 28.88 -7.17
N HIS D 402 8.06 28.55 -5.89
CA HIS D 402 8.98 29.23 -4.96
C HIS D 402 10.42 28.63 -4.92
N ASN D 403 11.33 29.27 -4.20
CA ASN D 403 12.70 28.75 -3.97
C ASN D 403 13.44 28.46 -5.29
N GLY D 404 13.27 29.34 -6.25
CA GLY D 404 13.91 29.21 -7.55
C GLY D 404 13.44 28.08 -8.43
N LEU D 405 12.21 27.58 -8.23
CA LEU D 405 11.66 26.50 -9.06
C LEU D 405 10.97 27.06 -10.29
N THR D 406 11.69 27.02 -11.41
CA THR D 406 11.21 27.53 -12.70
C THR D 406 10.13 26.64 -13.34
N THR D 407 10.27 25.31 -13.24
CA THR D 407 9.37 24.34 -13.90
C THR D 407 8.34 23.72 -12.95
N GLU D 408 7.12 23.47 -13.44
CA GLU D 408 6.04 22.84 -12.66
C GLU D 408 6.44 21.49 -12.08
N LEU D 409 7.20 20.71 -12.86
CA LEU D 409 7.65 19.39 -12.47
C LEU D 409 9.14 19.27 -12.62
N PRO D 410 9.72 18.23 -12.01
CA PRO D 410 11.14 17.98 -12.26
C PRO D 410 11.40 17.66 -13.75
N THR D 411 12.52 18.16 -14.25
CA THR D 411 12.92 17.95 -15.64
C THR D 411 14.07 16.98 -15.74
N ASP D 412 14.82 16.81 -14.66
CA ASP D 412 16.11 16.12 -14.70
C ASP D 412 16.16 14.95 -13.70
N LEU D 413 16.43 13.74 -14.20
CA LEU D 413 16.43 12.51 -13.39
C LEU D 413 17.31 12.56 -12.13
N GLY D 414 18.39 13.33 -12.17
CA GLY D 414 19.24 13.56 -11.00
C GLY D 414 18.52 14.17 -9.81
N GLU D 415 17.49 14.99 -10.07
CA GLU D 415 16.65 15.52 -9.00
C GLU D 415 15.88 14.40 -8.27
N LEU D 416 15.63 13.25 -8.92
CA LEU D 416 14.83 12.17 -8.34
C LEU D 416 15.63 10.94 -7.89
N LEU D 417 16.49 10.42 -8.78
CA LEU D 417 17.36 9.29 -8.45
C LEU D 417 18.66 9.79 -7.91
N LYS D 418 18.95 9.45 -6.65
CA LYS D 418 20.20 9.79 -5.99
C LYS D 418 21.18 8.63 -6.00
N SER D 419 22.43 8.92 -5.65
CA SER D 419 23.50 7.95 -5.70
C SER D 419 23.13 6.69 -4.94
N SER D 420 22.71 6.88 -3.71
CA SER D 420 22.30 5.80 -2.83
C SER D 420 21.32 4.82 -3.50
N ASP D 421 20.32 5.38 -4.17
CA ASP D 421 19.30 4.63 -4.88
C ASP D 421 19.91 3.86 -6.06
N LYS D 422 20.75 4.54 -6.82
CA LYS D 422 21.37 3.95 -7.99
C LYS D 422 22.23 2.75 -7.61
N VAL D 423 22.96 2.85 -6.50
CA VAL D 423 23.82 1.78 -6.04
C VAL D 423 23.05 0.48 -5.80
N MET D 424 21.94 0.55 -5.06
CA MET D 424 21.25 -0.69 -4.71
C MET D 424 20.51 -1.28 -5.90
N LEU D 425 19.87 -0.48 -6.73
CA LEU D 425 19.33 -1.02 -7.96
C LEU D 425 20.41 -1.76 -8.77
N LYS D 426 21.62 -1.20 -8.84
CA LYS D 426 22.70 -1.83 -9.58
C LYS D 426 23.13 -3.16 -8.99
N ARG D 427 23.21 -3.22 -7.66
CA ARG D 427 23.49 -4.46 -6.96
C ARG D 427 22.43 -5.54 -7.24
N ARG D 428 21.16 -5.14 -7.30
CA ARG D 428 20.09 -6.11 -7.59
C ARG D 428 20.23 -6.65 -9.00
N ILE D 429 20.59 -5.77 -9.92
CA ILE D 429 20.76 -6.14 -11.32
C ILE D 429 21.89 -7.15 -11.47
N LEU D 430 22.94 -6.98 -10.65
CA LEU D 430 24.10 -7.84 -10.65
C LEU D 430 23.74 -9.23 -10.16
N ALA D 431 22.87 -9.28 -9.15
CA ALA D 431 22.40 -10.57 -8.65
C ALA D 431 21.65 -11.37 -9.70
N LEU D 432 20.98 -10.67 -10.62
CA LEU D 432 20.19 -11.33 -11.66
C LEU D 432 21.02 -11.90 -12.79
N ARG D 433 22.23 -11.37 -13.00
CA ARG D 433 23.16 -11.85 -14.03
C ARG D 433 23.46 -13.33 -13.89
N ARG D 434 23.56 -14.04 -15.02
CA ARG D 434 23.97 -15.44 -14.93
C ARG D 434 25.31 -15.68 -15.61
N PRO D 435 26.02 -16.76 -15.23
CA PRO D 435 27.31 -17.11 -15.80
C PRO D 435 27.33 -17.02 -17.30
N GLU D 436 28.49 -16.74 -17.88
CA GLU D 436 28.62 -16.69 -19.36
C GLU D 436 28.14 -17.99 -20.04
N GLY D 437 27.30 -17.84 -21.07
CA GLY D 437 26.80 -18.99 -21.81
C GLY D 437 25.74 -19.88 -21.15
N GLN D 438 25.33 -19.55 -19.93
CA GLN D 438 24.25 -20.28 -19.26
C GLN D 438 22.97 -19.77 -19.85
N LEU D 439 22.07 -20.69 -20.17
CA LEU D 439 20.78 -20.36 -20.74
C LEU D 439 19.65 -20.72 -19.76
N PRO D 440 18.49 -20.10 -19.91
CA PRO D 440 17.34 -20.52 -19.09
C PRO D 440 17.05 -22.02 -19.19
N PRO D 441 16.89 -22.69 -18.03
CA PRO D 441 16.64 -24.11 -18.10
C PRO D 441 15.39 -24.50 -18.88
N ILE D 442 15.34 -25.78 -19.20
CA ILE D 442 14.20 -26.39 -19.85
C ILE D 442 13.35 -27.18 -18.87
N VAL D 443 13.73 -27.16 -17.58
CA VAL D 443 13.00 -27.88 -16.55
C VAL D 443 13.15 -27.14 -15.21
N THR D 444 12.08 -27.07 -14.45
CA THR D 444 11.99 -26.33 -13.20
C THR D 444 12.40 -27.13 -11.98
N HIS D 445 12.39 -28.46 -12.14
CA HIS D 445 12.66 -29.44 -11.08
C HIS D 445 13.93 -30.25 -11.33
N ASN D 446 14.48 -30.78 -10.23
CA ASN D 446 15.47 -31.84 -10.27
C ASN D 446 14.74 -33.15 -10.54
N MET D 447 15.08 -33.81 -11.64
CA MET D 447 14.44 -35.06 -12.03
C MET D 447 15.16 -36.26 -11.39
N VAL D 448 14.40 -37.27 -11.01
CA VAL D 448 15.00 -38.50 -10.47
C VAL D 448 15.89 -39.12 -11.55
N ASP D 449 15.36 -39.34 -12.76
CA ASP D 449 16.14 -39.88 -13.89
C ASP D 449 16.13 -39.00 -15.14
N ASP D 450 16.87 -37.92 -15.07
CA ASP D 450 16.99 -36.93 -16.15
C ASP D 450 17.40 -37.53 -17.50
N ALA D 451 18.43 -38.38 -17.51
CA ALA D 451 18.96 -38.93 -18.76
C ALA D 451 17.94 -39.78 -19.47
N ASN D 452 17.23 -40.63 -18.74
CA ASN D 452 16.18 -41.48 -19.35
C ASN D 452 14.77 -40.88 -19.49
N ASP D 453 14.58 -39.62 -19.12
CA ASP D 453 13.26 -39.00 -19.25
C ASP D 453 12.94 -38.74 -20.71
N LEU D 454 11.75 -39.13 -21.12
CA LEU D 454 11.39 -39.07 -22.54
C LEU D 454 11.23 -37.64 -23.05
N ILE D 455 10.46 -36.84 -22.32
CA ILE D 455 10.23 -35.43 -22.71
C ILE D 455 11.57 -34.69 -22.81
N LEU D 456 12.43 -34.87 -21.80
CA LEU D 456 13.70 -34.20 -21.83
C LEU D 456 14.61 -34.73 -22.91
N ASN D 457 14.49 -36.02 -23.24
CA ASN D 457 15.22 -36.53 -24.40
C ASN D 457 14.77 -35.87 -25.69
N LYS D 458 13.47 -35.71 -25.84
CA LYS D 458 12.91 -35.12 -27.07
C LYS D 458 13.20 -33.64 -27.17
N ILE D 459 13.15 -32.92 -26.05
CA ILE D 459 13.49 -31.50 -26.06
C ILE D 459 14.93 -31.34 -26.51
N ARG D 460 15.83 -32.21 -26.06
CA ARG D 460 17.29 -32.13 -26.41
C ARG D 460 17.54 -32.50 -27.87
N GLN D 461 16.86 -33.56 -28.30
CA GLN D 461 16.99 -34.07 -29.64
C GLN D 461 16.69 -32.96 -30.67
N VAL D 462 15.57 -32.25 -30.50
CA VAL D 462 15.23 -31.06 -31.34
C VAL D 462 15.96 -29.77 -30.92
N GLN D 463 16.72 -29.80 -29.85
CA GLN D 463 17.58 -28.67 -29.45
C GLN D 463 16.87 -27.36 -29.19
N LEU D 464 15.76 -27.42 -28.47
CA LEU D 464 15.14 -26.23 -27.90
C LEU D 464 15.74 -25.96 -26.51
N PHE D 465 16.83 -25.18 -26.48
CA PHE D 465 17.57 -24.89 -25.25
C PHE D 465 17.39 -23.45 -24.81
N ASN D 466 16.26 -22.83 -25.16
CA ASN D 466 15.94 -21.47 -24.73
C ASN D 466 16.98 -20.40 -25.00
N SER D 467 17.80 -20.60 -26.03
CA SER D 467 18.76 -19.55 -26.45
C SER D 467 17.99 -18.29 -26.85
N PRO D 468 18.64 -17.13 -26.72
CA PRO D 468 17.94 -15.86 -26.86
C PRO D 468 17.34 -15.64 -28.23
N SER D 469 17.95 -16.24 -29.25
CA SER D 469 17.46 -16.27 -30.64
C SER D 469 16.49 -17.40 -31.01
N ASP D 470 15.91 -18.11 -30.06
CA ASP D 470 14.79 -19.00 -30.35
C ASP D 470 13.55 -18.22 -30.07
N ARG D 471 12.62 -18.17 -31.02
CA ARG D 471 11.31 -17.60 -30.77
C ARG D 471 10.40 -18.46 -29.94
N VAL D 472 10.70 -19.76 -29.85
CA VAL D 472 9.95 -20.67 -28.99
C VAL D 472 10.80 -21.13 -27.83
N LYS D 473 10.26 -20.92 -26.63
CA LYS D 473 10.92 -21.30 -25.38
C LYS D 473 10.19 -22.48 -24.81
N MET D 474 10.89 -23.21 -23.98
CA MET D 474 10.49 -24.53 -23.57
C MET D 474 10.70 -24.66 -22.05
N ILE D 475 9.63 -25.11 -21.35
CA ILE D 475 9.61 -25.23 -19.89
C ILE D 475 8.83 -26.45 -19.44
N PHE D 476 9.53 -27.53 -19.10
CA PHE D 476 8.92 -28.74 -18.56
C PHE D 476 8.73 -28.52 -17.05
N HIS D 477 7.50 -28.67 -16.56
CA HIS D 477 7.21 -28.50 -15.13
C HIS D 477 6.71 -29.85 -14.66
N PRO D 478 7.61 -30.77 -14.36
CA PRO D 478 7.21 -32.16 -14.24
C PRO D 478 6.35 -32.50 -13.00
N GLU D 479 5.26 -31.77 -12.79
CA GLU D 479 4.58 -31.80 -11.48
C GLU D 479 3.26 -31.07 -11.54
N PHE D 480 2.26 -31.61 -10.84
CA PHE D 480 0.96 -30.97 -10.68
C PHE D 480 1.14 -29.51 -10.29
N LEU D 481 0.39 -28.63 -10.93
CA LEU D 481 0.33 -27.24 -10.50
C LEU D 481 -0.40 -27.18 -9.19
N ASN D 482 0.07 -26.32 -8.31
CA ASN D 482 -0.58 -26.10 -7.04
C ASN D 482 -0.30 -24.67 -6.59
N ALA D 483 -1.30 -24.00 -6.03
CA ALA D 483 -1.10 -22.64 -5.48
C ALA D 483 -0.10 -22.57 -4.30
N ASN D 484 0.14 -23.69 -3.63
CA ASN D 484 1.13 -23.76 -2.56
C ASN D 484 2.56 -23.76 -3.06
N ASN D 485 2.78 -24.09 -4.32
CA ASN D 485 4.12 -24.02 -4.89
C ASN D 485 4.78 -22.65 -4.68
N PRO D 486 6.08 -22.63 -4.46
CA PRO D 486 6.84 -21.40 -4.38
C PRO D 486 7.21 -20.80 -5.74
N ILE D 487 7.12 -21.60 -6.80
CA ILE D 487 7.63 -21.20 -8.13
C ILE D 487 6.51 -20.62 -8.98
N LEU D 488 5.54 -21.46 -9.28
CA LEU D 488 4.53 -21.07 -10.22
C LEU D 488 3.28 -21.26 -9.40
N GLY D 489 2.95 -20.19 -8.68
CA GLY D 489 2.08 -20.30 -7.54
C GLY D 489 0.61 -20.27 -7.84
N LEU D 490 0.15 -21.21 -8.67
CA LEU D 490 -1.21 -21.23 -9.25
C LEU D 490 -1.82 -22.62 -9.20
N ASP D 491 -3.12 -22.71 -8.94
CA ASP D 491 -3.82 -23.98 -9.16
C ASP D 491 -3.94 -24.21 -10.66
N TYR D 492 -4.25 -25.43 -11.10
CA TYR D 492 -4.32 -25.75 -12.57
C TYR D 492 -5.31 -24.86 -13.31
N ASP D 493 -6.50 -24.69 -12.74
CA ASP D 493 -7.54 -23.87 -13.36
C ASP D 493 -7.08 -22.44 -13.57
N GLU D 494 -6.41 -21.86 -12.57
CA GLU D 494 -5.85 -20.48 -12.67
C GLU D 494 -4.81 -20.38 -13.79
N PHE D 495 -3.93 -21.36 -13.91
CA PHE D 495 -2.89 -21.36 -14.94
C PHE D 495 -3.44 -21.41 -16.38
N VAL D 496 -4.48 -22.23 -16.59
CA VAL D 496 -5.09 -22.39 -17.90
C VAL D 496 -5.61 -21.03 -18.33
N ARG D 497 -6.43 -20.42 -17.49
CA ARG D 497 -6.97 -19.08 -17.79
C ARG D 497 -5.91 -18.06 -18.20
N GLY D 498 -4.76 -18.15 -17.58
CA GLY D 498 -3.67 -17.22 -17.84
C GLY D 498 -2.97 -17.47 -19.16
N CYS D 499 -3.03 -18.70 -19.64
CA CYS D 499 -2.43 -19.04 -20.92
C CYS D 499 -3.30 -18.58 -22.08
N HIS D 500 -2.71 -18.65 -23.28
CA HIS D 500 -3.35 -18.27 -24.50
C HIS D 500 -3.86 -19.45 -25.34
N LEU D 501 -3.20 -20.60 -25.28
CA LEU D 501 -3.52 -21.77 -26.17
C LEU D 501 -3.18 -23.15 -25.55
N GLY D 502 -4.19 -23.97 -25.35
CA GLY D 502 -4.00 -25.34 -24.87
C GLY D 502 -3.66 -26.19 -26.07
N VAL D 503 -2.84 -27.22 -25.91
CA VAL D 503 -2.38 -28.02 -27.07
C VAL D 503 -2.29 -29.49 -26.69
N PHE D 504 -3.25 -30.28 -27.16
CA PHE D 504 -3.49 -31.61 -26.61
C PHE D 504 -3.59 -32.58 -27.77
N PRO D 505 -2.47 -32.81 -28.44
CA PRO D 505 -2.51 -33.64 -29.63
C PRO D 505 -2.56 -35.14 -29.32
N SER D 506 -3.68 -35.60 -28.76
CA SER D 506 -3.78 -36.98 -28.26
C SER D 506 -3.94 -38.04 -29.36
N TYR D 507 -3.73 -39.30 -28.97
CA TYR D 507 -3.93 -40.47 -29.82
C TYR D 507 -4.92 -41.46 -29.25
N TYR D 508 -4.89 -41.73 -27.96
CA TYR D 508 -5.99 -42.49 -27.35
C TYR D 508 -6.62 -41.61 -26.30
N GLU D 509 -7.88 -41.25 -26.49
CA GLU D 509 -8.56 -40.25 -25.67
C GLU D 509 -10.05 -40.41 -25.96
N PRO D 510 -10.69 -41.39 -25.32
CA PRO D 510 -12.11 -41.62 -25.55
C PRO D 510 -12.98 -40.44 -25.27
N TRP D 511 -12.67 -39.65 -24.24
CA TRP D 511 -13.30 -38.33 -24.10
C TRP D 511 -12.36 -37.17 -24.39
N GLY D 512 -11.58 -36.71 -23.45
CA GLY D 512 -10.86 -35.45 -23.72
C GLY D 512 -11.33 -34.38 -22.76
N TYR D 513 -11.13 -34.70 -21.49
CA TYR D 513 -11.62 -33.90 -20.41
C TYR D 513 -10.83 -32.61 -20.42
N THR D 514 -9.58 -32.72 -20.87
CA THR D 514 -8.63 -31.61 -20.82
C THR D 514 -9.01 -30.40 -21.72
N PRO D 515 -9.11 -30.59 -23.04
CA PRO D 515 -9.54 -29.49 -23.89
C PRO D 515 -10.99 -29.08 -23.66
N ALA D 516 -11.82 -29.98 -23.15
CA ALA D 516 -13.21 -29.61 -22.83
C ALA D 516 -13.21 -28.61 -21.68
N GLU D 517 -12.37 -28.87 -20.69
CA GLU D 517 -12.20 -28.00 -19.53
C GLU D 517 -11.64 -26.67 -19.93
N CYS D 518 -10.76 -26.70 -20.92
CA CYS D 518 -10.07 -25.55 -21.46
C CYS D 518 -11.09 -24.60 -22.11
N THR D 519 -11.98 -25.18 -22.89
CA THR D 519 -12.97 -24.47 -23.64
C THR D 519 -13.97 -23.78 -22.69
N VAL D 520 -14.41 -24.52 -21.68
CA VAL D 520 -15.35 -24.00 -20.67
C VAL D 520 -14.85 -22.72 -19.99
N MET D 521 -13.53 -22.59 -19.88
CA MET D 521 -12.91 -21.40 -19.33
C MET D 521 -12.45 -20.39 -20.38
N GLY D 522 -12.95 -20.53 -21.59
CA GLY D 522 -12.66 -19.56 -22.63
C GLY D 522 -11.26 -19.57 -23.19
N VAL D 523 -10.62 -20.73 -23.18
CA VAL D 523 -9.27 -20.86 -23.66
C VAL D 523 -9.22 -21.73 -24.92
N PRO D 524 -8.71 -21.17 -26.02
CA PRO D 524 -8.55 -21.94 -27.26
C PRO D 524 -7.62 -23.15 -27.10
N SER D 525 -7.85 -24.18 -27.91
CA SER D 525 -7.24 -25.50 -27.69
C SER D 525 -7.09 -26.22 -29.00
N ILE D 526 -5.94 -26.88 -29.20
CA ILE D 526 -5.74 -27.81 -30.30
C ILE D 526 -6.01 -29.23 -29.77
N THR D 527 -6.79 -30.01 -30.51
CA THR D 527 -7.21 -31.37 -30.12
C THR D 527 -7.09 -32.22 -31.38
N THR D 528 -7.64 -33.44 -31.38
CA THR D 528 -7.53 -34.32 -32.55
C THR D 528 -8.85 -34.99 -32.92
N ASN D 529 -9.01 -35.35 -34.22
CA ASN D 529 -10.20 -36.10 -34.72
C ASN D 529 -10.30 -37.53 -34.16
N VAL D 530 -9.27 -37.94 -33.45
CA VAL D 530 -9.16 -39.23 -32.77
C VAL D 530 -9.46 -39.10 -31.26
N SER D 531 -9.35 -37.89 -30.71
CA SER D 531 -9.83 -37.59 -29.37
C SER D 531 -11.34 -37.46 -29.40
N GLY D 532 -11.99 -38.03 -28.39
CA GLY D 532 -13.44 -37.93 -28.22
C GLY D 532 -14.03 -36.53 -28.23
N PHE D 533 -13.25 -35.56 -27.79
CA PHE D 533 -13.67 -34.17 -27.77
C PHE D 533 -13.61 -33.62 -29.19
N GLY D 534 -12.54 -33.91 -29.94
CA GLY D 534 -12.49 -33.47 -31.33
C GLY D 534 -13.52 -34.15 -32.22
N SER D 535 -13.74 -35.45 -31.99
CA SER D 535 -14.80 -36.19 -32.69
C SER D 535 -16.14 -35.46 -32.54
N TYR D 536 -16.49 -35.16 -31.29
CA TYR D 536 -17.70 -34.41 -30.96
C TYR D 536 -17.78 -33.03 -31.61
N MET D 537 -16.69 -32.26 -31.59
CA MET D 537 -16.72 -30.90 -32.12
C MET D 537 -16.67 -30.80 -33.66
N GLU D 538 -16.20 -31.85 -34.36
CA GLU D 538 -16.38 -31.96 -35.83
C GLU D 538 -17.83 -32.12 -36.21
N ASP D 539 -18.54 -33.00 -35.48
CA ASP D 539 -19.96 -33.30 -35.71
C ASP D 539 -20.90 -32.18 -35.28
N LEU D 540 -20.38 -31.11 -34.67
CA LEU D 540 -21.20 -29.94 -34.32
C LEU D 540 -20.83 -28.65 -35.02
N ILE D 541 -19.63 -28.59 -35.62
CA ILE D 541 -19.14 -27.38 -36.32
C ILE D 541 -18.14 -27.84 -37.36
N GLU D 542 -18.18 -27.31 -38.58
CA GLU D 542 -17.22 -27.81 -39.60
C GLU D 542 -15.81 -27.31 -39.30
N THR D 543 -14.83 -28.18 -39.51
CA THR D 543 -13.46 -28.06 -38.99
C THR D 543 -12.76 -26.70 -39.26
N ASN D 544 -13.08 -26.07 -40.39
CA ASN D 544 -12.50 -24.77 -40.72
C ASN D 544 -13.21 -23.60 -39.98
N GLN D 545 -14.54 -23.66 -39.93
CA GLN D 545 -15.37 -22.71 -39.16
C GLN D 545 -14.99 -22.67 -37.65
N ALA D 546 -14.72 -23.85 -37.08
CA ALA D 546 -14.42 -24.02 -35.66
C ALA D 546 -13.05 -23.46 -35.20
N LYS D 547 -12.14 -23.18 -36.13
CA LYS D 547 -10.93 -22.42 -35.77
C LYS D 547 -11.26 -21.01 -35.25
N ASP D 548 -12.31 -20.40 -35.79
CA ASP D 548 -12.78 -19.07 -35.33
C ASP D 548 -13.41 -19.13 -33.95
N TYR D 549 -14.01 -20.27 -33.60
CA TYR D 549 -14.49 -20.57 -32.23
C TYR D 549 -13.38 -21.08 -31.27
N GLY D 550 -12.12 -20.99 -31.70
CA GLY D 550 -10.95 -21.48 -30.96
C GLY D 550 -10.82 -22.99 -30.75
N ILE D 551 -11.43 -23.79 -31.63
CA ILE D 551 -11.30 -25.26 -31.62
C ILE D 551 -10.54 -25.74 -32.85
N TYR D 552 -9.24 -25.94 -32.69
CA TYR D 552 -8.40 -26.45 -33.75
C TYR D 552 -8.40 -27.97 -33.66
N ILE D 553 -8.71 -28.67 -34.74
CA ILE D 553 -8.70 -30.15 -34.73
C ILE D 553 -7.67 -30.69 -35.72
N VAL D 554 -6.70 -31.45 -35.22
CA VAL D 554 -5.64 -32.07 -36.03
C VAL D 554 -6.13 -33.43 -36.48
N ASP D 555 -5.82 -33.78 -37.72
CA ASP D 555 -6.16 -35.09 -38.26
C ASP D 555 -5.08 -36.12 -37.90
N ARG D 556 -5.42 -37.08 -37.05
CA ARG D 556 -4.50 -38.16 -36.65
C ARG D 556 -4.99 -39.55 -37.12
N ARG D 557 -5.77 -39.53 -38.21
CA ARG D 557 -6.64 -40.64 -38.60
C ARG D 557 -6.50 -40.97 -40.11
N PHE D 558 -6.64 -39.96 -40.97
CA PHE D 558 -6.43 -40.05 -42.41
C PHE D 558 -5.19 -39.24 -42.84
N LYS D 559 -4.14 -39.32 -42.05
CA LYS D 559 -2.94 -38.56 -42.37
C LYS D 559 -1.73 -39.22 -41.75
N ALA D 560 -0.61 -39.13 -42.47
CA ALA D 560 0.66 -39.63 -41.97
C ALA D 560 1.07 -38.81 -40.76
N PRO D 561 1.68 -39.46 -39.76
CA PRO D 561 2.17 -38.74 -38.60
C PRO D 561 2.90 -37.44 -38.95
N ASP D 562 3.72 -37.45 -39.99
CA ASP D 562 4.48 -36.28 -40.34
C ASP D 562 3.61 -35.12 -40.81
N GLU D 563 2.53 -35.43 -41.51
CA GLU D 563 1.62 -34.39 -41.98
C GLU D 563 0.76 -33.85 -40.84
N SER D 564 0.29 -34.74 -39.95
CA SER D 564 -0.30 -34.31 -38.68
C SER D 564 0.58 -33.31 -37.94
N VAL D 565 1.89 -33.53 -37.91
CA VAL D 565 2.80 -32.59 -37.27
C VAL D 565 2.75 -31.25 -37.96
N GLU D 566 2.87 -31.27 -39.28
CA GLU D 566 2.80 -30.06 -40.08
C GLU D 566 1.45 -29.36 -39.96
N GLN D 567 0.38 -30.13 -39.80
CA GLN D 567 -0.91 -29.52 -39.56
C GLN D 567 -0.94 -28.82 -38.21
N LEU D 568 -0.36 -29.48 -37.21
CA LEU D 568 -0.26 -28.90 -35.88
C LEU D 568 0.52 -27.60 -35.96
N VAL D 569 1.65 -27.62 -36.68
CA VAL D 569 2.47 -26.43 -36.74
C VAL D 569 1.70 -25.28 -37.34
N ASP D 570 0.96 -25.55 -38.42
CA ASP D 570 0.19 -24.54 -39.16
C ASP D 570 -0.78 -23.86 -38.23
N TYR D 571 -1.51 -24.65 -37.47
CA TYR D 571 -2.44 -24.11 -36.49
C TYR D 571 -1.80 -23.17 -35.47
N MET D 572 -0.65 -23.54 -34.94
CA MET D 572 0.06 -22.67 -34.00
C MET D 572 0.47 -21.39 -34.70
N GLU D 573 0.95 -21.51 -35.95
CA GLU D 573 1.47 -20.37 -36.68
C GLU D 573 0.32 -19.42 -37.00
N GLU D 574 -0.81 -20.01 -37.36
CA GLU D 574 -2.06 -19.29 -37.54
C GLU D 574 -2.35 -18.42 -36.30
N PHE D 575 -2.34 -19.08 -35.14
CA PHE D 575 -2.64 -18.41 -33.87
C PHE D 575 -1.65 -17.32 -33.46
N VAL D 576 -0.36 -17.57 -33.64
CA VAL D 576 0.66 -16.57 -33.29
C VAL D 576 0.41 -15.22 -34.01
N LYS D 577 -0.03 -15.32 -35.27
CA LYS D 577 -0.22 -14.16 -36.15
C LYS D 577 -1.42 -13.29 -35.75
N LYS D 578 -2.36 -13.86 -35.02
CA LYS D 578 -3.46 -13.06 -34.53
C LYS D 578 -2.98 -11.79 -33.82
N THR D 579 -3.78 -10.73 -33.93
CA THR D 579 -3.66 -9.54 -33.08
C THR D 579 -4.28 -9.81 -31.70
N ARG D 580 -4.08 -8.89 -30.77
CA ARG D 580 -4.75 -8.98 -29.46
C ARG D 580 -6.30 -8.90 -29.56
N ARG D 581 -6.82 -8.00 -30.41
CA ARG D 581 -8.28 -7.94 -30.62
C ARG D 581 -8.80 -9.30 -31.06
N GLN D 582 -8.11 -9.89 -32.03
CA GLN D 582 -8.53 -11.18 -32.60
C GLN D 582 -8.52 -12.31 -31.56
N ARG D 583 -7.51 -12.27 -30.67
CA ARG D 583 -7.40 -13.21 -29.55
C ARG D 583 -8.54 -13.06 -28.54
N ILE D 584 -8.80 -11.80 -28.14
CA ILE D 584 -9.92 -11.42 -27.27
C ILE D 584 -11.27 -11.93 -27.80
N ASN D 585 -11.55 -11.71 -29.09
CA ASN D 585 -12.83 -12.16 -29.69
C ASN D 585 -12.87 -13.66 -29.80
N GLN D 586 -11.81 -14.27 -30.32
CA GLN D 586 -11.75 -15.73 -30.39
C GLN D 586 -12.03 -16.36 -29.02
N ARG D 587 -11.54 -15.72 -27.95
CA ARG D 587 -11.83 -16.19 -26.62
C ARG D 587 -13.29 -16.00 -26.27
N ASN D 588 -13.88 -14.85 -26.60
CA ASN D 588 -15.33 -14.69 -26.36
C ASN D 588 -16.10 -15.79 -27.10
N ARG D 589 -15.64 -16.13 -28.32
CA ARG D 589 -16.20 -17.25 -29.04
C ARG D 589 -16.05 -18.57 -28.29
N THR D 590 -14.83 -18.94 -27.90
CA THR D 590 -14.65 -20.22 -27.23
C THR D 590 -15.56 -20.31 -26.00
N GLU D 591 -15.67 -19.21 -25.26
CA GLU D 591 -16.44 -19.19 -24.03
C GLU D 591 -17.92 -19.39 -24.32
N ARG D 592 -18.43 -18.78 -25.40
CA ARG D 592 -19.79 -19.03 -25.86
C ARG D 592 -20.07 -20.54 -26.03
N LEU D 593 -19.14 -21.30 -26.60
CA LEU D 593 -19.31 -22.76 -26.69
C LEU D 593 -19.56 -23.53 -25.40
N SER D 594 -19.30 -22.94 -24.24
CA SER D 594 -19.41 -23.70 -22.98
C SER D 594 -20.83 -24.23 -22.68
N ASP D 595 -21.87 -23.60 -23.21
CA ASP D 595 -23.23 -24.17 -23.05
C ASP D 595 -23.44 -25.50 -23.74
N LEU D 596 -22.66 -25.77 -24.80
CA LEU D 596 -22.66 -27.08 -25.47
C LEU D 596 -21.95 -28.18 -24.69
N LEU D 597 -21.02 -27.79 -23.82
CA LEU D 597 -20.31 -28.72 -22.95
C LEU D 597 -20.95 -28.80 -21.56
N ASP D 598 -21.99 -28.02 -21.28
CA ASP D 598 -22.66 -28.01 -19.95
C ASP D 598 -23.55 -29.25 -19.79
N TRP D 599 -23.72 -29.73 -18.56
CA TRP D 599 -24.72 -30.79 -18.31
C TRP D 599 -26.17 -30.33 -18.63
N LYS D 600 -26.43 -29.02 -18.56
CA LYS D 600 -27.71 -28.47 -18.97
C LYS D 600 -28.03 -28.64 -20.45
N ARG D 601 -27.05 -29.08 -21.25
CA ARG D 601 -27.33 -29.59 -22.58
C ARG D 601 -26.93 -31.06 -22.74
N MET D 602 -25.74 -31.45 -22.26
CA MET D 602 -25.24 -32.82 -22.46
C MET D 602 -26.09 -33.89 -21.77
N GLY D 603 -26.77 -33.49 -20.68
CA GLY D 603 -27.63 -34.37 -19.89
C GLY D 603 -28.97 -34.74 -20.53
N LEU D 604 -29.34 -34.03 -21.61
CA LEU D 604 -30.49 -34.38 -22.45
C LEU D 604 -30.24 -35.64 -23.27
N GLU D 605 -28.98 -35.99 -23.49
CA GLU D 605 -28.62 -37.26 -24.13
C GLU D 605 -28.78 -38.43 -23.17
N TYR D 606 -28.52 -38.22 -21.88
CA TYR D 606 -28.83 -39.22 -20.85
C TYR D 606 -30.35 -39.45 -20.75
N VAL D 607 -31.14 -38.38 -20.92
CA VAL D 607 -32.60 -38.49 -21.03
C VAL D 607 -32.96 -39.41 -22.19
N LYS D 608 -32.48 -39.09 -23.38
CA LYS D 608 -32.67 -39.93 -24.58
C LYS D 608 -32.21 -41.39 -24.44
N ALA D 609 -31.12 -41.63 -23.71
CA ALA D 609 -30.69 -42.99 -23.45
C ALA D 609 -31.73 -43.70 -22.57
N ARG D 610 -32.25 -43.01 -21.56
CA ARG D 610 -33.32 -43.57 -20.70
C ARG D 610 -34.72 -43.71 -21.34
N GLN D 611 -35.10 -42.80 -22.24
CA GLN D 611 -36.33 -42.96 -23.03
C GLN D 611 -36.24 -44.20 -23.94
N LEU D 612 -35.09 -44.40 -24.58
CA LEU D 612 -34.86 -45.55 -25.47
C LEU D 612 -34.77 -46.88 -24.72
N ALA D 613 -34.43 -46.86 -23.43
CA ALA D 613 -34.41 -48.06 -22.60
C ALA D 613 -35.83 -48.50 -22.23
N LEU D 614 -36.71 -47.52 -21.99
CA LEU D 614 -38.14 -47.77 -21.67
C LEU D 614 -38.99 -48.12 -22.91
N ARG D 615 -38.69 -47.48 -24.05
CA ARG D 615 -39.28 -47.82 -25.36
C ARG D 615 -38.99 -49.29 -25.74
N ARG D 616 -37.74 -49.72 -25.64
CA ARG D 616 -37.33 -51.09 -26.01
C ARG D 616 -37.83 -52.17 -25.05
N GLY D 617 -37.89 -51.85 -23.76
CA GLY D 617 -38.29 -52.82 -22.72
C GLY D 617 -39.78 -53.05 -22.58
N TYR D 618 -40.57 -52.01 -22.83
CA TYR D 618 -42.02 -52.04 -22.72
C TYR D 618 -42.70 -51.40 -23.95
N PRO D 619 -42.53 -51.99 -25.16
CA PRO D 619 -43.00 -51.31 -26.40
C PRO D 619 -44.46 -50.82 -26.39
N ASP D 620 -45.36 -51.57 -25.75
CA ASP D 620 -46.79 -51.26 -25.75
C ASP D 620 -47.15 -49.97 -24.99
N GLN D 621 -46.68 -49.85 -23.75
CA GLN D 621 -47.01 -48.67 -22.90
C GLN D 621 -46.48 -47.32 -23.42
N PHE D 622 -45.47 -47.34 -24.30
CA PHE D 622 -44.88 -46.11 -24.87
C PHE D 622 -45.77 -45.57 -25.99
N ARG D 623 -46.11 -46.44 -26.95
CA ARG D 623 -47.11 -46.14 -27.98
C ARG D 623 -48.43 -45.65 -27.37
N GLU D 624 -48.85 -46.28 -26.26
CA GLU D 624 -50.06 -45.92 -25.49
C GLU D 624 -50.01 -44.49 -24.93
N LEU D 625 -49.02 -44.24 -24.06
CA LEU D 625 -48.93 -42.96 -23.36
C LEU D 625 -48.32 -41.80 -24.19
N VAL D 626 -47.83 -42.06 -25.41
CA VAL D 626 -47.33 -40.99 -26.33
C VAL D 626 -48.28 -40.73 -27.51
N GLY D 627 -48.34 -41.65 -28.48
CA GLY D 627 -49.11 -41.46 -29.71
C GLY D 627 -48.30 -40.70 -30.77
#